data_6U9V
#
_entry.id   6U9V
#
_cell.length_a   1.00
_cell.length_b   1.00
_cell.length_c   1.00
_cell.angle_alpha   90.00
_cell.angle_beta   90.00
_cell.angle_gamma   90.00
#
_symmetry.space_group_name_H-M   'P 1'
#
loop_
_entity.id
_entity.type
_entity.pdbx_description
1 polymer 'P2X purinoceptor 7'
2 branched 2-acetamido-2-deoxy-beta-D-glucopyranose-(1-4)-2-acetamido-2-deoxy-beta-D-glucopyranose
3 branched alpha-D-glucopyranose-(1-4)-alpha-D-glucopyranose
4 non-polymer "GUANOSINE-5'-DIPHOSPHATE"
5 non-polymer 'ZINC ION'
6 non-polymer 2-acetamido-2-deoxy-beta-D-glucopyranose
7 non-polymer O-[(R)-[(2S)-2-(hexadecanoyloxy)-3-(octadecanoyloxy)propoxy](hydroxy)phosphoryl]-D-serine
8 non-polymer 'PALMITIC ACID'
#
_entity_poly.entity_id   1
_entity_poly.type   'polypeptide(L)'
_entity_poly.pdbx_seq_one_letter_code
;MPACCSWNDVFQYETNKVTRIQSVNYGTIKWILHMTVFSYVSFALMSDKLYQRKEPLISSVHTKVKGVAEVTENVTEGGV
TKLVHGIFDTADYTLPLQGNSFFVMTNYLKSEGQEQKLCPEYPSRGKQCHSDQGCIKGWMDPQSKGIQTGRCIPYDQKRK
TCEIFAWCPAEEGKEAPRPALLRSAENFTVLIKNNIDFPGHNYTTRNILPGMNISCTFHKTWNPQCPIFRLGDIFQEIGE
NFTEVAVQGGIMGIEIYWDCNLDSWSHRCQPKYSFRRLDDKYTNESLFPGYNFRYAKYYKENGMEKRTLIKAFGVRFDIL
VFGTGGKFDIIQLVVYIGSTLSYFGLATVCIDLIINTYASTCCRSRVYPSCKCCEPCAVNEYYYRKKCEPIVEPKPTLKY
VSFVDEPHIWMVDQQLLGKSLQDVKGQEVPRPQTDFLELSRLSLSLHHSPPIPGQPEEMQLLQIEAVPRSRDSPDWCQCG
NCLPSQLPENRRALEELCCRRKPGQCITTSELFSKIVLSREALQLLLLYQEPLLALEGEAINSKLRHCAYRSYATWRFVS
QDMADFAILPSCCRWKIRKEFPKTQGQYSGFKYPYSNSAVDAGLEVLFQ
;
_entity_poly.pdbx_strand_id   A,B,C
#
loop_
_chem_comp.id
_chem_comp.type
_chem_comp.name
_chem_comp.formula
GDP RNA linking GUANOSINE-5'-DIPHOSPHATE 'C10 H15 N5 O11 P2'
GLC D-saccharide, alpha linking alpha-D-glucopyranose 'C6 H12 O6'
NAG D-saccharide, beta linking 2-acetamido-2-deoxy-beta-D-glucopyranose 'C8 H15 N O6'
PLM non-polymer 'PALMITIC ACID' 'C16 H32 O2'
Q3G non-polymer O-[(R)-[(2S)-2-(hexadecanoyloxy)-3-(octadecanoyloxy)propoxy](hydroxy)phosphoryl]-D-serine 'C40 H78 N O10 P'
ZN non-polymer 'ZINC ION' 'Zn 2'
#
# COMPACT_ATOMS: atom_id res chain seq x y z
N CYS A 4 34.41 17.57 -5.39
CA CYS A 4 33.30 16.67 -5.09
C CYS A 4 32.16 16.84 -6.08
N CYS A 5 31.45 17.97 -5.96
CA CYS A 5 30.31 18.26 -6.82
C CYS A 5 30.76 19.16 -7.97
N SER A 6 30.45 18.74 -9.20
CA SER A 6 30.73 19.50 -10.40
C SER A 6 29.44 19.64 -11.21
N TRP A 7 29.42 20.65 -12.08
CA TRP A 7 28.22 20.89 -12.88
C TRP A 7 28.00 19.76 -13.89
N ASN A 8 29.08 19.12 -14.35
CA ASN A 8 28.94 17.95 -15.21
C ASN A 8 28.47 16.73 -14.44
N ASP A 9 28.75 16.65 -13.14
CA ASP A 9 28.31 15.52 -12.33
C ASP A 9 26.80 15.48 -12.18
N VAL A 10 26.12 16.61 -12.31
CA VAL A 10 24.66 16.64 -12.17
C VAL A 10 23.99 15.98 -13.36
N PHE A 11 24.55 16.15 -14.56
CA PHE A 11 23.97 15.63 -15.79
C PHE A 11 24.42 14.22 -16.11
N GLN A 12 24.92 13.48 -15.12
CA GLN A 12 25.31 12.09 -15.33
C GLN A 12 24.11 11.17 -15.18
N TYR A 13 24.14 10.06 -15.92
CA TYR A 13 23.09 9.05 -15.87
C TYR A 13 23.72 7.69 -16.13
N GLU A 14 23.26 6.69 -15.38
CA GLU A 14 23.86 5.36 -15.37
C GLU A 14 22.86 4.35 -15.92
N THR A 15 23.22 3.69 -17.02
CA THR A 15 22.46 2.58 -17.56
C THR A 15 23.06 1.26 -17.07
N ASN A 16 22.19 0.37 -16.62
CA ASN A 16 22.63 -0.94 -16.15
C ASN A 16 23.07 -1.79 -17.34
N LYS A 17 24.30 -2.30 -17.29
CA LYS A 17 24.77 -3.19 -18.33
C LYS A 17 23.99 -4.49 -18.31
N VAL A 18 23.62 -4.97 -19.50
CA VAL A 18 22.84 -6.19 -19.65
C VAL A 18 23.37 -6.98 -20.82
N THR A 19 23.00 -8.26 -20.87
CA THR A 19 23.27 -9.14 -21.99
C THR A 19 21.96 -9.79 -22.41
N ARG A 20 21.64 -9.69 -23.70
CA ARG A 20 20.36 -10.15 -24.23
C ARG A 20 20.49 -11.63 -24.58
N ILE A 21 19.81 -12.48 -23.81
CA ILE A 21 19.87 -13.92 -24.00
C ILE A 21 18.76 -14.31 -24.98
N GLN A 22 19.15 -14.92 -26.10
CA GLN A 22 18.21 -15.39 -27.11
C GLN A 22 17.89 -16.85 -26.82
N SER A 23 16.80 -17.09 -26.09
CA SER A 23 16.38 -18.44 -25.75
C SER A 23 14.87 -18.45 -25.57
N VAL A 24 14.23 -19.55 -26.00
CA VAL A 24 12.78 -19.64 -25.95
C VAL A 24 12.30 -19.93 -24.53
N ASN A 25 13.08 -20.70 -23.76
CA ASN A 25 12.66 -21.06 -22.41
C ASN A 25 12.58 -19.84 -21.51
N TYR A 26 13.66 -19.06 -21.44
CA TYR A 26 13.70 -17.90 -20.57
C TYR A 26 12.64 -16.88 -20.99
N GLY A 27 12.53 -16.60 -22.29
CA GLY A 27 11.52 -15.66 -22.75
C GLY A 27 10.11 -16.12 -22.44
N THR A 28 9.84 -17.41 -22.63
CA THR A 28 8.50 -17.93 -22.37
C THR A 28 8.15 -17.83 -20.89
N ILE A 29 9.05 -18.26 -20.01
CA ILE A 29 8.73 -18.20 -18.59
C ILE A 29 8.64 -16.74 -18.12
N LYS A 30 9.48 -15.86 -18.68
CA LYS A 30 9.39 -14.44 -18.37
C LYS A 30 8.01 -13.88 -18.73
N TRP A 31 7.56 -14.14 -19.97
CA TRP A 31 6.32 -13.56 -20.43
C TRP A 31 5.12 -14.15 -19.69
N ILE A 32 5.12 -15.47 -19.44
CA ILE A 32 3.97 -16.04 -18.76
C ILE A 32 3.94 -15.61 -17.29
N LEU A 33 5.09 -15.43 -16.66
CA LEU A 33 5.10 -14.92 -15.29
C LEU A 33 4.60 -13.49 -15.23
N HIS A 34 5.06 -12.65 -16.17
CA HIS A 34 4.57 -11.27 -16.23
C HIS A 34 3.06 -11.23 -16.48
N MET A 35 2.57 -12.08 -17.39
CA MET A 35 1.13 -12.12 -17.66
C MET A 35 0.35 -12.60 -16.45
N THR A 36 0.88 -13.58 -15.70
CA THR A 36 0.16 -14.09 -14.54
C THR A 36 0.08 -13.03 -13.44
N VAL A 37 1.20 -12.35 -13.16
CA VAL A 37 1.16 -11.34 -12.11
C VAL A 37 0.31 -10.15 -12.55
N PHE A 38 0.35 -9.78 -13.83
CA PHE A 38 -0.52 -8.70 -14.31
C PHE A 38 -1.98 -9.09 -14.20
N SER A 39 -2.31 -10.34 -14.53
CA SER A 39 -3.69 -10.80 -14.44
C SER A 39 -4.17 -10.80 -13.01
N TYR A 40 -3.34 -11.27 -12.08
CA TYR A 40 -3.73 -11.25 -10.67
C TYR A 40 -3.90 -9.83 -10.16
N VAL A 41 -3.01 -8.92 -10.57
CA VAL A 41 -3.11 -7.53 -10.15
C VAL A 41 -4.40 -6.91 -10.65
N SER A 42 -4.71 -7.10 -11.94
CA SER A 42 -5.93 -6.54 -12.50
C SER A 42 -7.17 -7.18 -11.88
N PHE A 43 -7.10 -8.48 -11.57
CA PHE A 43 -8.23 -9.16 -10.95
C PHE A 43 -8.51 -8.60 -9.57
N ALA A 44 -7.47 -8.44 -8.75
CA ALA A 44 -7.65 -7.83 -7.44
C ALA A 44 -8.16 -6.40 -7.56
N LEU A 45 -7.64 -5.65 -8.53
CA LEU A 45 -8.06 -4.28 -8.74
C LEU A 45 -9.55 -4.19 -9.04
N MET A 46 -10.03 -5.02 -9.97
CA MET A 46 -11.42 -4.97 -10.40
C MET A 46 -12.37 -5.71 -9.46
N SER A 47 -11.84 -6.57 -8.58
CA SER A 47 -12.69 -7.28 -7.63
C SER A 47 -12.86 -6.48 -6.34
N ASP A 48 -11.74 -6.17 -5.67
CA ASP A 48 -11.80 -5.40 -4.44
C ASP A 48 -12.01 -3.90 -4.68
N LYS A 49 -11.92 -3.46 -5.94
CA LYS A 49 -12.13 -2.05 -6.29
C LYS A 49 -11.16 -1.15 -5.51
N LEU A 50 -9.90 -1.59 -5.46
CA LEU A 50 -8.87 -0.87 -4.74
C LEU A 50 -8.54 0.48 -5.38
N TYR A 51 -8.92 0.69 -6.64
CA TYR A 51 -8.81 2.00 -7.26
C TYR A 51 -9.81 3.01 -6.70
N GLN A 52 -10.77 2.56 -5.89
CA GLN A 52 -11.80 3.43 -5.32
C GLN A 52 -11.47 3.74 -3.88
N ARG A 53 -11.57 5.02 -3.52
CA ARG A 53 -11.64 5.41 -2.11
C ARG A 53 -13.02 5.06 -1.59
N LYS A 54 -13.06 4.31 -0.50
CA LYS A 54 -14.31 3.91 0.14
C LYS A 54 -14.68 4.92 1.23
N GLU A 55 -15.96 4.94 1.57
CA GLU A 55 -16.47 5.79 2.64
C GLU A 55 -17.69 5.13 3.28
N PRO A 56 -17.81 5.16 4.61
CA PRO A 56 -19.03 4.63 5.23
C PRO A 56 -20.18 5.63 5.16
N LEU A 57 -21.37 5.09 4.94
CA LEU A 57 -22.56 5.91 4.78
C LEU A 57 -23.01 6.49 6.12
N ILE A 58 -23.89 7.48 6.04
CA ILE A 58 -24.66 7.95 7.19
C ILE A 58 -26.13 7.78 6.84
N SER A 59 -26.89 7.18 7.74
CA SER A 59 -28.22 6.67 7.46
C SER A 59 -29.26 7.33 8.35
N SER A 60 -30.48 7.41 7.83
CA SER A 60 -31.66 7.79 8.59
C SER A 60 -32.81 6.88 8.19
N VAL A 61 -33.58 6.45 9.19
CA VAL A 61 -34.63 5.45 9.00
C VAL A 61 -35.95 6.03 9.51
N HIS A 62 -37.02 5.74 8.78
CA HIS A 62 -38.38 6.12 9.18
C HIS A 62 -39.26 4.87 9.04
N THR A 63 -39.81 4.42 10.17
CA THR A 63 -40.60 3.20 10.23
C THR A 63 -42.08 3.55 10.33
N LYS A 64 -42.92 2.75 9.67
CA LYS A 64 -44.36 2.88 9.75
C LYS A 64 -44.99 1.50 9.81
N VAL A 65 -45.55 1.16 10.97
CA VAL A 65 -46.18 -0.14 11.20
C VAL A 65 -47.69 0.04 11.06
N LYS A 66 -48.27 -0.65 10.07
CA LYS A 66 -49.70 -0.62 9.81
C LYS A 66 -50.26 -2.02 10.01
N GLY A 67 -51.38 -2.09 10.70
CA GLY A 67 -52.02 -3.37 11.03
C GLY A 67 -52.64 -3.27 12.41
N VAL A 68 -53.75 -3.98 12.59
CA VAL A 68 -54.50 -3.97 13.84
C VAL A 68 -54.84 -5.41 14.21
N ALA A 69 -55.20 -5.60 15.49
CA ALA A 69 -55.44 -6.94 16.02
C ALA A 69 -56.59 -6.90 17.01
N GLU A 70 -57.59 -7.74 16.77
CA GLU A 70 -58.69 -7.93 17.71
C GLU A 70 -58.28 -8.95 18.77
N VAL A 71 -58.70 -8.72 20.01
CA VAL A 71 -58.38 -9.62 21.11
C VAL A 71 -59.45 -9.47 22.18
N THR A 72 -59.92 -10.60 22.71
CA THR A 72 -60.93 -10.64 23.75
C THR A 72 -60.27 -10.98 25.09
N GLU A 73 -60.51 -10.16 26.10
CA GLU A 73 -59.95 -10.40 27.41
C GLU A 73 -60.53 -11.68 28.02
N ASN A 74 -59.85 -12.19 29.04
CA ASN A 74 -60.29 -13.40 29.70
C ASN A 74 -61.60 -13.17 30.44
N VAL A 75 -62.55 -14.09 30.24
CA VAL A 75 -63.85 -13.99 30.87
C VAL A 75 -63.73 -14.27 32.36
N THR A 81 -63.90 -11.80 35.33
CA THR A 81 -65.27 -12.25 35.26
C THR A 81 -65.93 -11.81 33.97
N LYS A 82 -66.19 -10.51 33.85
CA LYS A 82 -66.81 -9.97 32.65
C LYS A 82 -65.86 -10.05 31.47
N LEU A 83 -66.43 -10.30 30.29
CA LEU A 83 -65.67 -10.42 29.06
C LEU A 83 -65.54 -9.06 28.38
N VAL A 84 -64.45 -8.89 27.64
CA VAL A 84 -64.16 -7.67 26.90
C VAL A 84 -63.80 -8.04 25.48
N HIS A 85 -64.06 -7.12 24.55
CA HIS A 85 -63.73 -7.28 23.13
C HIS A 85 -62.99 -6.03 22.70
N GLY A 86 -61.66 -6.11 22.64
CA GLY A 86 -60.84 -4.94 22.38
C GLY A 86 -60.12 -5.06 21.05
N ILE A 87 -59.68 -3.89 20.57
CA ILE A 87 -58.92 -3.76 19.33
C ILE A 87 -57.63 -3.02 19.64
N PHE A 88 -56.54 -3.44 19.02
CA PHE A 88 -55.21 -2.84 19.21
C PHE A 88 -54.73 -2.32 17.87
N ASP A 89 -54.37 -1.04 17.83
CA ASP A 89 -53.87 -0.36 16.64
C ASP A 89 -52.48 0.19 16.92
N THR A 90 -51.89 0.85 15.93
CA THR A 90 -50.51 1.33 16.04
C THR A 90 -50.37 2.39 17.13
N ALA A 91 -51.48 3.01 17.54
CA ALA A 91 -51.41 4.03 18.58
C ALA A 91 -50.94 3.46 19.91
N ASP A 92 -51.24 2.19 20.18
CA ASP A 92 -51.00 1.58 21.48
C ASP A 92 -49.72 0.75 21.53
N TYR A 93 -49.57 -0.24 20.64
CA TYR A 93 -48.40 -1.12 20.74
C TYR A 93 -47.16 -0.45 20.19
N THR A 94 -47.31 0.39 19.18
CA THR A 94 -46.16 1.11 18.63
C THR A 94 -45.76 2.25 19.56
N LEU A 95 -44.47 2.50 19.61
CA LEU A 95 -43.88 3.49 20.50
C LEU A 95 -43.66 4.82 19.77
N PRO A 96 -43.42 5.91 20.50
CA PRO A 96 -43.26 7.20 19.81
C PRO A 96 -41.93 7.36 19.09
N LEU A 97 -41.02 6.38 19.19
CA LEU A 97 -39.72 6.49 18.55
C LEU A 97 -39.86 6.62 17.04
N GLN A 98 -40.37 5.59 16.39
CA GLN A 98 -40.70 5.59 14.96
C GLN A 98 -39.50 5.85 14.06
N GLY A 99 -38.28 5.64 14.55
CA GLY A 99 -37.10 5.83 13.73
C GLY A 99 -35.92 5.00 14.19
N ASN A 100 -35.38 4.18 13.28
CA ASN A 100 -34.24 3.29 13.48
C ASN A 100 -34.57 2.07 14.34
N SER A 101 -35.79 1.97 14.87
CA SER A 101 -36.19 0.86 15.71
C SER A 101 -37.68 0.99 16.03
N PHE A 102 -38.37 -0.14 16.20
CA PHE A 102 -39.79 -0.10 16.54
C PHE A 102 -40.14 -1.38 17.28
N PHE A 103 -41.21 -1.30 18.07
CA PHE A 103 -41.67 -2.38 18.92
C PHE A 103 -43.04 -2.84 18.45
N VAL A 104 -43.23 -4.15 18.38
CA VAL A 104 -44.48 -4.78 18.02
C VAL A 104 -44.89 -5.70 19.15
N MET A 105 -45.93 -5.31 19.89
CA MET A 105 -46.38 -6.10 21.03
C MET A 105 -47.00 -7.41 20.56
N THR A 106 -46.68 -8.49 21.27
CA THR A 106 -47.21 -9.82 20.95
C THR A 106 -47.69 -10.57 22.20
N ASN A 107 -47.72 -9.91 23.35
CA ASN A 107 -48.30 -10.49 24.57
C ASN A 107 -48.35 -9.40 25.61
N TYR A 108 -49.30 -9.50 26.54
CA TYR A 108 -49.48 -8.47 27.53
C TYR A 108 -50.16 -9.04 28.76
N LEU A 109 -49.68 -8.59 29.93
CA LEU A 109 -50.35 -8.80 31.21
C LEU A 109 -50.69 -7.42 31.76
N LYS A 110 -51.75 -7.35 32.56
CA LYS A 110 -52.25 -6.08 33.07
C LYS A 110 -52.71 -6.22 34.52
N SER A 111 -52.48 -5.18 35.30
CA SER A 111 -52.97 -5.07 36.68
C SER A 111 -53.55 -3.68 36.86
N GLU A 112 -54.83 -3.64 37.24
CA GLU A 112 -55.59 -2.39 37.30
C GLU A 112 -55.42 -1.68 38.62
N GLY A 113 -55.63 -2.39 39.73
CA GLY A 113 -55.57 -1.79 41.05
C GLY A 113 -54.18 -1.73 41.64
N GLN A 114 -53.19 -1.35 40.83
CA GLN A 114 -51.83 -1.21 41.33
C GLN A 114 -51.72 -0.03 42.27
N GLU A 115 -51.40 -0.32 43.54
CA GLU A 115 -51.30 0.71 44.56
C GLU A 115 -50.34 0.23 45.64
N GLN A 116 -49.87 1.18 46.45
CA GLN A 116 -48.83 0.91 47.43
C GLN A 116 -49.45 0.43 48.74
N LYS A 117 -49.02 -0.73 49.20
CA LYS A 117 -49.45 -1.28 50.48
C LYS A 117 -48.54 -2.46 50.80
N LEU A 118 -48.83 -3.12 51.94
CA LEU A 118 -47.96 -4.15 52.50
C LEU A 118 -48.46 -5.56 52.18
N CYS A 119 -49.04 -5.79 51.01
CA CYS A 119 -49.53 -7.11 50.65
C CYS A 119 -48.35 -7.98 50.17
N PRO A 120 -48.55 -9.30 50.06
CA PRO A 120 -47.44 -10.16 49.63
C PRO A 120 -47.18 -10.11 48.12
N GLU A 121 -46.30 -10.98 47.65
CA GLU A 121 -45.94 -11.06 46.23
C GLU A 121 -46.49 -12.35 45.61
N TYR A 122 -46.44 -12.41 44.29
CA TYR A 122 -46.88 -13.59 43.58
C TYR A 122 -45.88 -14.73 43.80
N PRO A 123 -46.36 -15.96 44.05
CA PRO A 123 -45.40 -17.06 44.25
C PRO A 123 -44.93 -17.63 42.92
N SER A 124 -43.64 -17.48 42.64
CA SER A 124 -43.05 -18.02 41.43
C SER A 124 -42.74 -19.50 41.64
N ARG A 125 -41.98 -20.10 40.72
CA ARG A 125 -41.59 -21.50 40.86
C ARG A 125 -40.71 -21.70 42.09
N GLY A 126 -39.64 -20.92 42.19
CA GLY A 126 -38.72 -21.00 43.31
C GLY A 126 -39.07 -20.05 44.45
N LYS A 127 -39.85 -19.01 44.15
CA LYS A 127 -40.20 -18.00 45.16
C LYS A 127 -41.23 -18.49 46.17
N GLN A 128 -41.77 -19.69 46.00
CA GLN A 128 -42.76 -20.21 46.95
C GLN A 128 -42.11 -20.48 48.30
N CYS A 129 -42.36 -19.59 49.27
CA CYS A 129 -41.76 -19.66 50.60
C CYS A 129 -42.83 -20.08 51.60
N HIS A 130 -42.62 -21.23 52.23
CA HIS A 130 -43.55 -21.76 53.24
C HIS A 130 -43.15 -21.40 54.66
N SER A 131 -41.91 -20.98 54.89
CA SER A 131 -41.47 -20.64 56.25
C SER A 131 -42.20 -19.39 56.75
N ASP A 132 -42.33 -19.29 58.06
CA ASP A 132 -43.02 -18.19 58.72
C ASP A 132 -41.98 -17.21 59.26
N GLN A 133 -42.02 -15.97 58.78
CA GLN A 133 -41.10 -14.92 59.19
C GLN A 133 -39.65 -15.29 58.92
N GLY A 134 -39.40 -16.04 57.84
CA GLY A 134 -38.06 -16.47 57.50
C GLY A 134 -37.35 -15.55 56.53
N CYS A 135 -38.11 -14.77 55.77
CA CYS A 135 -37.51 -13.88 54.78
C CYS A 135 -36.71 -12.78 55.46
N ILE A 136 -35.78 -12.19 54.71
CA ILE A 136 -34.90 -11.15 55.23
C ILE A 136 -35.71 -9.88 55.47
N LYS A 137 -35.19 -9.01 56.34
CA LYS A 137 -35.82 -7.73 56.66
C LYS A 137 -35.01 -6.61 56.03
N GLY A 138 -35.68 -5.73 55.27
CA GLY A 138 -35.00 -4.64 54.60
C GLY A 138 -34.01 -5.12 53.57
N TRP A 139 -34.41 -6.10 52.77
CA TRP A 139 -33.48 -6.70 51.80
C TRP A 139 -33.41 -5.89 50.52
N MET A 140 -34.49 -5.22 50.13
CA MET A 140 -34.56 -4.48 48.88
C MET A 140 -34.31 -5.41 47.69
N ASP A 141 -35.22 -6.37 47.53
CA ASP A 141 -35.07 -7.39 46.51
C ASP A 141 -35.12 -6.76 45.12
N PRO A 142 -34.23 -7.16 44.19
CA PRO A 142 -34.44 -6.76 42.79
C PRO A 142 -35.57 -7.53 42.13
N GLN A 143 -35.84 -8.76 42.61
CA GLN A 143 -36.91 -9.57 42.04
C GLN A 143 -38.27 -8.94 42.32
N SER A 144 -38.64 -8.82 43.59
CA SER A 144 -39.87 -8.16 43.99
C SER A 144 -39.59 -6.67 44.11
N LYS A 145 -40.53 -5.85 43.63
CA LYS A 145 -40.24 -4.43 43.45
C LYS A 145 -40.24 -3.67 44.77
N GLY A 146 -40.65 -4.31 45.87
CA GLY A 146 -40.76 -3.62 47.14
C GLY A 146 -39.74 -4.11 48.15
N ILE A 147 -39.39 -3.21 49.08
CA ILE A 147 -38.52 -3.59 50.20
C ILE A 147 -39.36 -4.29 51.24
N GLN A 148 -38.82 -5.39 51.78
CA GLN A 148 -39.60 -6.34 52.57
C GLN A 148 -39.10 -6.43 54.01
N THR A 149 -40.04 -6.33 54.94
CA THR A 149 -39.91 -6.91 56.27
C THR A 149 -40.64 -8.24 56.22
N GLY A 150 -39.97 -9.31 56.65
CA GLY A 150 -40.37 -10.67 56.30
C GLY A 150 -41.83 -11.03 56.52
N ARG A 151 -42.23 -11.19 57.78
CA ARG A 151 -43.61 -11.47 58.20
C ARG A 151 -44.34 -12.43 57.27
N CYS A 152 -43.69 -13.52 56.89
CA CYS A 152 -44.26 -14.40 55.86
C CYS A 152 -45.52 -15.08 56.37
N ILE A 153 -46.62 -14.90 55.63
CA ILE A 153 -47.89 -15.54 55.97
C ILE A 153 -48.65 -15.86 54.69
N PRO A 154 -49.63 -16.77 54.76
CA PRO A 154 -50.31 -17.20 53.54
C PRO A 154 -51.48 -16.29 53.17
N TYR A 155 -51.49 -15.84 51.91
CA TYR A 155 -52.64 -15.15 51.31
C TYR A 155 -53.30 -15.99 50.24
N ASP A 156 -52.54 -16.87 49.58
CA ASP A 156 -53.12 -17.82 48.65
C ASP A 156 -53.73 -18.99 49.41
N GLN A 157 -54.29 -19.94 48.67
CA GLN A 157 -54.95 -21.08 49.30
C GLN A 157 -53.93 -22.09 49.83
N LYS A 158 -53.07 -22.60 48.94
CA LYS A 158 -52.09 -23.63 49.27
C LYS A 158 -50.66 -23.16 49.06
N ARG A 159 -50.35 -21.91 49.39
CA ARG A 159 -49.00 -21.37 49.21
C ARG A 159 -48.96 -20.01 49.90
N LYS A 160 -47.75 -19.49 50.09
CA LYS A 160 -47.52 -18.26 50.81
C LYS A 160 -46.35 -17.51 50.21
N THR A 161 -46.17 -16.27 50.66
CA THR A 161 -45.07 -15.42 50.20
C THR A 161 -44.74 -14.40 51.27
N CYS A 162 -43.58 -13.77 51.13
CA CYS A 162 -43.13 -12.79 52.10
C CYS A 162 -43.96 -11.51 51.98
N GLU A 163 -43.93 -10.71 53.04
CA GLU A 163 -44.61 -9.42 53.03
C GLU A 163 -43.74 -8.38 52.33
N ILE A 164 -44.27 -7.83 51.23
CA ILE A 164 -43.53 -6.92 50.36
C ILE A 164 -44.22 -5.57 50.36
N PHE A 165 -43.43 -4.52 50.21
CA PHE A 165 -43.90 -3.14 50.11
C PHE A 165 -44.04 -2.67 48.66
N ALA A 166 -44.33 -3.59 47.75
CA ALA A 166 -44.41 -3.25 46.33
C ALA A 166 -45.81 -2.76 45.98
N TRP A 167 -45.97 -2.34 44.72
CA TRP A 167 -47.29 -2.03 44.20
C TRP A 167 -48.12 -3.30 44.14
N CYS A 168 -49.29 -3.26 44.78
CA CYS A 168 -50.11 -4.44 45.05
C CYS A 168 -51.43 -4.33 44.31
N PRO A 169 -52.14 -5.46 44.12
CA PRO A 169 -51.85 -6.85 44.51
C PRO A 169 -51.37 -7.73 43.36
N ALA A 170 -50.28 -8.48 43.59
CA ALA A 170 -49.83 -9.56 42.71
C ALA A 170 -49.57 -9.05 41.28
N GLU A 171 -48.55 -8.21 41.17
CA GLU A 171 -48.14 -7.64 39.88
C GLU A 171 -47.06 -8.48 39.21
N GLU A 172 -45.88 -8.57 39.82
CA GLU A 172 -44.76 -9.26 39.20
C GLU A 172 -44.83 -10.75 39.49
N GLY A 173 -43.84 -11.49 38.98
CA GLY A 173 -43.75 -12.92 39.20
C GLY A 173 -44.65 -13.77 38.33
N LYS A 174 -45.58 -13.18 37.60
CA LYS A 174 -46.51 -13.95 36.79
C LYS A 174 -45.90 -14.27 35.43
N GLU A 175 -46.14 -15.49 34.95
CA GLU A 175 -45.63 -15.93 33.66
C GLU A 175 -46.54 -15.43 32.53
N ALA A 176 -46.03 -15.54 31.31
CA ALA A 176 -46.78 -15.11 30.14
C ALA A 176 -47.78 -16.18 29.71
N PRO A 177 -48.86 -15.81 29.02
CA PRO A 177 -49.83 -16.82 28.59
C PRO A 177 -49.30 -17.68 27.46
N ARG A 178 -49.95 -18.82 27.27
CA ARG A 178 -49.59 -19.77 26.22
C ARG A 178 -50.85 -20.51 25.78
N PRO A 179 -51.34 -20.34 24.54
CA PRO A 179 -50.83 -19.59 23.38
C PRO A 179 -50.76 -18.09 23.59
N ALA A 180 -49.93 -17.42 22.80
CA ALA A 180 -49.71 -15.99 22.94
C ALA A 180 -50.94 -15.21 22.52
N LEU A 181 -51.18 -14.09 23.19
CA LEU A 181 -52.21 -13.16 22.76
C LEU A 181 -51.69 -12.34 21.58
N LEU A 182 -52.61 -11.69 20.87
CA LEU A 182 -52.27 -10.85 19.73
C LEU A 182 -51.51 -11.66 18.66
N ARG A 183 -52.01 -12.86 18.38
CA ARG A 183 -51.43 -13.67 17.31
C ARG A 183 -51.68 -13.04 15.94
N SER A 184 -52.66 -12.13 15.84
CA SER A 184 -52.90 -11.40 14.60
C SER A 184 -51.78 -10.44 14.25
N ALA A 185 -50.84 -10.22 15.18
CA ALA A 185 -49.67 -9.38 14.92
C ALA A 185 -48.56 -10.11 14.18
N GLU A 186 -48.90 -10.78 13.08
CA GLU A 186 -47.93 -11.41 12.19
C GLU A 186 -48.13 -10.98 10.75
N ASN A 187 -49.35 -10.66 10.35
CA ASN A 187 -49.64 -10.05 9.06
C ASN A 187 -49.44 -8.55 9.05
N PHE A 188 -48.98 -7.96 10.15
CA PHE A 188 -48.71 -6.53 10.19
C PHE A 188 -47.63 -6.18 9.17
N THR A 189 -47.74 -4.97 8.63
CA THR A 189 -46.90 -4.53 7.52
C THR A 189 -46.02 -3.38 7.99
N VAL A 190 -44.73 -3.46 7.67
CA VAL A 190 -43.75 -2.46 8.04
C VAL A 190 -43.25 -1.78 6.78
N LEU A 191 -43.33 -0.45 6.75
CA LEU A 191 -42.75 0.37 5.71
C LEU A 191 -41.50 1.05 6.27
N ILE A 192 -40.35 0.76 5.67
CA ILE A 192 -39.06 1.28 6.13
C ILE A 192 -38.52 2.19 5.04
N LYS A 193 -38.54 3.49 5.30
CA LYS A 193 -38.00 4.50 4.39
C LYS A 193 -36.61 4.86 4.89
N ASN A 194 -35.59 4.45 4.14
CA ASN A 194 -34.19 4.64 4.51
C ASN A 194 -33.53 5.61 3.56
N ASN A 195 -32.83 6.59 4.11
CA ASN A 195 -32.10 7.60 3.35
C ASN A 195 -30.64 7.57 3.79
N ILE A 196 -29.74 7.28 2.85
CA ILE A 196 -28.32 7.17 3.13
C ILE A 196 -27.57 8.26 2.36
N ASP A 197 -26.42 8.66 2.87
CA ASP A 197 -25.61 9.70 2.27
C ASP A 197 -24.13 9.38 2.43
N PHE A 198 -23.36 9.72 1.41
CA PHE A 198 -21.90 9.70 1.42
C PHE A 198 -21.44 11.16 1.35
N PRO A 199 -21.12 11.81 2.48
CA PRO A 199 -20.80 13.24 2.42
C PRO A 199 -19.47 13.54 1.76
N GLY A 200 -18.45 12.71 1.96
CA GLY A 200 -17.17 12.93 1.29
C GLY A 200 -17.30 12.82 -0.21
N HIS A 201 -17.95 11.76 -0.68
CA HIS A 201 -18.29 11.64 -2.10
C HIS A 201 -19.46 12.54 -2.51
N ASN A 202 -20.24 13.03 -1.54
CA ASN A 202 -21.36 13.93 -1.82
C ASN A 202 -22.39 13.25 -2.71
N TYR A 203 -22.96 12.15 -2.21
CA TYR A 203 -23.98 11.41 -2.93
C TYR A 203 -25.04 10.94 -1.95
N THR A 204 -26.25 11.46 -2.10
CA THR A 204 -27.39 11.10 -1.25
C THR A 204 -28.37 10.28 -2.07
N THR A 205 -28.90 9.22 -1.46
CA THR A 205 -29.92 8.40 -2.09
C THR A 205 -30.82 7.84 -1.00
N ARG A 206 -31.84 7.09 -1.43
CA ARG A 206 -32.84 6.57 -0.52
C ARG A 206 -33.38 5.24 -1.03
N ASN A 207 -34.07 4.53 -0.15
CA ASN A 207 -34.59 3.21 -0.48
C ASN A 207 -35.66 3.31 -1.56
N ILE A 208 -36.68 4.15 -1.34
CA ILE A 208 -37.82 4.26 -2.24
C ILE A 208 -37.48 5.26 -3.33
N LEU A 209 -37.71 4.86 -4.58
CA LEU A 209 -37.46 5.68 -5.75
C LEU A 209 -38.77 5.90 -6.49
N PRO A 210 -38.81 6.86 -7.42
CA PRO A 210 -40.04 7.03 -8.22
C PRO A 210 -40.33 5.80 -9.07
N GLY A 211 -41.61 5.42 -9.10
CA GLY A 211 -42.07 4.31 -9.91
C GLY A 211 -42.16 2.98 -9.21
N MET A 212 -41.69 2.88 -7.96
CA MET A 212 -41.79 1.63 -7.23
C MET A 212 -43.23 1.32 -6.88
N ASN A 213 -43.58 0.03 -6.93
CA ASN A 213 -44.94 -0.39 -6.63
C ASN A 213 -45.25 -0.15 -5.16
N ILE A 214 -46.42 0.41 -4.89
CA ILE A 214 -46.81 0.72 -3.52
C ILE A 214 -47.40 -0.51 -2.84
N SER A 215 -48.11 -1.35 -3.59
CA SER A 215 -48.78 -2.52 -3.04
C SER A 215 -47.88 -3.74 -2.97
N CYS A 216 -46.56 -3.59 -3.13
CA CYS A 216 -45.67 -4.74 -3.12
C CYS A 216 -45.45 -5.25 -1.70
N THR A 217 -44.90 -6.46 -1.62
CA THR A 217 -44.47 -7.05 -0.35
C THR A 217 -43.13 -7.73 -0.57
N PHE A 218 -42.23 -7.59 0.40
CA PHE A 218 -40.87 -8.07 0.21
C PHE A 218 -40.82 -9.59 0.06
N HIS A 219 -40.03 -10.04 -0.91
CA HIS A 219 -39.74 -11.45 -1.08
C HIS A 219 -38.27 -11.59 -1.50
N LYS A 220 -37.70 -12.75 -1.20
CA LYS A 220 -36.26 -12.94 -1.41
C LYS A 220 -35.90 -12.91 -2.89
N THR A 221 -36.78 -13.41 -3.76
CA THR A 221 -36.50 -13.59 -5.18
C THR A 221 -37.36 -12.73 -6.09
N TRP A 222 -38.66 -12.63 -5.80
CA TRP A 222 -39.57 -11.98 -6.73
C TRP A 222 -39.38 -10.47 -6.74
N ASN A 223 -39.53 -9.84 -5.58
CA ASN A 223 -39.45 -8.38 -5.44
C ASN A 223 -38.57 -8.05 -4.23
N PRO A 224 -37.26 -8.20 -4.36
CA PRO A 224 -36.38 -7.91 -3.21
C PRO A 224 -36.28 -6.43 -2.90
N GLN A 225 -36.35 -5.57 -3.90
CA GLN A 225 -36.17 -4.13 -3.68
C GLN A 225 -37.38 -3.48 -3.03
N CYS A 226 -38.47 -4.22 -2.82
CA CYS A 226 -39.65 -3.64 -2.18
C CYS A 226 -39.32 -3.37 -0.71
N PRO A 227 -39.50 -2.14 -0.20
CA PRO A 227 -39.20 -1.88 1.22
C PRO A 227 -40.35 -2.18 2.16
N ILE A 228 -41.42 -2.82 1.68
CA ILE A 228 -42.55 -3.22 2.51
C ILE A 228 -42.33 -4.65 2.97
N PHE A 229 -42.43 -4.89 4.26
CA PHE A 229 -42.10 -6.17 4.87
C PHE A 229 -43.27 -6.68 5.69
N ARG A 230 -43.41 -8.01 5.75
CA ARG A 230 -44.34 -8.68 6.65
C ARG A 230 -43.55 -9.42 7.71
N LEU A 231 -44.01 -9.31 8.97
CA LEU A 231 -43.27 -9.89 10.08
C LEU A 231 -43.21 -11.41 9.98
N GLY A 232 -44.32 -12.04 9.58
CA GLY A 232 -44.32 -13.48 9.39
C GLY A 232 -43.32 -13.92 8.33
N ASP A 233 -43.22 -13.16 7.24
CA ASP A 233 -42.22 -13.45 6.23
C ASP A 233 -40.81 -13.29 6.77
N ILE A 234 -40.59 -12.26 7.60
CA ILE A 234 -39.28 -12.06 8.21
C ILE A 234 -38.89 -13.27 9.05
N PHE A 235 -39.84 -13.78 9.83
CA PHE A 235 -39.53 -14.91 10.71
C PHE A 235 -39.43 -16.22 9.93
N GLN A 236 -40.13 -16.33 8.80
CA GLN A 236 -40.08 -17.57 8.03
C GLN A 236 -38.86 -17.62 7.12
N GLU A 237 -38.31 -16.48 6.74
CA GLU A 237 -37.15 -16.48 5.84
C GLU A 237 -35.93 -17.12 6.50
N ILE A 238 -35.85 -17.08 7.84
CA ILE A 238 -34.75 -17.67 8.59
C ILE A 238 -35.19 -18.88 9.42
N GLY A 239 -36.43 -19.34 9.24
CA GLY A 239 -36.90 -20.51 9.95
C GLY A 239 -37.40 -20.27 11.35
N GLU A 240 -37.46 -19.02 11.80
CA GLU A 240 -37.94 -18.73 13.14
C GLU A 240 -39.46 -18.86 13.20
N ASN A 241 -39.95 -19.33 14.36
CA ASN A 241 -41.37 -19.52 14.61
C ASN A 241 -41.88 -18.29 15.34
N PHE A 242 -42.93 -17.67 14.79
CA PHE A 242 -43.46 -16.43 15.38
C PHE A 242 -44.26 -16.68 16.64
N THR A 243 -44.79 -17.89 16.84
CA THR A 243 -45.65 -18.14 18.00
C THR A 243 -44.83 -18.17 19.28
N GLU A 244 -43.74 -18.95 19.30
CA GLU A 244 -42.91 -19.03 20.51
C GLU A 244 -42.28 -17.68 20.83
N VAL A 245 -41.92 -16.89 19.81
CA VAL A 245 -41.39 -15.55 20.04
C VAL A 245 -42.51 -14.61 20.48
N ALA A 246 -43.76 -14.92 20.13
CA ALA A 246 -44.88 -14.10 20.57
C ALA A 246 -45.21 -14.36 22.04
N VAL A 247 -45.04 -15.60 22.50
CA VAL A 247 -45.25 -15.90 23.92
C VAL A 247 -44.27 -15.10 24.76
N GLN A 248 -42.98 -15.30 24.56
CA GLN A 248 -41.92 -14.52 25.17
C GLN A 248 -41.20 -13.76 24.08
N GLY A 249 -41.18 -12.43 24.19
CA GLY A 249 -40.65 -11.57 23.15
C GLY A 249 -39.22 -11.84 22.76
N GLY A 250 -38.75 -11.18 21.72
CA GLY A 250 -37.38 -11.31 21.25
C GLY A 250 -36.85 -10.03 20.66
N ILE A 251 -35.72 -10.11 19.96
CA ILE A 251 -35.11 -8.97 19.30
C ILE A 251 -34.64 -9.42 17.93
N MET A 252 -35.26 -8.88 16.88
CA MET A 252 -34.89 -9.16 15.50
C MET A 252 -34.08 -8.02 14.93
N GLY A 253 -33.34 -8.31 13.86
CA GLY A 253 -32.50 -7.33 13.20
C GLY A 253 -32.67 -7.36 11.70
N ILE A 254 -33.09 -6.22 11.15
CA ILE A 254 -33.27 -6.05 9.72
C ILE A 254 -32.00 -5.38 9.20
N GLU A 255 -31.13 -6.17 8.58
CA GLU A 255 -29.87 -5.67 8.05
C GLU A 255 -30.10 -5.12 6.65
N ILE A 256 -29.62 -3.90 6.41
CA ILE A 256 -29.74 -3.23 5.12
C ILE A 256 -28.32 -2.88 4.70
N TYR A 257 -27.78 -3.65 3.74
CA TYR A 257 -26.40 -3.53 3.31
C TYR A 257 -26.33 -2.76 2.00
N TRP A 258 -25.54 -1.70 1.97
CA TRP A 258 -25.29 -0.90 0.77
C TRP A 258 -23.88 -1.19 0.28
N ASP A 259 -23.78 -1.63 -0.98
CA ASP A 259 -22.50 -1.76 -1.67
C ASP A 259 -22.58 -0.86 -2.89
N CYS A 260 -22.24 0.42 -2.71
CA CYS A 260 -22.50 1.45 -3.71
C CYS A 260 -21.23 1.74 -4.49
N ASN A 261 -21.33 1.70 -5.81
CA ASN A 261 -20.26 2.09 -6.72
C ASN A 261 -20.69 3.39 -7.39
N LEU A 262 -20.14 4.51 -6.92
CA LEU A 262 -20.56 5.82 -7.39
C LEU A 262 -19.94 6.23 -8.72
N ASP A 263 -19.21 5.34 -9.38
CA ASP A 263 -18.67 5.65 -10.69
C ASP A 263 -19.79 5.66 -11.73
N SER A 264 -19.74 6.64 -12.63
CA SER A 264 -20.83 6.80 -13.60
C SER A 264 -20.88 5.66 -14.59
N TRP A 265 -19.72 5.13 -15.01
CA TRP A 265 -19.70 4.07 -16.02
C TRP A 265 -20.23 2.75 -15.50
N SER A 266 -20.26 2.55 -14.18
CA SER A 266 -20.81 1.35 -13.56
C SER A 266 -21.63 1.70 -12.34
N HIS A 267 -22.47 2.73 -12.44
CA HIS A 267 -23.21 3.24 -11.29
C HIS A 267 -24.26 2.21 -10.85
N ARG A 268 -24.12 1.71 -9.63
CA ARG A 268 -25.16 0.91 -8.99
C ARG A 268 -25.09 1.17 -7.49
N CYS A 269 -26.22 1.55 -6.91
CA CYS A 269 -26.28 1.88 -5.48
C CYS A 269 -27.70 1.58 -5.01
N GLN A 270 -27.88 0.39 -4.45
CA GLN A 270 -29.17 -0.09 -3.96
C GLN A 270 -28.95 -0.97 -2.75
N PRO A 271 -29.96 -1.16 -1.89
CA PRO A 271 -29.76 -1.94 -0.68
C PRO A 271 -30.03 -3.43 -0.90
N LYS A 272 -29.47 -4.23 0.02
CA LYS A 272 -29.76 -5.65 0.12
C LYS A 272 -30.28 -5.92 1.52
N TYR A 273 -31.42 -6.61 1.61
CA TYR A 273 -32.11 -6.83 2.87
C TYR A 273 -31.83 -8.24 3.38
N SER A 274 -31.53 -8.33 4.67
CA SER A 274 -31.36 -9.61 5.35
C SER A 274 -31.99 -9.50 6.73
N PHE A 275 -32.21 -10.65 7.36
CA PHE A 275 -32.86 -10.73 8.66
C PHE A 275 -32.08 -11.67 9.55
N ARG A 276 -31.92 -11.28 10.82
CA ARG A 276 -31.11 -12.06 11.75
C ARG A 276 -31.68 -11.91 13.15
N ARG A 277 -31.85 -13.03 13.84
CA ARG A 277 -32.31 -12.99 15.23
C ARG A 277 -31.18 -12.53 16.13
N LEU A 278 -31.41 -11.44 16.85
CA LEU A 278 -30.37 -10.80 17.66
C LEU A 278 -30.31 -11.36 19.08
N ASP A 279 -31.46 -11.58 19.72
CA ASP A 279 -31.45 -12.13 21.07
C ASP A 279 -31.04 -13.60 21.05
N ASP A 280 -30.40 -14.02 22.13
CA ASP A 280 -29.95 -15.41 22.26
C ASP A 280 -31.18 -16.31 22.46
N LYS A 281 -31.38 -17.23 21.52
CA LYS A 281 -32.50 -18.16 21.63
C LYS A 281 -32.36 -19.05 22.85
N TYR A 282 -31.27 -19.83 22.91
CA TYR A 282 -30.98 -20.68 24.06
C TYR A 282 -30.22 -19.86 25.09
N THR A 283 -30.99 -19.26 26.01
CA THR A 283 -30.47 -18.36 27.02
C THR A 283 -30.90 -18.84 28.41
N ASN A 284 -30.17 -18.41 29.43
CA ASN A 284 -30.43 -18.84 30.79
C ASN A 284 -31.79 -18.32 31.28
N GLU A 285 -32.39 -19.05 32.22
CA GLU A 285 -33.68 -18.65 32.76
C GLU A 285 -33.52 -17.56 33.81
N SER A 286 -32.40 -17.55 34.53
CA SER A 286 -32.14 -16.49 35.50
C SER A 286 -32.05 -15.14 34.81
N LEU A 287 -31.37 -15.08 33.66
CA LEU A 287 -31.35 -13.88 32.85
C LEU A 287 -32.71 -13.69 32.19
N PHE A 288 -33.00 -12.44 31.83
CA PHE A 288 -34.26 -12.11 31.18
C PHE A 288 -34.25 -12.64 29.76
N PRO A 289 -34.98 -13.74 29.44
CA PRO A 289 -34.80 -14.35 28.11
C PRO A 289 -35.28 -13.46 26.97
N GLY A 290 -36.52 -12.98 27.06
CA GLY A 290 -37.13 -12.22 25.99
C GLY A 290 -37.09 -10.72 26.25
N TYR A 291 -37.51 -9.98 25.22
CA TYR A 291 -37.60 -8.52 25.29
C TYR A 291 -38.98 -8.15 25.80
N ASN A 292 -39.03 -7.53 26.97
CA ASN A 292 -40.28 -7.12 27.59
C ASN A 292 -40.07 -5.79 28.29
N PHE A 293 -41.18 -5.09 28.54
CA PHE A 293 -41.11 -3.85 29.29
C PHE A 293 -42.44 -3.59 29.97
N ARG A 294 -42.39 -2.99 31.15
CA ARG A 294 -43.55 -2.77 31.99
C ARG A 294 -43.74 -1.27 32.18
N TYR A 295 -44.88 -0.75 31.74
CA TYR A 295 -45.19 0.66 31.85
C TYR A 295 -46.63 0.81 32.33
N ALA A 296 -46.96 2.00 32.82
CA ALA A 296 -48.18 2.20 33.56
C ALA A 296 -48.77 3.57 33.24
N LYS A 297 -49.99 3.79 33.73
CA LYS A 297 -50.62 5.11 33.76
C LYS A 297 -50.95 5.44 35.20
N TYR A 298 -50.61 6.65 35.63
CA TYR A 298 -50.78 7.07 37.02
C TYR A 298 -52.09 7.85 37.14
N TYR A 299 -52.79 7.67 38.25
CA TYR A 299 -54.08 8.31 38.47
C TYR A 299 -54.39 8.35 39.95
N LYS A 300 -55.33 9.23 40.31
CA LYS A 300 -55.81 9.38 41.68
C LYS A 300 -57.30 9.09 41.70
N GLU A 301 -57.68 8.00 42.36
CA GLU A 301 -59.08 7.59 42.50
C GLU A 301 -59.35 7.33 43.97
N ASN A 302 -60.42 7.95 44.48
CA ASN A 302 -60.77 7.86 45.90
C ASN A 302 -59.68 8.45 46.79
N GLY A 303 -58.95 9.44 46.27
CA GLY A 303 -57.90 10.10 47.03
C GLY A 303 -56.58 9.35 47.08
N MET A 304 -56.53 8.10 46.60
CA MET A 304 -55.32 7.30 46.68
C MET A 304 -54.48 7.47 45.43
N GLU A 305 -53.23 7.91 45.63
CA GLU A 305 -52.26 7.97 44.54
C GLU A 305 -51.96 6.55 44.09
N LYS A 306 -52.43 6.18 42.90
CA LYS A 306 -52.31 4.82 42.41
C LYS A 306 -52.00 4.85 40.92
N ARG A 307 -51.98 3.67 40.32
CA ARG A 307 -51.66 3.53 38.91
C ARG A 307 -52.19 2.20 38.41
N THR A 308 -52.07 2.00 37.10
CA THR A 308 -52.40 0.72 36.45
C THR A 308 -51.23 0.35 35.56
N LEU A 309 -50.70 -0.86 35.77
CA LEU A 309 -49.43 -1.29 35.17
C LEU A 309 -49.68 -2.44 34.22
N ILE A 310 -49.11 -2.36 33.02
CA ILE A 310 -49.16 -3.45 32.05
C ILE A 310 -47.73 -3.79 31.63
N LYS A 311 -47.46 -5.10 31.57
CA LYS A 311 -46.18 -5.63 31.14
C LYS A 311 -46.36 -6.25 29.77
N ALA A 312 -45.64 -5.72 28.78
CA ALA A 312 -45.79 -6.10 27.38
C ALA A 312 -44.55 -6.86 26.92
N PHE A 313 -44.78 -8.03 26.31
CA PHE A 313 -43.77 -8.80 25.62
C PHE A 313 -43.96 -8.60 24.12
N GLY A 314 -42.86 -8.35 23.41
CA GLY A 314 -42.95 -8.16 21.98
C GLY A 314 -41.58 -8.21 21.33
N VAL A 315 -41.58 -8.11 20.01
CA VAL A 315 -40.37 -8.18 19.20
C VAL A 315 -39.92 -6.76 18.89
N ARG A 316 -38.66 -6.47 19.24
CA ARG A 316 -38.03 -5.20 18.88
C ARG A 316 -37.19 -5.42 17.63
N PHE A 317 -37.48 -4.64 16.59
CA PHE A 317 -36.81 -4.77 15.30
C PHE A 317 -35.78 -3.66 15.16
N ASP A 318 -34.50 -4.03 15.26
CA ASP A 318 -33.41 -3.08 15.05
C ASP A 318 -33.07 -3.03 13.57
N ILE A 319 -33.30 -1.87 12.96
CA ILE A 319 -32.99 -1.66 11.55
C ILE A 319 -31.54 -1.23 11.44
N LEU A 320 -30.66 -2.18 11.13
CA LEU A 320 -29.22 -1.95 11.07
C LEU A 320 -28.86 -1.63 9.63
N VAL A 321 -28.74 -0.33 9.33
CA VAL A 321 -28.35 0.15 8.01
C VAL A 321 -26.83 0.33 8.03
N PHE A 322 -26.15 -0.35 7.12
CA PHE A 322 -24.71 -0.25 7.00
C PHE A 322 -24.32 -0.40 5.54
N GLY A 323 -23.04 -0.16 5.25
CA GLY A 323 -22.56 -0.33 3.90
C GLY A 323 -21.31 0.50 3.66
N THR A 324 -21.02 0.67 2.37
CA THR A 324 -19.84 1.39 1.93
C THR A 324 -20.07 1.89 0.51
N GLY A 325 -19.62 3.13 0.26
CA GLY A 325 -19.65 3.72 -1.06
C GLY A 325 -18.26 3.99 -1.57
N GLY A 326 -17.96 3.51 -2.77
CA GLY A 326 -16.65 3.65 -3.38
C GLY A 326 -16.71 4.63 -4.55
N LYS A 327 -15.70 5.50 -4.63
CA LYS A 327 -15.60 6.45 -5.72
C LYS A 327 -14.15 6.50 -6.21
N PHE A 328 -13.98 6.67 -7.51
CA PHE A 328 -12.64 6.62 -8.10
C PHE A 328 -11.75 7.70 -7.53
N ASP A 329 -10.62 7.28 -6.97
CA ASP A 329 -9.60 8.17 -6.43
C ASP A 329 -8.27 7.82 -7.06
N ILE A 330 -7.59 8.82 -7.63
CA ILE A 330 -6.35 8.56 -8.34
C ILE A 330 -5.25 8.14 -7.38
N ILE A 331 -5.26 8.66 -6.15
CA ILE A 331 -4.18 8.39 -5.22
C ILE A 331 -4.19 6.93 -4.79
N GLN A 332 -5.37 6.35 -4.60
CA GLN A 332 -5.44 4.93 -4.23
C GLN A 332 -4.91 4.05 -5.35
N LEU A 333 -5.28 4.35 -6.60
CA LEU A 333 -4.76 3.60 -7.74
C LEU A 333 -3.25 3.74 -7.83
N VAL A 334 -2.73 4.95 -7.60
CA VAL A 334 -1.29 5.18 -7.67
C VAL A 334 -0.58 4.36 -6.60
N VAL A 335 -1.12 4.36 -5.38
CA VAL A 335 -0.49 3.61 -4.29
C VAL A 335 -0.53 2.11 -4.59
N TYR A 336 -1.64 1.62 -5.11
CA TYR A 336 -1.76 0.20 -5.39
C TYR A 336 -0.81 -0.22 -6.51
N ILE A 337 -0.69 0.61 -7.55
CA ILE A 337 0.24 0.30 -8.64
C ILE A 337 1.67 0.34 -8.14
N GLY A 338 2.00 1.32 -7.30
CA GLY A 338 3.33 1.38 -6.73
C GLY A 338 3.65 0.18 -5.87
N SER A 339 2.65 -0.35 -5.16
CA SER A 339 2.85 -1.56 -4.37
C SER A 339 3.08 -2.77 -5.27
N THR A 340 2.25 -2.94 -6.29
CA THR A 340 2.30 -4.13 -7.12
C THR A 340 3.38 -4.08 -8.20
N LEU A 341 4.04 -2.95 -8.40
CA LEU A 341 5.09 -2.88 -9.42
C LEU A 341 6.27 -3.78 -9.08
N SER A 342 6.54 -4.00 -7.79
CA SER A 342 7.68 -4.80 -7.39
C SER A 342 7.55 -6.26 -7.79
N TYR A 343 6.31 -6.75 -8.00
CA TYR A 343 6.12 -8.14 -8.35
C TYR A 343 6.55 -8.47 -9.78
N PHE A 344 6.69 -7.47 -10.65
CA PHE A 344 7.11 -7.73 -12.02
C PHE A 344 8.56 -8.20 -12.10
N GLY A 345 9.37 -7.98 -11.07
CA GLY A 345 10.70 -8.54 -11.01
C GLY A 345 10.77 -9.97 -10.56
N LEU A 346 9.62 -10.62 -10.33
CA LEU A 346 9.62 -12.02 -9.92
C LEU A 346 10.23 -12.90 -11.00
N ALA A 347 9.94 -12.60 -12.27
CA ALA A 347 10.51 -13.37 -13.37
C ALA A 347 12.04 -13.24 -13.39
N THR A 348 12.54 -12.03 -13.25
CA THR A 348 13.99 -11.82 -13.25
C THR A 348 14.63 -12.52 -12.06
N VAL A 349 14.00 -12.46 -10.88
CA VAL A 349 14.54 -13.12 -9.70
C VAL A 349 14.60 -14.63 -9.91
N CYS A 350 13.51 -15.20 -10.45
CA CYS A 350 13.48 -16.65 -10.66
C CYS A 350 14.50 -17.07 -11.70
N ILE A 351 14.66 -16.30 -12.77
CA ILE A 351 15.60 -16.68 -13.82
C ILE A 351 17.04 -16.55 -13.31
N ASP A 352 17.34 -15.51 -12.53
CA ASP A 352 18.66 -15.37 -11.95
C ASP A 352 18.94 -16.51 -10.97
N LEU A 353 17.93 -16.92 -10.21
CA LEU A 353 18.09 -18.06 -9.31
C LEU A 353 18.40 -19.34 -10.11
N ILE A 354 17.68 -19.54 -11.21
CA ILE A 354 17.92 -20.70 -12.07
C ILE A 354 19.35 -20.67 -12.60
N ILE A 355 19.79 -19.52 -13.08
CA ILE A 355 21.13 -19.41 -13.67
C ILE A 355 22.20 -19.67 -12.61
N ASN A 356 22.03 -19.08 -11.42
CA ASN A 356 23.02 -19.26 -10.37
C ASN A 356 23.01 -20.68 -9.80
N THR A 357 21.88 -21.38 -9.85
CA THR A 357 21.83 -22.74 -9.35
C THR A 357 22.43 -23.72 -10.35
N TYR A 358 22.03 -23.63 -11.61
CA TYR A 358 22.55 -24.53 -12.63
C TYR A 358 23.98 -24.21 -13.05
N ALA A 359 24.55 -23.10 -12.58
CA ALA A 359 25.94 -22.78 -12.90
C ALA A 359 26.91 -23.53 -12.00
N SER A 360 26.45 -23.94 -10.81
CA SER A 360 27.33 -24.62 -9.86
C SER A 360 27.76 -25.97 -10.38
N THR A 361 28.92 -26.44 -9.90
CA THR A 361 29.44 -27.73 -10.32
C THR A 361 28.70 -28.91 -9.67
N CYS A 362 27.92 -28.65 -8.61
CA CYS A 362 27.16 -29.72 -7.99
C CYS A 362 26.13 -30.30 -8.95
N CYS A 363 25.60 -29.47 -9.85
CA CYS A 363 24.63 -29.97 -10.83
C CYS A 363 25.30 -30.92 -11.82
N ARG A 364 26.56 -30.68 -12.17
CA ARG A 364 27.30 -31.57 -13.05
C ARG A 364 27.84 -32.79 -12.32
N SER A 365 28.04 -32.70 -11.01
CA SER A 365 28.56 -33.84 -10.27
C SER A 365 27.48 -34.88 -10.01
N ARG A 366 26.34 -34.45 -9.45
CA ARG A 366 25.29 -35.35 -8.98
C ARG A 366 24.03 -35.30 -9.83
N VAL A 367 23.59 -34.12 -10.23
CA VAL A 367 22.26 -33.98 -10.80
C VAL A 367 22.21 -34.51 -12.24
N TYR A 368 23.08 -33.99 -13.10
CA TYR A 368 23.01 -34.34 -14.52
C TYR A 368 23.26 -35.82 -14.79
N PRO A 369 24.25 -36.49 -14.17
CA PRO A 369 24.40 -37.93 -14.44
C PRO A 369 23.22 -38.76 -13.95
N SER A 370 22.65 -38.40 -12.79
CA SER A 370 21.56 -39.19 -12.23
C SER A 370 20.25 -38.93 -12.97
N CYS A 371 19.84 -37.66 -13.07
CA CYS A 371 18.57 -37.34 -13.70
C CYS A 371 18.61 -37.62 -15.21
N LYS A 372 19.63 -37.11 -15.90
CA LYS A 372 19.89 -37.29 -17.32
C LYS A 372 18.96 -36.45 -18.21
N CYS A 373 17.97 -35.73 -17.65
CA CYS A 373 17.13 -34.83 -18.41
C CYS A 373 17.53 -33.36 -18.25
N CYS A 374 18.23 -33.01 -17.17
CA CYS A 374 18.74 -31.66 -16.99
C CYS A 374 20.08 -31.42 -17.65
N GLU A 375 20.51 -32.32 -18.54
CA GLU A 375 21.78 -32.14 -19.26
C GLU A 375 21.85 -30.84 -20.04
N PRO A 376 20.87 -30.46 -20.88
CA PRO A 376 21.01 -29.20 -21.62
C PRO A 376 20.91 -27.95 -20.76
N CYS A 377 20.56 -28.06 -19.48
CA CYS A 377 20.54 -26.91 -18.60
C CYS A 377 21.94 -26.43 -18.22
N ALA A 378 22.99 -27.21 -18.50
CA ALA A 378 24.35 -26.76 -18.28
C ALA A 378 24.69 -25.49 -19.04
N VAL A 379 23.95 -25.19 -20.11
CA VAL A 379 24.05 -23.93 -20.85
C VAL A 379 23.97 -22.74 -19.91
N ASN A 380 23.17 -22.87 -18.84
CA ASN A 380 23.02 -21.78 -17.87
C ASN A 380 24.38 -21.36 -17.31
N GLU A 381 25.30 -22.31 -17.13
CA GLU A 381 26.63 -21.99 -16.64
C GLU A 381 27.31 -20.95 -17.52
N TYR A 382 27.19 -21.09 -18.84
CA TYR A 382 27.76 -20.12 -19.75
C TYR A 382 27.21 -18.73 -19.50
N TYR A 383 25.89 -18.64 -19.26
CA TYR A 383 25.28 -17.36 -18.96
C TYR A 383 25.89 -16.76 -17.70
N TYR A 384 26.21 -17.60 -16.71
CA TYR A 384 26.88 -17.12 -15.51
C TYR A 384 28.20 -16.46 -15.87
N ARG A 385 28.97 -17.06 -16.78
CA ARG A 385 30.22 -16.47 -17.20
C ARG A 385 30.01 -15.13 -17.89
N LYS A 386 28.83 -14.92 -18.48
CA LYS A 386 28.47 -13.64 -19.05
C LYS A 386 27.73 -12.73 -18.08
N LYS A 387 27.24 -13.27 -16.96
CA LYS A 387 26.48 -12.49 -15.99
C LYS A 387 27.37 -11.99 -14.86
N CYS A 388 28.17 -12.87 -14.27
CA CYS A 388 28.97 -12.57 -13.10
C CYS A 388 30.43 -12.40 -13.46
N GLU A 389 31.12 -11.55 -12.69
CA GLU A 389 32.57 -11.33 -12.82
C GLU A 389 33.15 -11.39 -11.41
N PRO A 390 33.46 -12.57 -10.88
CA PRO A 390 33.96 -12.65 -9.51
C PRO A 390 35.31 -11.95 -9.36
N ILE A 391 35.39 -11.04 -8.39
CA ILE A 391 36.64 -10.38 -8.01
C ILE A 391 36.90 -10.66 -6.55
N VAL A 392 38.03 -10.18 -6.04
CA VAL A 392 38.44 -10.44 -4.65
C VAL A 392 38.84 -9.11 -4.03
N GLU A 393 38.58 -8.98 -2.73
CA GLU A 393 38.95 -7.78 -1.99
C GLU A 393 40.47 -7.60 -2.02
N PRO A 394 41.00 -6.53 -2.64
CA PRO A 394 42.48 -6.39 -2.61
C PRO A 394 43.01 -6.07 -1.22
N LYS A 395 43.07 -7.09 -0.38
CA LYS A 395 43.65 -6.95 0.95
C LYS A 395 45.16 -6.75 0.84
N PRO A 396 45.81 -6.26 1.90
CA PRO A 396 47.28 -6.27 1.90
C PRO A 396 47.85 -7.68 1.92
N THR A 397 47.14 -8.62 2.55
CA THR A 397 47.64 -10.00 2.63
C THR A 397 47.31 -10.79 1.38
N LEU A 398 46.49 -10.25 0.49
CA LEU A 398 46.12 -10.97 -0.73
C LEU A 398 47.35 -11.21 -1.59
N LYS A 399 47.53 -12.46 -2.03
CA LYS A 399 48.64 -12.85 -2.87
C LYS A 399 48.15 -13.84 -3.90
N TYR A 400 48.92 -13.97 -4.98
CA TYR A 400 48.66 -14.94 -6.04
C TYR A 400 49.97 -15.60 -6.43
N VAL A 401 49.96 -16.93 -6.53
CA VAL A 401 51.14 -17.71 -6.89
C VAL A 401 50.71 -18.77 -7.89
N SER A 402 51.56 -19.01 -8.88
CA SER A 402 51.31 -19.99 -9.94
C SER A 402 52.43 -21.01 -9.96
N PHE A 403 52.11 -22.18 -10.48
CA PHE A 403 53.08 -23.28 -10.62
C PHE A 403 52.88 -23.92 -11.98
N VAL A 404 53.99 -24.19 -12.68
CA VAL A 404 53.92 -24.76 -14.01
C VAL A 404 53.35 -26.18 -13.96
N ASP A 405 53.55 -26.89 -12.85
CA ASP A 405 53.05 -28.26 -12.74
C ASP A 405 51.53 -28.29 -12.66
N GLU A 406 50.96 -27.54 -11.74
CA GLU A 406 49.52 -27.50 -11.54
C GLU A 406 48.87 -26.55 -12.53
N PRO A 407 47.60 -26.76 -12.88
CA PRO A 407 46.95 -25.90 -13.89
C PRO A 407 46.29 -24.65 -13.32
N HIS A 408 45.96 -24.63 -12.04
CA HIS A 408 45.20 -23.53 -11.42
C HIS A 408 46.16 -22.63 -10.66
N ILE A 409 45.62 -21.51 -10.19
CA ILE A 409 46.36 -20.50 -9.44
C ILE A 409 45.83 -20.47 -8.01
N TRP A 410 46.74 -20.35 -7.04
CA TRP A 410 46.42 -20.42 -5.63
C TRP A 410 46.29 -19.02 -5.07
N MET A 411 45.17 -18.76 -4.40
CA MET A 411 44.93 -17.47 -3.74
C MET A 411 45.36 -17.58 -2.29
N VAL A 412 46.55 -17.07 -1.98
CA VAL A 412 47.11 -17.11 -0.63
C VAL A 412 46.63 -15.84 0.07
N ASP A 413 45.44 -15.91 0.66
CA ASP A 413 44.90 -14.78 1.41
C ASP A 413 45.43 -14.74 2.84
N GLN A 414 45.92 -15.87 3.36
CA GLN A 414 46.42 -15.91 4.73
C GLN A 414 47.64 -15.01 4.88
N GLN A 415 47.92 -14.64 6.12
CA GLN A 415 49.04 -13.77 6.45
C GLN A 415 50.29 -14.60 6.74
N LEU A 416 51.45 -13.98 6.53
CA LEU A 416 52.73 -14.63 6.73
C LEU A 416 53.13 -14.49 8.20
N LEU A 417 53.37 -15.63 8.86
CA LEU A 417 53.81 -15.69 10.25
C LEU A 417 55.18 -16.36 10.35
N GLY A 418 56.07 -16.07 9.41
CA GLY A 418 57.39 -16.65 9.36
C GLY A 418 57.50 -17.91 8.53
N LYS A 419 56.39 -18.56 8.22
CA LYS A 419 56.42 -19.77 7.42
C LYS A 419 56.68 -19.44 5.95
N SER A 420 57.35 -20.36 5.25
CA SER A 420 57.68 -20.14 3.86
C SER A 420 56.43 -20.14 3.00
N LEU A 421 56.36 -19.19 2.07
CA LEU A 421 55.18 -19.05 1.21
C LEU A 421 55.03 -20.22 0.25
N GLN A 422 56.09 -21.00 0.01
CA GLN A 422 56.00 -22.10 -0.94
C GLN A 422 55.04 -23.17 -0.44
N ASP A 423 55.00 -23.39 0.87
CA ASP A 423 54.16 -24.43 1.47
C ASP A 423 52.81 -23.93 1.94
N VAL A 424 52.58 -22.61 1.94
CA VAL A 424 51.28 -22.09 2.35
C VAL A 424 50.22 -22.53 1.34
N LYS A 425 49.08 -22.96 1.86
CA LYS A 425 47.99 -23.48 1.06
C LYS A 425 46.91 -22.42 0.91
N GLY A 426 46.24 -22.40 -0.24
CA GLY A 426 45.18 -21.45 -0.48
C GLY A 426 44.10 -22.07 -1.36
N GLN A 427 43.15 -21.22 -1.75
CA GLN A 427 42.06 -21.66 -2.60
C GLN A 427 42.47 -21.58 -4.06
N GLU A 428 42.24 -22.68 -4.80
CA GLU A 428 42.54 -22.69 -6.22
C GLU A 428 41.58 -21.76 -6.97
N VAL A 429 42.09 -21.15 -8.03
CA VAL A 429 41.31 -20.29 -8.91
C VAL A 429 41.64 -20.67 -10.34
N PRO A 430 40.67 -20.86 -11.24
CA PRO A 430 41.01 -21.24 -12.61
C PRO A 430 41.58 -20.07 -13.37
N ARG A 431 42.61 -20.34 -14.18
CA ARG A 431 43.20 -19.29 -14.99
C ARG A 431 42.19 -18.80 -16.02
N PRO A 432 42.21 -17.51 -16.42
CA PRO A 432 41.24 -17.05 -17.42
C PRO A 432 41.43 -17.70 -18.78
N GLN A 433 40.58 -17.33 -19.75
CA GLN A 433 40.65 -17.88 -21.09
C GLN A 433 41.84 -17.38 -21.90
N THR A 434 42.66 -16.49 -21.33
CA THR A 434 43.92 -16.01 -21.89
C THR A 434 43.71 -14.97 -23.00
N ASP A 435 42.48 -14.66 -23.39
CA ASP A 435 42.20 -13.67 -24.43
C ASP A 435 42.90 -14.07 -25.75
N PHE A 436 42.41 -15.19 -26.30
CA PHE A 436 43.06 -15.83 -27.44
C PHE A 436 43.17 -14.88 -28.64
N LEU A 437 42.29 -13.88 -28.73
CA LEU A 437 42.41 -12.88 -29.80
C LEU A 437 43.73 -12.13 -29.70
N GLU A 438 44.02 -11.58 -28.52
CA GLU A 438 45.28 -10.86 -28.33
C GLU A 438 46.48 -11.81 -28.38
N LEU A 439 46.29 -13.08 -28.02
CA LEU A 439 47.36 -14.06 -28.05
C LEU A 439 47.61 -14.63 -29.45
N SER A 440 46.71 -14.40 -30.40
CA SER A 440 46.82 -15.01 -31.72
C SER A 440 47.84 -14.33 -32.63
N ARG A 441 48.66 -13.42 -32.13
CA ARG A 441 49.66 -12.76 -32.96
C ARG A 441 50.81 -13.72 -33.27
N LEU A 442 51.78 -13.26 -34.04
CA LEU A 442 52.91 -14.09 -34.43
C LEU A 442 53.89 -14.24 -33.27
N SER A 470 76.21 -25.38 -6.52
CA SER A 470 75.31 -26.19 -7.33
C SER A 470 74.05 -26.53 -6.56
N ARG A 471 74.19 -27.36 -5.52
CA ARG A 471 73.10 -27.78 -4.67
C ARG A 471 73.00 -26.97 -3.38
N ASP A 472 73.39 -25.70 -3.41
CA ASP A 472 73.34 -24.83 -2.24
C ASP A 472 72.04 -24.03 -2.17
N SER A 473 70.94 -24.61 -2.65
CA SER A 473 69.68 -23.89 -2.70
C SER A 473 69.16 -23.64 -1.27
N PRO A 474 68.16 -22.77 -1.10
CA PRO A 474 67.58 -22.55 0.22
C PRO A 474 66.83 -23.75 0.80
N ASP A 475 66.61 -24.80 0.02
CA ASP A 475 65.96 -26.06 0.42
C ASP A 475 64.44 -25.96 0.47
N TRP A 476 63.84 -24.79 0.19
CA TRP A 476 62.39 -24.68 0.03
C TRP A 476 61.95 -24.61 -1.43
N CYS A 477 62.89 -24.61 -2.37
CA CYS A 477 62.58 -24.64 -3.80
C CYS A 477 62.89 -26.04 -4.33
N GLN A 478 62.21 -26.42 -5.41
CA GLN A 478 62.46 -27.72 -6.03
C GLN A 478 63.40 -27.59 -7.22
N CYS A 479 63.49 -26.40 -7.81
CA CYS A 479 64.39 -26.14 -8.92
C CYS A 479 65.81 -25.92 -8.41
N GLY A 480 66.69 -25.39 -9.27
CA GLY A 480 68.06 -25.10 -8.89
C GLY A 480 68.43 -23.63 -9.02
N ASN A 481 67.61 -22.85 -9.71
CA ASN A 481 67.94 -21.46 -10.01
C ASN A 481 67.50 -20.48 -8.93
N CYS A 482 66.85 -20.94 -7.86
CA CYS A 482 66.45 -20.03 -6.80
C CYS A 482 67.67 -19.47 -6.08
N LEU A 483 67.44 -18.43 -5.29
CA LEU A 483 68.47 -17.75 -4.53
C LEU A 483 67.84 -17.21 -3.26
N PRO A 484 68.57 -17.16 -2.13
CA PRO A 484 67.99 -16.56 -0.93
C PRO A 484 67.70 -15.08 -1.15
N SER A 485 66.60 -14.62 -0.54
CA SER A 485 66.12 -13.26 -0.70
C SER A 485 66.85 -12.34 0.27
N GLN A 486 67.12 -11.12 -0.18
CA GLN A 486 67.82 -10.11 0.61
C GLN A 486 66.81 -9.08 1.10
N LEU A 487 66.21 -9.36 2.25
CA LEU A 487 65.20 -8.50 2.83
C LEU A 487 65.25 -8.66 4.34
N PRO A 488 64.55 -7.79 5.09
CA PRO A 488 64.47 -7.99 6.53
C PRO A 488 63.83 -9.32 6.88
N GLU A 489 64.29 -9.91 7.99
CA GLU A 489 63.83 -11.24 8.38
C GLU A 489 62.34 -11.26 8.68
N ASN A 490 61.79 -10.15 9.15
CA ASN A 490 60.35 -10.11 9.43
C ASN A 490 59.53 -10.21 8.16
N ARG A 491 60.05 -9.70 7.04
CA ARG A 491 59.36 -9.71 5.76
C ARG A 491 60.12 -10.51 4.70
N ARG A 492 60.88 -11.52 5.13
CA ARG A 492 61.67 -12.31 4.19
C ARG A 492 60.87 -13.48 3.62
N ALA A 493 59.85 -13.96 4.34
CA ALA A 493 59.10 -15.11 3.89
C ALA A 493 58.26 -14.84 2.66
N LEU A 494 58.01 -13.56 2.33
CA LEU A 494 57.22 -13.23 1.16
C LEU A 494 57.90 -13.68 -0.13
N GLU A 495 59.21 -13.43 -0.24
CA GLU A 495 59.93 -13.81 -1.46
C GLU A 495 60.24 -15.30 -1.48
N GLU A 496 59.99 -16.02 -0.39
CA GLU A 496 60.30 -17.45 -0.35
C GLU A 496 59.27 -18.23 -1.15
N LEU A 497 59.41 -18.23 -2.47
CA LEU A 497 58.51 -18.93 -3.37
C LEU A 497 59.33 -19.54 -4.51
N CYS A 498 58.88 -20.69 -4.98
CA CYS A 498 59.54 -21.42 -6.06
C CYS A 498 58.63 -21.46 -7.27
N CYS A 499 59.17 -21.98 -8.37
CA CYS A 499 58.46 -22.02 -9.64
C CYS A 499 57.58 -23.25 -9.80
N ARG A 500 57.63 -24.22 -8.88
CA ARG A 500 56.84 -25.43 -9.02
C ARG A 500 56.81 -26.18 -7.69
N ARG A 501 55.89 -27.13 -7.60
CA ARG A 501 55.63 -27.81 -6.33
C ARG A 501 56.51 -29.03 -6.15
N LYS A 502 56.95 -29.65 -7.24
CA LYS A 502 57.79 -30.84 -7.23
C LYS A 502 58.99 -30.62 -8.14
N PRO A 503 60.05 -31.42 -7.98
CA PRO A 503 61.27 -31.19 -8.78
C PRO A 503 61.03 -31.37 -10.27
N GLY A 504 61.86 -30.72 -11.07
CA GLY A 504 61.77 -30.83 -12.51
C GLY A 504 62.55 -29.73 -13.18
N GLN A 505 62.14 -29.43 -14.40
CA GLN A 505 62.77 -28.36 -15.17
C GLN A 505 62.29 -27.00 -14.67
N CYS A 506 63.22 -26.06 -14.53
CA CYS A 506 62.89 -24.72 -14.09
C CYS A 506 62.21 -23.95 -15.21
N ILE A 507 61.27 -23.08 -14.84
CA ILE A 507 60.51 -22.32 -15.83
C ILE A 507 61.41 -21.33 -16.56
N THR A 508 62.49 -20.88 -15.91
CA THR A 508 63.39 -19.92 -16.56
C THR A 508 64.08 -20.50 -17.79
N THR A 509 64.22 -21.82 -17.88
CA THR A 509 64.83 -22.44 -19.04
C THR A 509 63.91 -22.52 -20.24
N SER A 510 62.65 -22.10 -20.11
CA SER A 510 61.72 -22.15 -21.22
C SER A 510 62.15 -21.20 -22.34
N GLU A 511 61.59 -21.41 -23.53
CA GLU A 511 61.95 -20.59 -24.68
C GLU A 511 61.30 -19.22 -24.63
N LEU A 512 60.10 -19.10 -24.05
CA LEU A 512 59.40 -17.83 -24.00
C LEU A 512 59.90 -16.91 -22.90
N PHE A 513 60.54 -17.47 -21.86
CA PHE A 513 61.07 -16.63 -20.79
C PHE A 513 62.15 -15.69 -21.32
N SER A 514 63.02 -16.19 -22.19
CA SER A 514 64.08 -15.36 -22.75
C SER A 514 63.54 -14.33 -23.73
N LYS A 515 62.37 -14.58 -24.31
CA LYS A 515 61.83 -13.72 -25.37
C LYS A 515 60.85 -12.67 -24.86
N ILE A 516 60.15 -12.95 -23.76
CA ILE A 516 59.08 -12.08 -23.28
C ILE A 516 59.50 -11.38 -21.99
N VAL A 517 59.98 -12.16 -21.01
CA VAL A 517 60.12 -11.65 -19.65
C VAL A 517 61.27 -10.64 -19.59
N LEU A 518 62.42 -10.96 -20.19
CA LEU A 518 63.62 -10.14 -20.05
C LEU A 518 64.33 -9.95 -21.39
N SER A 519 63.59 -9.95 -22.49
CA SER A 519 64.13 -9.57 -23.79
C SER A 519 64.17 -8.05 -23.87
N ARG A 520 65.37 -7.48 -23.83
CA ARG A 520 65.51 -6.03 -23.68
C ARG A 520 64.81 -5.27 -24.80
N GLU A 521 64.82 -5.82 -26.01
CA GLU A 521 64.09 -5.19 -27.11
C GLU A 521 62.60 -5.15 -26.84
N ALA A 522 62.05 -6.22 -26.28
CA ALA A 522 60.62 -6.26 -25.99
C ALA A 522 60.24 -5.23 -24.93
N LEU A 523 61.01 -5.16 -23.85
CA LEU A 523 60.71 -4.20 -22.79
C LEU A 523 60.89 -2.77 -23.29
N GLN A 524 61.90 -2.53 -24.14
CA GLN A 524 62.07 -1.20 -24.71
C GLN A 524 60.90 -0.83 -25.61
N LEU A 525 60.41 -1.77 -26.41
CA LEU A 525 59.24 -1.49 -27.24
C LEU A 525 58.01 -1.20 -26.40
N LEU A 526 57.82 -1.96 -25.31
CA LEU A 526 56.68 -1.72 -24.43
C LEU A 526 56.77 -0.34 -23.79
N LEU A 527 57.95 0.03 -23.29
CA LEU A 527 58.11 1.34 -22.66
C LEU A 527 57.92 2.46 -23.68
N LEU A 528 58.38 2.25 -24.91
CA LEU A 528 58.14 3.24 -25.96
C LEU A 528 56.65 3.35 -26.26
N TYR A 529 55.93 2.22 -26.22
CA TYR A 529 54.49 2.26 -26.40
C TYR A 529 53.82 3.05 -25.29
N GLN A 530 54.35 2.96 -24.07
CA GLN A 530 53.82 3.75 -22.96
C GLN A 530 54.36 5.18 -22.99
N GLU A 531 55.59 5.37 -23.45
CA GLU A 531 56.23 6.69 -23.48
C GLU A 531 57.29 6.67 -24.57
N PRO A 532 56.95 7.11 -25.80
CA PRO A 532 57.92 6.95 -26.91
C PRO A 532 59.20 7.75 -26.76
N LEU A 533 59.25 8.75 -25.88
CA LEU A 533 60.41 9.61 -25.70
C LEU A 533 61.21 9.25 -24.46
N LEU A 534 61.33 7.97 -24.15
CA LEU A 534 62.10 7.55 -22.98
C LEU A 534 63.59 7.81 -23.21
N ALA A 535 64.35 7.73 -22.11
CA ALA A 535 65.77 8.08 -22.15
C ALA A 535 66.57 7.13 -23.04
N LEU A 536 66.15 5.86 -23.10
CA LEU A 536 66.81 4.86 -23.94
C LEU A 536 68.29 4.71 -23.57
N GLU A 537 68.54 4.10 -22.40
CA GLU A 537 69.89 3.88 -21.86
C GLU A 537 70.46 5.14 -21.24
N GLY A 538 69.59 6.03 -20.78
CA GLY A 538 70.02 7.18 -20.00
C GLY A 538 70.31 6.79 -18.56
N GLU A 539 69.94 7.69 -17.65
CA GLU A 539 70.21 7.50 -16.24
C GLU A 539 69.07 6.73 -15.56
N ALA A 540 69.40 5.57 -14.99
CA ALA A 540 68.48 4.78 -14.17
C ALA A 540 67.24 4.35 -14.95
N ILE A 541 67.45 3.84 -16.17
CA ILE A 541 66.34 3.30 -16.95
C ILE A 541 66.05 1.85 -16.59
N ASN A 542 67.01 1.16 -15.97
CA ASN A 542 66.85 -0.27 -15.70
C ASN A 542 65.73 -0.53 -14.71
N SER A 543 65.38 0.46 -13.87
CA SER A 543 64.28 0.27 -12.93
C SER A 543 62.95 0.08 -13.65
N LYS A 544 62.69 0.93 -14.65
CA LYS A 544 61.44 0.80 -15.41
C LYS A 544 61.41 -0.51 -16.19
N LEU A 545 62.56 -0.91 -16.76
CA LEU A 545 62.63 -2.18 -17.46
C LEU A 545 62.35 -3.35 -16.52
N ARG A 546 62.87 -3.28 -15.29
CA ARG A 546 62.65 -4.35 -14.32
C ARG A 546 61.18 -4.41 -13.92
N HIS A 547 60.58 -3.25 -13.68
CA HIS A 547 59.15 -3.21 -13.33
C HIS A 547 58.29 -3.76 -14.46
N CYS A 548 58.63 -3.39 -15.71
CA CYS A 548 57.87 -3.88 -16.85
C CYS A 548 58.09 -5.38 -17.05
N ALA A 549 59.27 -5.90 -16.73
CA ALA A 549 59.49 -7.34 -16.80
C ALA A 549 58.68 -8.08 -15.75
N TYR A 550 58.61 -7.53 -14.54
CA TYR A 550 57.75 -8.11 -13.50
C TYR A 550 56.30 -8.13 -13.97
N ARG A 551 55.82 -7.00 -14.51
CA ARG A 551 54.44 -6.94 -15.00
C ARG A 551 54.23 -7.91 -16.16
N SER A 552 55.24 -8.09 -17.01
CA SER A 552 55.11 -9.00 -18.14
C SER A 552 54.98 -10.44 -17.66
N TYR A 553 55.82 -10.85 -16.70
CA TYR A 553 55.71 -12.20 -16.16
C TYR A 553 54.37 -12.40 -15.45
N ALA A 554 53.92 -11.37 -14.74
CA ALA A 554 52.62 -11.45 -14.05
C ALA A 554 51.49 -11.66 -15.04
N THR A 555 51.42 -10.80 -16.07
CA THR A 555 50.39 -10.93 -17.10
C THR A 555 50.54 -12.23 -17.89
N TRP A 556 51.75 -12.78 -17.96
CA TRP A 556 51.96 -14.06 -18.63
C TRP A 556 51.33 -15.19 -17.83
N ARG A 557 51.75 -15.36 -16.58
CA ARG A 557 51.21 -16.43 -15.75
C ARG A 557 49.83 -16.10 -15.20
N PHE A 558 49.65 -14.89 -14.71
CA PHE A 558 48.38 -14.42 -14.16
C PHE A 558 47.74 -13.48 -15.18
N VAL A 559 46.83 -14.02 -15.98
CA VAL A 559 46.38 -13.30 -17.18
C VAL A 559 45.61 -12.05 -16.79
N SER A 560 44.60 -12.19 -15.93
CA SER A 560 43.79 -11.06 -15.54
C SER A 560 44.63 -10.03 -14.77
N GLN A 561 44.42 -8.75 -15.10
CA GLN A 561 45.16 -7.69 -14.43
C GLN A 561 44.87 -7.64 -12.94
N ASP A 562 43.68 -8.09 -12.52
CA ASP A 562 43.39 -8.18 -11.10
C ASP A 562 44.29 -9.21 -10.42
N MET A 563 44.60 -10.30 -11.12
CA MET A 563 45.49 -11.33 -10.60
C MET A 563 46.96 -11.06 -10.91
N ALA A 564 47.24 -10.32 -11.99
CA ALA A 564 48.61 -9.89 -12.26
C ALA A 564 49.13 -9.02 -11.12
N ASP A 565 48.34 -8.05 -10.70
CA ASP A 565 48.62 -7.34 -9.46
C ASP A 565 48.47 -8.31 -8.29
N PHE A 566 49.19 -8.05 -7.20
CA PHE A 566 49.22 -8.92 -6.03
C PHE A 566 49.78 -10.30 -6.35
N ALA A 567 50.60 -10.41 -7.40
CA ALA A 567 51.26 -11.66 -7.74
C ALA A 567 52.67 -11.66 -7.15
N ILE A 568 53.13 -12.84 -6.72
CA ILE A 568 54.44 -13.03 -6.13
C ILE A 568 55.25 -13.90 -7.08
N LEU A 569 56.31 -13.31 -7.64
CA LEU A 569 57.15 -14.05 -8.57
C LEU A 569 58.06 -15.01 -7.80
N PRO A 570 58.52 -16.09 -8.42
CA PRO A 570 59.48 -16.96 -7.74
C PRO A 570 60.87 -16.36 -7.68
N SER A 571 61.69 -16.90 -6.78
CA SER A 571 63.03 -16.39 -6.59
C SER A 571 63.89 -16.57 -7.85
N CYS A 572 63.72 -17.69 -8.55
CA CYS A 572 64.56 -17.97 -9.72
C CYS A 572 64.30 -16.97 -10.83
N CYS A 573 63.03 -16.63 -11.07
CA CYS A 573 62.70 -15.65 -12.11
C CYS A 573 62.98 -14.23 -11.63
N ARG A 574 62.69 -13.95 -10.35
CA ARG A 574 62.92 -12.63 -9.79
C ARG A 574 64.40 -12.24 -9.90
N TRP A 575 65.29 -13.12 -9.42
CA TRP A 575 66.71 -12.81 -9.46
C TRP A 575 67.28 -12.91 -10.86
N LYS A 576 66.69 -13.70 -11.75
CA LYS A 576 67.08 -13.64 -13.15
C LYS A 576 66.81 -12.26 -13.74
N ILE A 577 65.59 -11.75 -13.51
CA ILE A 577 65.23 -10.42 -14.00
C ILE A 577 66.12 -9.36 -13.39
N ARG A 578 66.43 -9.50 -12.10
CA ARG A 578 67.31 -8.54 -11.43
C ARG A 578 68.73 -8.61 -11.99
N LYS A 579 69.19 -9.81 -12.35
CA LYS A 579 70.50 -9.95 -12.97
C LYS A 579 70.53 -9.28 -14.33
N GLU A 580 69.45 -9.43 -15.11
CA GLU A 580 69.40 -8.79 -16.42
C GLU A 580 69.31 -7.27 -16.31
N PHE A 581 68.74 -6.76 -15.20
CA PHE A 581 68.57 -5.32 -14.98
C PHE A 581 68.97 -5.02 -13.53
N PRO A 582 70.26 -5.02 -13.22
CA PRO A 582 70.68 -4.82 -11.83
C PRO A 582 70.40 -3.40 -11.34
N LYS A 583 70.46 -3.26 -10.02
CA LYS A 583 70.38 -1.96 -9.34
C LYS A 583 71.73 -1.69 -8.70
N THR A 584 72.34 -0.55 -9.07
CA THR A 584 73.73 -0.30 -8.70
C THR A 584 73.88 0.03 -7.21
N GLN A 585 73.27 1.14 -6.78
CA GLN A 585 73.52 1.72 -5.46
C GLN A 585 72.28 1.67 -4.57
N GLY A 586 71.59 0.54 -4.56
CA GLY A 586 70.43 0.39 -3.70
C GLY A 586 69.94 -1.05 -3.67
N GLN A 587 69.24 -1.37 -2.58
CA GLN A 587 68.65 -2.69 -2.42
C GLN A 587 67.36 -2.78 -3.23
N TYR A 588 66.94 -4.02 -3.48
CA TYR A 588 65.75 -4.30 -4.27
C TYR A 588 64.54 -4.35 -3.34
N SER A 589 63.64 -3.38 -3.49
CA SER A 589 62.41 -3.38 -2.72
C SER A 589 61.44 -4.41 -3.29
N GLY A 590 60.95 -5.28 -2.42
CA GLY A 590 60.07 -6.35 -2.83
C GLY A 590 58.69 -5.85 -3.23
N PHE A 591 57.73 -6.77 -3.18
CA PHE A 591 56.36 -6.44 -3.52
C PHE A 591 55.78 -5.43 -2.54
N LYS A 592 55.10 -4.41 -3.07
CA LYS A 592 54.48 -3.36 -2.29
C LYS A 592 53.02 -3.25 -2.65
N TYR A 593 52.18 -2.96 -1.65
CA TYR A 593 50.76 -2.81 -1.88
C TYR A 593 50.51 -1.63 -2.83
N PRO A 594 49.99 -1.86 -4.06
CA PRO A 594 49.90 -0.74 -5.01
C PRO A 594 48.87 0.31 -4.62
N TYR A 595 47.70 -0.13 -4.18
CA TYR A 595 46.62 0.79 -3.84
C TYR A 595 46.86 1.41 -2.47
N CYS B 4 28.33 -26.55 -2.71
CA CYS B 4 27.21 -25.61 -2.82
C CYS B 4 27.40 -24.43 -1.89
N CYS B 5 27.17 -24.65 -0.60
CA CYS B 5 27.26 -23.60 0.41
C CYS B 5 28.64 -23.62 1.05
N SER B 6 29.29 -22.44 1.09
CA SER B 6 30.58 -22.25 1.73
C SER B 6 30.53 -21.00 2.58
N TRP B 7 31.46 -20.91 3.54
CA TRP B 7 31.47 -19.76 4.43
C TRP B 7 31.84 -18.48 3.69
N ASN B 8 32.64 -18.59 2.63
CA ASN B 8 32.95 -17.44 1.80
C ASN B 8 31.78 -17.04 0.90
N ASP B 9 30.91 -17.99 0.56
CA ASP B 9 29.76 -17.69 -0.28
C ASP B 9 28.74 -16.81 0.43
N VAL B 10 28.74 -16.78 1.76
CA VAL B 10 27.78 -15.97 2.50
C VAL B 10 28.14 -14.49 2.40
N PHE B 11 29.44 -14.18 2.42
CA PHE B 11 29.91 -12.80 2.40
C PHE B 11 30.04 -12.24 0.99
N GLN B 12 29.42 -12.86 -0.01
CA GLN B 12 29.46 -12.35 -1.38
C GLN B 12 28.39 -11.30 -1.57
N TYR B 13 28.77 -10.21 -2.26
CA TYR B 13 27.86 -9.13 -2.59
C TYR B 13 28.08 -8.74 -4.04
N GLU B 14 26.98 -8.45 -4.74
CA GLU B 14 26.99 -8.20 -6.18
C GLU B 14 26.58 -6.75 -6.46
N THR B 15 27.48 -6.00 -7.08
CA THR B 15 27.19 -4.66 -7.58
C THR B 15 26.79 -4.74 -9.04
N ASN B 16 25.72 -4.03 -9.39
CA ASN B 16 25.26 -3.99 -10.77
C ASN B 16 26.20 -3.16 -11.62
N LYS B 17 26.73 -3.76 -12.69
CA LYS B 17 27.58 -3.03 -13.61
C LYS B 17 26.77 -1.93 -14.31
N VAL B 18 27.35 -0.74 -14.41
CA VAL B 18 26.72 0.40 -15.05
C VAL B 18 27.76 1.14 -15.87
N THR B 19 27.27 1.99 -16.76
CA THR B 19 28.10 2.90 -17.55
C THR B 19 27.53 4.31 -17.37
N ARG B 20 28.38 5.23 -16.93
CA ARG B 20 27.95 6.59 -16.59
C ARG B 20 27.96 7.43 -17.86
N ILE B 21 26.77 7.73 -18.37
CA ILE B 21 26.61 8.55 -19.56
C ILE B 21 26.69 10.02 -19.15
N GLN B 22 27.42 10.80 -19.95
CA GLN B 22 27.59 12.24 -19.72
C GLN B 22 26.84 12.98 -20.83
N SER B 23 25.59 13.35 -20.54
CA SER B 23 24.76 14.05 -21.51
C SER B 23 23.76 14.92 -20.76
N VAL B 24 23.50 16.12 -21.28
CA VAL B 24 22.61 17.05 -20.60
C VAL B 24 21.16 16.62 -20.75
N ASN B 25 20.80 16.03 -21.89
CA ASN B 25 19.41 15.66 -22.14
C ASN B 25 18.94 14.58 -21.17
N TYR B 26 19.69 13.47 -21.09
CA TYR B 26 19.31 12.37 -20.22
C TYR B 26 19.28 12.80 -18.76
N GLY B 27 20.31 13.52 -18.31
CA GLY B 27 20.33 13.99 -16.94
C GLY B 27 19.17 14.92 -16.62
N THR B 28 18.83 15.81 -17.56
CA THR B 28 17.73 16.73 -17.35
C THR B 28 16.41 15.98 -17.22
N ILE B 29 16.14 15.04 -18.13
CA ILE B 29 14.86 14.33 -18.05
C ILE B 29 14.83 13.45 -16.80
N LYS B 30 15.97 12.87 -16.42
CA LYS B 30 16.04 12.09 -15.19
C LYS B 30 15.67 12.93 -13.98
N TRP B 31 16.32 14.10 -13.85
CA TRP B 31 16.11 14.92 -12.66
C TRP B 31 14.70 15.51 -12.63
N ILE B 32 14.17 15.95 -13.77
CA ILE B 32 12.83 16.52 -13.74
C ILE B 32 11.78 15.44 -13.50
N LEU B 33 11.99 14.22 -14.02
CA LEU B 33 11.05 13.14 -13.72
C LEU B 33 11.10 12.76 -12.24
N HIS B 34 12.30 12.67 -11.67
CA HIS B 34 12.42 12.39 -10.25
C HIS B 34 11.77 13.47 -9.41
N MET B 35 11.98 14.74 -9.78
CA MET B 35 11.36 15.84 -9.03
C MET B 35 9.85 15.81 -9.15
N THR B 36 9.33 15.47 -10.33
CA THR B 36 7.88 15.43 -10.52
C THR B 36 7.25 14.32 -9.69
N VAL B 37 7.84 13.11 -9.73
CA VAL B 37 7.26 12.01 -8.96
C VAL B 37 7.40 12.27 -7.46
N PHE B 38 8.52 12.86 -7.04
CA PHE B 38 8.68 13.19 -5.62
C PHE B 38 7.66 14.24 -5.19
N SER B 39 7.44 15.25 -6.03
CA SER B 39 6.47 16.30 -5.71
C SER B 39 5.06 15.72 -5.62
N TYR B 40 4.71 14.83 -6.54
CA TYR B 40 3.38 14.23 -6.50
C TYR B 40 3.22 13.34 -5.28
N VAL B 41 4.26 12.59 -4.92
CA VAL B 41 4.21 11.74 -3.75
C VAL B 41 4.02 12.57 -2.49
N SER B 42 4.81 13.65 -2.35
CA SER B 42 4.68 14.51 -1.18
C SER B 42 3.32 15.20 -1.14
N PHE B 43 2.81 15.60 -2.32
CA PHE B 43 1.51 16.26 -2.37
C PHE B 43 0.40 15.31 -1.93
N ALA B 44 0.42 14.07 -2.43
CA ALA B 44 -0.58 13.10 -2.01
C ALA B 44 -0.45 12.81 -0.51
N LEU B 45 0.78 12.68 -0.02
CA LEU B 45 1.01 12.39 1.39
C LEU B 45 0.44 13.50 2.28
N MET B 46 0.70 14.76 1.93
CA MET B 46 0.27 15.88 2.75
C MET B 46 -1.19 16.25 2.52
N SER B 47 -1.79 15.83 1.41
CA SER B 47 -3.20 16.10 1.15
C SER B 47 -4.09 15.04 1.78
N ASP B 48 -3.91 13.79 1.40
CA ASP B 48 -4.69 12.70 1.97
C ASP B 48 -4.24 12.32 3.37
N LYS B 49 -3.10 12.84 3.84
CA LYS B 49 -2.59 12.55 5.19
C LYS B 49 -2.40 11.05 5.38
N LEU B 50 -1.82 10.41 4.35
CA LEU B 50 -1.60 8.97 4.38
C LEU B 50 -0.56 8.55 5.40
N TYR B 51 0.25 9.48 5.90
CA TYR B 51 1.14 9.18 7.03
C TYR B 51 0.37 8.98 8.32
N GLN B 52 -0.88 9.40 8.39
CA GLN B 52 -1.70 9.26 9.58
C GLN B 52 -2.56 8.00 9.50
N ARG B 53 -2.59 7.25 10.60
CA ARG B 53 -3.61 6.25 10.81
C ARG B 53 -4.90 6.95 11.19
N LYS B 54 -5.97 6.64 10.47
CA LYS B 54 -7.29 7.21 10.72
C LYS B 54 -8.07 6.30 11.65
N GLU B 55 -9.06 6.89 12.33
CA GLU B 55 -9.95 6.14 13.20
C GLU B 55 -11.31 6.83 13.22
N PRO B 56 -12.42 6.10 13.16
CA PRO B 56 -13.72 6.75 13.28
C PRO B 56 -14.06 7.08 14.73
N LEU B 57 -14.78 8.18 14.90
CA LEU B 57 -15.13 8.66 16.23
C LEU B 57 -16.29 7.86 16.81
N ILE B 58 -16.48 8.00 18.12
CA ILE B 58 -17.69 7.57 18.81
C ILE B 58 -18.29 8.80 19.48
N SER B 59 -19.59 9.00 19.27
CA SER B 59 -20.26 10.25 19.57
C SER B 59 -21.35 10.05 20.62
N SER B 60 -21.65 11.13 21.33
CA SER B 60 -22.78 11.21 22.24
C SER B 60 -23.39 12.60 22.13
N VAL B 61 -24.69 12.66 21.88
CA VAL B 61 -25.39 13.91 21.62
C VAL B 61 -26.39 14.16 22.75
N HIS B 62 -26.52 15.42 23.14
CA HIS B 62 -27.50 15.86 24.13
C HIS B 62 -28.20 17.09 23.58
N THR B 63 -29.51 17.00 23.40
CA THR B 63 -30.31 18.07 22.79
C THR B 63 -31.13 18.77 23.87
N LYS B 64 -31.29 20.08 23.71
CA LYS B 64 -32.16 20.88 24.57
C LYS B 64 -32.92 21.87 23.71
N VAL B 65 -34.24 21.67 23.61
CA VAL B 65 -35.10 22.52 22.81
C VAL B 65 -35.82 23.49 23.75
N LYS B 66 -35.60 24.79 23.52
CA LYS B 66 -36.23 25.84 24.30
C LYS B 66 -37.05 26.73 23.38
N GLY B 67 -38.25 27.07 23.81
CA GLY B 67 -39.18 27.86 23.02
C GLY B 67 -40.59 27.37 23.27
N VAL B 68 -41.54 28.30 23.22
CA VAL B 68 -42.94 28.01 23.49
C VAL B 68 -43.79 28.64 22.40
N ALA B 69 -45.04 28.18 22.29
CA ALA B 69 -45.94 28.62 21.24
C ALA B 69 -47.35 28.74 21.78
N GLU B 70 -47.96 29.92 21.61
CA GLU B 70 -49.35 30.13 21.95
C GLU B 70 -50.23 29.69 20.78
N VAL B 71 -51.36 29.06 21.10
CA VAL B 71 -52.29 28.59 20.07
C VAL B 71 -53.68 28.57 20.66
N THR B 72 -54.66 29.02 19.87
CA THR B 72 -56.06 29.06 20.26
C THR B 72 -56.82 28.00 19.49
N GLU B 73 -57.55 27.15 20.21
CA GLU B 73 -58.33 26.11 19.57
C GLU B 73 -59.44 26.71 18.72
N ASN B 74 -59.99 25.88 17.83
CA ASN B 74 -61.05 26.33 16.94
C ASN B 74 -62.32 26.62 17.73
N VAL B 75 -62.95 27.75 17.43
CA VAL B 75 -64.17 28.14 18.11
C VAL B 75 -65.33 27.29 17.62
N THR B 81 -67.10 24.05 19.70
CA THR B 81 -68.00 25.18 19.95
C THR B 81 -67.29 26.28 20.72
N LYS B 82 -67.00 26.02 21.99
CA LYS B 82 -66.33 27.00 22.83
C LYS B 82 -64.87 27.14 22.41
N LEU B 83 -64.34 28.35 22.58
CA LEU B 83 -62.96 28.66 22.24
C LEU B 83 -62.05 28.35 23.41
N VAL B 84 -60.81 27.99 23.10
CA VAL B 84 -59.79 27.67 24.10
C VAL B 84 -58.51 28.41 23.72
N HIS B 85 -57.75 28.81 24.75
CA HIS B 85 -56.47 29.48 24.58
C HIS B 85 -55.43 28.69 25.37
N GLY B 86 -54.39 28.22 24.67
CA GLY B 86 -53.41 27.34 25.28
C GLY B 86 -52.00 27.71 24.88
N ILE B 87 -51.06 27.18 25.67
CA ILE B 87 -49.64 27.37 25.46
C ILE B 87 -48.98 26.00 25.38
N PHE B 88 -48.00 25.86 24.49
CA PHE B 88 -47.26 24.62 24.29
C PHE B 88 -45.79 24.89 24.59
N ASP B 89 -45.23 24.11 25.51
CA ASP B 89 -43.85 24.21 25.94
C ASP B 89 -43.13 22.91 25.64
N THR B 90 -41.83 22.87 25.97
CA THR B 90 -41.01 21.70 25.66
C THR B 90 -41.47 20.44 26.38
N ALA B 91 -42.29 20.56 27.44
CA ALA B 91 -42.76 19.38 28.15
C ALA B 91 -43.68 18.54 27.27
N ASP B 92 -44.41 19.17 26.36
CA ASP B 92 -45.47 18.48 25.61
C ASP B 92 -45.01 18.02 24.23
N TYR B 93 -44.47 18.92 23.40
CA TYR B 93 -44.13 18.53 22.04
C TYR B 93 -42.83 17.74 22.00
N THR B 94 -41.88 18.07 22.89
CA THR B 94 -40.65 17.31 22.95
C THR B 94 -40.88 15.95 23.61
N LEU B 95 -40.05 14.99 23.23
CA LEU B 95 -40.17 13.61 23.67
C LEU B 95 -39.13 13.32 24.76
N PRO B 96 -39.29 12.21 25.49
CA PRO B 96 -38.31 11.94 26.57
C PRO B 96 -36.96 11.47 26.08
N LEU B 97 -36.78 11.30 24.77
CA LEU B 97 -35.50 10.82 24.25
C LEU B 97 -34.37 11.78 24.59
N GLN B 98 -34.41 12.99 24.04
CA GLN B 98 -33.49 14.06 24.34
C GLN B 98 -32.03 13.71 24.02
N GLY B 99 -31.79 12.73 23.15
CA GLY B 99 -30.44 12.37 22.77
C GLY B 99 -30.35 11.75 21.38
N ASN B 100 -29.57 12.39 20.51
CA ASN B 100 -29.30 11.94 19.14
C ASN B 100 -30.50 12.12 18.19
N SER B 101 -31.64 12.55 18.71
CA SER B 101 -32.82 12.80 17.88
C SER B 101 -33.87 13.47 18.75
N PHE B 102 -34.59 14.42 18.18
CA PHE B 102 -35.67 15.10 18.89
C PHE B 102 -36.77 15.47 17.91
N PHE B 103 -37.98 15.60 18.45
CA PHE B 103 -39.18 15.90 17.69
C PHE B 103 -39.69 17.28 18.07
N VAL B 104 -40.14 18.04 17.06
CA VAL B 104 -40.71 19.37 17.25
C VAL B 104 -42.05 19.37 16.54
N MET B 105 -43.13 19.44 17.32
CA MET B 105 -44.47 19.38 16.74
C MET B 105 -44.77 20.68 16.00
N THR B 106 -45.42 20.54 14.83
CA THR B 106 -45.81 21.67 14.01
C THR B 106 -47.25 21.56 13.50
N ASN B 107 -48.01 20.57 13.98
CA ASN B 107 -49.43 20.45 13.67
C ASN B 107 -49.99 19.34 14.53
N TYR B 108 -51.28 19.44 14.83
CA TYR B 108 -51.90 18.46 15.72
C TYR B 108 -53.40 18.39 15.45
N LEU B 109 -53.91 17.17 15.45
CA LEU B 109 -55.34 16.89 15.48
C LEU B 109 -55.63 16.12 16.76
N LYS B 110 -56.85 16.24 17.29
CA LYS B 110 -57.21 15.64 18.57
C LYS B 110 -58.63 15.10 18.52
N SER B 111 -58.85 13.98 19.20
CA SER B 111 -60.17 13.39 19.38
C SER B 111 -60.30 12.99 20.85
N GLU B 112 -61.30 13.55 21.53
CA GLU B 112 -61.46 13.40 22.96
C GLU B 112 -62.19 12.12 23.33
N GLY B 113 -63.36 11.90 22.74
CA GLY B 113 -64.20 10.77 23.09
C GLY B 113 -63.85 9.49 22.35
N GLN B 114 -62.57 9.18 22.24
CA GLN B 114 -62.14 7.96 21.59
C GLN B 114 -62.51 6.74 22.43
N GLU B 115 -63.40 5.91 21.89
CA GLU B 115 -63.85 4.72 22.59
C GLU B 115 -64.29 3.68 21.56
N GLN B 116 -64.35 2.42 22.01
CA GLN B 116 -64.66 1.31 21.12
C GLN B 116 -66.16 1.15 20.94
N LYS B 117 -66.59 1.10 19.68
CA LYS B 117 -67.99 0.85 19.34
C LYS B 117 -68.05 0.61 17.84
N LEU B 118 -69.26 0.40 17.33
CA LEU B 118 -69.50 0.00 15.94
C LEU B 118 -69.89 1.18 15.06
N CYS B 119 -69.34 2.37 15.31
CA CYS B 119 -69.64 3.53 14.50
C CYS B 119 -68.80 3.50 13.22
N PRO B 120 -69.15 4.32 12.22
CA PRO B 120 -68.39 4.29 10.95
C PRO B 120 -67.12 5.12 10.99
N GLU B 121 -66.40 5.16 9.87
CA GLU B 121 -65.13 5.87 9.76
C GLU B 121 -65.31 7.20 9.03
N TYR B 122 -64.29 8.03 9.11
CA TYR B 122 -64.31 9.31 8.42
C TYR B 122 -64.18 9.08 6.91
N PRO B 123 -64.94 9.80 6.08
CA PRO B 123 -64.83 9.59 4.63
C PRO B 123 -63.67 10.37 4.05
N SER B 124 -62.69 9.65 3.49
CA SER B 124 -61.56 10.28 2.84
C SER B 124 -61.94 10.63 1.40
N ARG B 125 -60.94 10.98 0.58
CA ARG B 125 -61.20 11.29 -0.81
C ARG B 125 -61.73 10.06 -1.55
N GLY B 126 -61.02 8.94 -1.44
CA GLY B 126 -61.41 7.71 -2.09
C GLY B 126 -62.22 6.79 -1.20
N LYS B 127 -62.12 6.96 0.12
CA LYS B 127 -62.80 6.08 1.06
C LYS B 127 -64.32 6.28 1.06
N GLN B 128 -64.83 7.33 0.43
CA GLN B 128 -66.27 7.56 0.38
C GLN B 128 -66.95 6.43 -0.38
N CYS B 129 -67.74 5.62 0.34
CA CYS B 129 -68.42 4.45 -0.22
C CYS B 129 -69.92 4.68 -0.13
N HIS B 130 -70.58 4.69 -1.30
CA HIS B 130 -72.02 4.86 -1.39
C HIS B 130 -72.80 3.56 -1.44
N SER B 131 -72.13 2.43 -1.71
CA SER B 131 -72.82 1.15 -1.79
C SER B 131 -73.37 0.75 -0.43
N ASP B 132 -74.44 -0.05 -0.45
CA ASP B 132 -75.09 -0.53 0.76
C ASP B 132 -74.65 -1.96 1.03
N GLN B 133 -73.98 -2.17 2.17
CA GLN B 133 -73.48 -3.47 2.58
C GLN B 133 -72.52 -4.07 1.55
N GLY B 134 -71.76 -3.21 0.86
CA GLY B 134 -70.82 -3.69 -0.15
C GLY B 134 -69.42 -3.94 0.36
N CYS B 135 -69.05 -3.35 1.50
CA CYS B 135 -67.70 -3.52 2.02
C CYS B 135 -67.49 -4.96 2.48
N ILE B 136 -66.22 -5.36 2.56
CA ILE B 136 -65.85 -6.71 2.94
C ILE B 136 -66.19 -6.94 4.40
N LYS B 137 -66.43 -8.20 4.76
CA LYS B 137 -66.75 -8.60 6.13
C LYS B 137 -65.51 -9.23 6.77
N GLY B 138 -65.09 -8.70 7.91
CA GLY B 138 -63.90 -9.19 8.58
C GLY B 138 -62.66 -9.00 7.76
N TRP B 139 -62.48 -7.79 7.23
CA TRP B 139 -61.34 -7.52 6.35
C TRP B 139 -60.08 -7.19 7.12
N MET B 140 -60.21 -6.58 8.31
CA MET B 140 -59.07 -6.12 9.10
C MET B 140 -58.23 -5.13 8.30
N ASP B 141 -58.86 -4.00 7.97
CA ASP B 141 -58.23 -2.99 7.14
C ASP B 141 -57.01 -2.41 7.84
N PRO B 142 -55.87 -2.22 7.13
CA PRO B 142 -54.80 -1.38 7.71
C PRO B 142 -55.15 0.10 7.68
N GLN B 143 -55.99 0.50 6.72
CA GLN B 143 -56.38 1.91 6.63
C GLN B 143 -57.17 2.35 7.85
N SER B 144 -58.30 1.71 8.11
CA SER B 144 -59.11 1.99 9.30
C SER B 144 -58.63 1.08 10.42
N LYS B 145 -58.64 1.59 11.65
CA LYS B 145 -58.00 0.89 12.75
C LYS B 145 -58.81 -0.32 13.23
N GLY B 146 -60.06 -0.44 12.76
CA GLY B 146 -60.94 -1.49 13.26
C GLY B 146 -61.26 -2.52 12.19
N ILE B 147 -61.59 -3.74 12.66
CA ILE B 147 -62.06 -4.79 11.76
C ILE B 147 -63.54 -4.56 11.50
N GLN B 148 -63.94 -4.72 10.24
CA GLN B 148 -65.23 -4.24 9.75
C GLN B 148 -66.09 -5.40 9.26
N THR B 149 -67.32 -5.45 9.76
CA THR B 149 -68.43 -6.06 9.05
C THR B 149 -69.12 -4.95 8.27
N GLY B 150 -69.43 -5.20 6.99
CA GLY B 150 -69.74 -4.13 6.06
C GLY B 150 -70.82 -3.16 6.49
N ARG B 151 -72.09 -3.60 6.47
CA ARG B 151 -73.25 -2.84 6.93
C ARG B 151 -73.20 -1.37 6.55
N CYS B 152 -72.78 -1.06 5.33
CA CYS B 152 -72.53 0.33 4.95
C CYS B 152 -73.84 1.12 4.93
N ILE B 153 -73.91 2.15 5.77
CA ILE B 153 -75.07 3.03 5.84
C ILE B 153 -74.61 4.45 6.09
N PRO B 154 -75.47 5.44 5.82
CA PRO B 154 -75.05 6.84 5.96
C PRO B 154 -75.15 7.35 7.38
N TYR B 155 -74.11 8.06 7.83
CA TYR B 155 -74.12 8.79 9.09
C TYR B 155 -73.86 10.27 8.89
N ASP B 156 -73.17 10.64 7.82
CA ASP B 156 -73.01 12.04 7.45
C ASP B 156 -74.24 12.53 6.72
N GLN B 157 -74.17 13.77 6.22
CA GLN B 157 -75.30 14.35 5.52
C GLN B 157 -75.40 13.82 4.09
N LYS B 158 -74.34 14.00 3.29
CA LYS B 158 -74.32 13.61 1.89
C LYS B 158 -73.18 12.64 1.57
N ARG B 159 -72.94 11.67 2.44
CA ARG B 159 -71.89 10.68 2.23
C ARG B 159 -72.03 9.60 3.30
N LYS B 160 -71.34 8.48 3.09
CA LYS B 160 -71.45 7.31 3.95
C LYS B 160 -70.10 6.60 4.03
N THR B 161 -70.04 5.64 4.95
CA THR B 161 -68.83 4.85 5.15
C THR B 161 -69.21 3.50 5.74
N CYS B 162 -68.30 2.54 5.62
CA CYS B 162 -68.56 1.20 6.14
C CYS B 162 -68.62 1.22 7.66
N GLU B 163 -69.22 0.18 8.22
CA GLU B 163 -69.28 0.02 9.67
C GLU B 163 -67.98 -0.58 10.19
N ILE B 164 -67.27 0.18 11.02
CA ILE B 164 -65.95 -0.19 11.51
C ILE B 164 -66.03 -0.39 13.02
N PHE B 165 -65.18 -1.29 13.52
CA PHE B 165 -65.05 -1.58 14.94
C PHE B 165 -63.89 -0.84 15.57
N ALA B 166 -63.53 0.33 15.03
CA ALA B 166 -62.38 1.08 15.52
C ALA B 166 -62.77 1.95 16.71
N TRP B 167 -61.77 2.62 17.27
CA TRP B 167 -62.02 3.66 18.25
C TRP B 167 -62.77 4.81 17.58
N CYS B 168 -63.91 5.17 18.16
CA CYS B 168 -64.87 6.09 17.55
C CYS B 168 -65.03 7.32 18.42
N PRO B 169 -65.58 8.42 17.87
CA PRO B 169 -66.04 8.69 16.49
C PRO B 169 -65.07 9.46 15.61
N ALA B 170 -64.81 8.94 14.41
CA ALA B 170 -64.18 9.67 13.31
C ALA B 170 -62.81 10.23 13.72
N GLU B 171 -61.90 9.29 14.01
CA GLU B 171 -60.55 9.63 14.43
C GLU B 171 -59.58 9.71 13.25
N GLU B 172 -59.47 8.64 12.47
CA GLU B 172 -58.53 8.59 11.36
C GLU B 172 -59.15 9.24 10.13
N GLY B 173 -58.39 9.21 9.02
CA GLY B 173 -58.86 9.69 7.74
C GLY B 173 -58.92 11.18 7.56
N LYS B 174 -58.70 11.97 8.61
CA LYS B 174 -58.82 13.42 8.50
C LYS B 174 -57.49 14.03 8.05
N GLU B 175 -57.58 15.03 7.18
CA GLU B 175 -56.40 15.71 6.68
C GLU B 175 -55.91 16.74 7.70
N ALA B 176 -54.69 17.23 7.47
CA ALA B 176 -54.09 18.21 8.37
C ALA B 176 -54.60 19.61 8.06
N PRO B 177 -54.58 20.53 9.03
CA PRO B 177 -55.04 21.90 8.74
C PRO B 177 -54.07 22.64 7.85
N ARG B 178 -54.58 23.67 7.17
CA ARG B 178 -53.79 24.52 6.29
C ARG B 178 -54.37 25.92 6.39
N PRO B 179 -53.63 26.91 6.95
CA PRO B 179 -52.24 26.95 7.45
C PRO B 179 -51.98 26.05 8.64
N ALA B 180 -50.71 25.84 8.95
CA ALA B 180 -50.31 24.93 10.01
C ALA B 180 -50.48 25.56 11.37
N LEU B 181 -50.85 24.75 12.36
CA LEU B 181 -50.88 25.21 13.74
C LEU B 181 -49.47 25.24 14.32
N LEU B 182 -49.28 26.04 15.36
CA LEU B 182 -47.96 26.23 15.98
C LEU B 182 -46.94 26.73 14.97
N ARG B 183 -47.31 27.78 14.22
CA ARG B 183 -46.35 28.44 13.35
C ARG B 183 -45.25 29.15 14.13
N SER B 184 -45.48 29.39 15.43
CA SER B 184 -44.46 29.97 16.30
C SER B 184 -43.31 29.00 16.57
N ALA B 185 -43.45 27.74 16.15
CA ALA B 185 -42.37 26.76 16.29
C ALA B 185 -41.34 26.86 15.17
N GLU B 186 -40.83 28.06 14.90
CA GLU B 186 -39.74 28.30 13.97
C GLU B 186 -38.62 29.11 14.58
N ASN B 187 -38.94 29.98 15.53
CA ASN B 187 -37.94 30.68 16.33
C ASN B 187 -37.44 29.86 17.51
N PHE B 188 -37.89 28.61 17.64
CA PHE B 188 -37.41 27.75 18.72
C PHE B 188 -35.91 27.53 18.57
N THR B 189 -35.24 27.34 19.71
CA THR B 189 -33.79 27.26 19.78
C THR B 189 -33.38 25.87 20.26
N VAL B 190 -32.37 25.31 19.60
CA VAL B 190 -31.83 24.00 19.92
C VAL B 190 -30.39 24.16 20.37
N LEU B 191 -30.07 23.64 21.55
CA LEU B 191 -28.70 23.53 22.04
C LEU B 191 -28.27 22.08 21.90
N ILE B 192 -27.20 21.86 21.14
CA ILE B 192 -26.69 20.52 20.85
C ILE B 192 -25.30 20.41 21.46
N LYS B 193 -25.17 19.56 22.47
CA LYS B 193 -23.89 19.26 23.13
C LYS B 193 -23.42 17.91 22.63
N ASN B 194 -22.37 17.91 21.82
CA ASN B 194 -21.85 16.71 21.19
C ASN B 194 -20.44 16.41 21.71
N ASN B 195 -20.30 15.27 22.37
CA ASN B 195 -19.01 14.80 22.87
C ASN B 195 -18.54 13.63 22.02
N ILE B 196 -17.37 13.78 21.40
CA ILE B 196 -16.81 12.76 20.52
C ILE B 196 -15.50 12.26 21.12
N ASP B 197 -15.15 11.02 20.79
CA ASP B 197 -13.96 10.37 21.31
C ASP B 197 -13.32 9.49 20.24
N PHE B 198 -11.98 9.49 20.24
CA PHE B 198 -11.17 8.56 19.45
C PHE B 198 -10.48 7.63 20.44
N PRO B 199 -11.02 6.43 20.69
CA PRO B 199 -10.44 5.59 21.76
C PRO B 199 -9.08 5.02 21.40
N GLY B 200 -8.89 4.59 20.14
CA GLY B 200 -7.58 4.07 19.75
C GLY B 200 -6.49 5.11 19.86
N HIS B 201 -6.76 6.33 19.38
CA HIS B 201 -5.86 7.45 19.59
C HIS B 201 -5.98 8.04 20.99
N ASN B 202 -7.05 7.74 21.71
CA ASN B 202 -7.26 8.23 23.07
C ASN B 202 -7.30 9.75 23.11
N TYR B 203 -8.30 10.32 22.44
CA TYR B 203 -8.53 11.76 22.41
C TYR B 203 -10.01 12.04 22.51
N THR B 204 -10.42 12.67 23.60
CA THR B 204 -11.81 13.05 23.83
C THR B 204 -11.95 14.56 23.69
N THR B 205 -13.01 14.99 23.02
CA THR B 205 -13.31 16.41 22.90
C THR B 205 -14.83 16.58 22.80
N ARG B 206 -15.26 17.84 22.73
CA ARG B 206 -16.68 18.14 22.74
C ARG B 206 -16.94 19.40 21.92
N ASN B 207 -18.21 19.60 21.58
CA ASN B 207 -18.60 20.73 20.75
C ASN B 207 -18.34 22.05 21.45
N ILE B 208 -18.77 22.17 22.70
CA ILE B 208 -18.69 23.42 23.45
C ILE B 208 -17.39 23.43 24.25
N LEU B 209 -16.69 24.55 24.21
CA LEU B 209 -15.42 24.75 24.89
C LEU B 209 -15.55 25.95 25.83
N PRO B 210 -14.62 26.12 26.75
CA PRO B 210 -14.67 27.32 27.60
C PRO B 210 -14.49 28.60 26.78
N GLY B 211 -15.24 29.63 27.16
CA GLY B 211 -15.14 30.92 26.51
C GLY B 211 -16.11 31.15 25.38
N MET B 212 -16.82 30.11 24.93
CA MET B 212 -17.78 30.29 23.84
C MET B 212 -18.96 31.13 24.31
N ASN B 213 -19.46 31.97 23.40
CA ASN B 213 -20.58 32.85 23.73
C ASN B 213 -21.84 32.02 23.94
N ILE B 214 -22.58 32.36 25.00
CA ILE B 214 -23.79 31.62 25.33
C ILE B 214 -24.99 32.14 24.53
N SER B 215 -25.02 33.45 24.26
CA SER B 215 -26.13 34.06 23.56
C SER B 215 -25.98 34.03 22.04
N CYS B 216 -25.07 33.21 21.50
CA CYS B 216 -24.86 33.16 20.06
C CYS B 216 -25.96 32.36 19.38
N THR B 217 -26.10 32.59 18.07
CA THR B 217 -26.98 31.80 17.21
C THR B 217 -26.19 31.39 15.97
N PHE B 218 -26.42 30.17 15.51
CA PHE B 218 -25.61 29.63 14.43
C PHE B 218 -25.83 30.40 13.14
N HIS B 219 -24.73 30.67 12.43
CA HIS B 219 -24.77 31.26 11.11
C HIS B 219 -23.63 30.67 10.29
N LYS B 220 -23.83 30.62 8.97
CA LYS B 220 -22.88 29.93 8.11
C LYS B 220 -21.52 30.63 8.08
N THR B 221 -21.51 31.96 8.12
CA THR B 221 -20.30 32.76 7.93
C THR B 221 -19.83 33.47 9.19
N TRP B 222 -20.76 34.02 9.99
CA TRP B 222 -20.36 34.86 11.11
C TRP B 222 -19.87 34.02 12.29
N ASN B 223 -20.73 33.15 12.80
CA ASN B 223 -20.42 32.33 13.99
C ASN B 223 -20.77 30.88 13.67
N PRO B 224 -19.95 30.19 12.87
CA PRO B 224 -20.28 28.79 12.54
C PRO B 224 -20.09 27.84 13.69
N GLN B 225 -19.12 28.09 14.57
CA GLN B 225 -18.85 27.17 15.67
C GLN B 225 -19.86 27.26 16.80
N CYS B 226 -20.83 28.16 16.71
CA CYS B 226 -21.85 28.24 17.75
C CYS B 226 -22.76 27.01 17.66
N PRO B 227 -22.92 26.24 18.74
CA PRO B 227 -23.81 25.06 18.65
C PRO B 227 -25.28 25.36 18.92
N ILE B 228 -25.67 26.62 18.98
CA ILE B 228 -27.07 27.01 19.17
C ILE B 228 -27.67 27.26 17.79
N PHE B 229 -28.79 26.59 17.51
CA PHE B 229 -29.41 26.60 16.19
C PHE B 229 -30.85 27.07 16.28
N ARG B 230 -31.29 27.79 15.25
CA ARG B 230 -32.68 28.17 15.08
C ARG B 230 -33.31 27.31 14.00
N LEU B 231 -34.53 26.83 14.27
CA LEU B 231 -35.18 25.91 13.34
C LEU B 231 -35.48 26.57 12.00
N GLY B 232 -35.83 27.86 12.01
CA GLY B 232 -36.08 28.55 10.75
C GLY B 232 -34.83 28.67 9.90
N ASP B 233 -33.69 28.95 10.53
CA ASP B 233 -32.44 29.09 9.79
C ASP B 233 -32.02 27.76 9.16
N ILE B 234 -32.31 26.65 9.83
CA ILE B 234 -31.94 25.33 9.31
C ILE B 234 -32.64 25.08 7.97
N PHE B 235 -33.90 25.53 7.86
CA PHE B 235 -34.63 25.36 6.62
C PHE B 235 -34.29 26.44 5.60
N GLN B 236 -33.98 27.65 6.05
CA GLN B 236 -33.71 28.75 5.13
C GLN B 236 -32.32 28.65 4.51
N GLU B 237 -31.38 27.98 5.17
CA GLU B 237 -30.03 27.86 4.61
C GLU B 237 -30.03 26.98 3.36
N ILE B 238 -30.93 26.01 3.27
CA ILE B 238 -31.02 25.10 2.13
C ILE B 238 -32.21 25.42 1.24
N GLY B 239 -32.91 26.51 1.49
CA GLY B 239 -34.04 26.91 0.66
C GLY B 239 -35.35 26.23 0.96
N GLU B 240 -35.42 25.41 2.01
CA GLU B 240 -36.66 24.74 2.36
C GLU B 240 -37.63 25.72 3.02
N ASN B 241 -38.92 25.49 2.78
CA ASN B 241 -40.00 26.32 3.32
C ASN B 241 -40.53 25.64 4.56
N PHE B 242 -40.53 26.37 5.68
CA PHE B 242 -40.95 25.78 6.95
C PHE B 242 -42.46 25.65 7.05
N THR B 243 -43.23 26.44 6.29
CA THR B 243 -44.68 26.39 6.42
C THR B 243 -45.25 25.10 5.85
N GLU B 244 -44.85 24.73 4.63
CA GLU B 244 -45.33 23.50 4.02
C GLU B 244 -44.88 22.27 4.82
N VAL B 245 -43.68 22.32 5.40
CA VAL B 245 -43.23 21.22 6.24
C VAL B 245 -43.96 21.23 7.58
N ALA B 246 -44.48 22.39 7.99
CA ALA B 246 -45.25 22.47 9.22
C ALA B 246 -46.65 21.92 9.03
N VAL B 247 -47.24 22.10 7.84
CA VAL B 247 -48.55 21.53 7.57
C VAL B 247 -48.48 20.00 7.63
N GLN B 248 -47.67 19.40 6.76
CA GLN B 248 -47.36 17.98 6.80
C GLN B 248 -45.90 17.82 7.20
N GLY B 249 -45.66 17.09 8.28
CA GLY B 249 -44.34 16.98 8.87
C GLY B 249 -43.27 16.45 7.94
N GLY B 250 -42.02 16.47 8.40
CA GLY B 250 -40.91 15.96 7.62
C GLY B 250 -39.79 15.43 8.50
N ILE B 251 -38.63 15.19 7.91
CA ILE B 251 -37.46 14.70 8.64
C ILE B 251 -36.25 15.47 8.13
N MET B 252 -35.55 16.13 9.05
CA MET B 252 -34.33 16.87 8.75
C MET B 252 -33.13 16.16 9.35
N GLY B 253 -31.95 16.50 8.84
CA GLY B 253 -30.70 15.92 9.31
C GLY B 253 -29.64 16.97 9.52
N ILE B 254 -29.17 17.07 10.75
CA ILE B 254 -28.11 18.00 11.14
C ILE B 254 -26.82 17.21 11.10
N GLU B 255 -26.03 17.40 10.05
CA GLU B 255 -24.77 16.70 9.87
C GLU B 255 -23.67 17.44 10.61
N ILE B 256 -22.92 16.71 11.43
CA ILE B 256 -21.80 17.26 12.19
C ILE B 256 -20.56 16.47 11.80
N TYR B 257 -19.71 17.09 10.99
CA TYR B 257 -18.54 16.43 10.40
C TYR B 257 -17.29 16.84 11.17
N TRP B 258 -16.53 15.84 11.62
CA TRP B 258 -15.26 16.05 12.31
C TRP B 258 -14.13 15.59 11.40
N ASP B 259 -13.20 16.50 11.10
CA ASP B 259 -11.97 16.18 10.38
C ASP B 259 -10.83 16.54 11.32
N CYS B 260 -10.47 15.63 12.21
CA CYS B 260 -9.59 15.93 13.33
C CYS B 260 -8.18 15.45 13.00
N ASN B 261 -7.20 16.34 13.18
CA ASN B 261 -5.78 16.01 13.05
C ASN B 261 -5.18 16.07 14.45
N LEU B 262 -4.92 14.92 15.03
CA LEU B 262 -4.47 14.83 16.42
C LEU B 262 -2.97 15.04 16.58
N ASP B 263 -2.27 15.46 15.52
CA ASP B 263 -0.85 15.78 15.64
C ASP B 263 -0.70 17.15 16.29
N SER B 264 0.26 17.26 17.21
CA SER B 264 0.40 18.49 17.99
C SER B 264 0.84 19.66 17.12
N TRP B 265 1.71 19.41 16.15
CA TRP B 265 2.25 20.49 15.33
C TRP B 265 1.20 21.10 14.41
N SER B 266 0.13 20.38 14.10
CA SER B 266 -0.95 20.87 13.26
C SER B 266 -2.30 20.48 13.86
N HIS B 267 -2.44 20.63 15.18
CA HIS B 267 -3.62 20.17 15.88
C HIS B 267 -4.82 21.05 15.54
N ARG B 268 -5.84 20.47 14.93
CA ARG B 268 -7.12 21.11 14.75
C ARG B 268 -8.20 20.03 14.77
N CYS B 269 -9.19 20.19 15.65
CA CYS B 269 -10.25 19.21 15.82
C CYS B 269 -11.50 19.97 16.27
N GLN B 270 -12.34 20.32 15.29
CA GLN B 270 -13.57 21.05 15.55
C GLN B 270 -14.62 20.60 14.54
N PRO B 271 -15.91 20.78 14.84
CA PRO B 271 -16.95 20.29 13.94
C PRO B 271 -17.32 21.29 12.85
N LYS B 272 -17.91 20.76 11.79
CA LYS B 272 -18.52 21.53 10.73
C LYS B 272 -19.98 21.11 10.62
N TYR B 273 -20.88 22.09 10.62
CA TYR B 273 -22.31 21.85 10.65
C TYR B 273 -22.90 22.02 9.25
N SER B 274 -23.74 21.07 8.85
CA SER B 274 -24.50 21.14 7.62
C SER B 274 -25.91 20.64 7.88
N PHE B 275 -26.81 20.90 6.93
CA PHE B 275 -28.21 20.53 7.07
C PHE B 275 -28.70 19.91 5.78
N ARG B 276 -29.51 18.86 5.89
CA ARG B 276 -29.96 18.12 4.72
C ARG B 276 -31.35 17.56 4.98
N ARG B 277 -32.28 17.77 4.05
CA ARG B 277 -33.60 17.21 4.18
C ARG B 277 -33.55 15.71 3.90
N LEU B 278 -33.99 14.91 4.87
CA LEU B 278 -33.89 13.46 4.80
C LEU B 278 -35.10 12.81 4.13
N ASP B 279 -36.30 13.25 4.47
CA ASP B 279 -37.50 12.70 3.85
C ASP B 279 -37.62 13.14 2.41
N ASP B 280 -38.18 12.26 1.58
CA ASP B 280 -38.37 12.56 0.17
C ASP B 280 -39.46 13.62 0.02
N LYS B 281 -39.11 14.75 -0.59
CA LYS B 281 -40.07 15.82 -0.80
C LYS B 281 -41.19 15.37 -1.75
N TYR B 282 -40.82 14.98 -2.96
CA TYR B 282 -41.76 14.49 -3.96
C TYR B 282 -41.91 12.99 -3.76
N THR B 283 -42.89 12.60 -2.94
CA THR B 283 -43.14 11.22 -2.57
C THR B 283 -44.59 10.85 -2.88
N ASN B 284 -44.88 9.60 -2.98
CA ASN B 284 -46.21 9.12 -3.35
C ASN B 284 -47.23 9.44 -2.26
N GLU B 285 -48.46 9.54 -2.65
CA GLU B 285 -49.52 9.82 -1.69
C GLU B 285 -49.95 8.55 -0.95
N SER B 286 -49.85 7.40 -1.60
CA SER B 286 -50.17 6.13 -0.93
C SER B 286 -49.24 5.90 0.25
N LEU B 287 -47.95 6.12 0.06
CA LEU B 287 -47.01 6.09 1.17
C LEU B 287 -47.25 7.29 2.07
N PHE B 288 -46.81 7.15 3.33
CA PHE B 288 -46.97 8.21 4.30
C PHE B 288 -45.99 9.34 3.98
N PRO B 289 -46.45 10.49 3.43
CA PRO B 289 -45.47 11.47 2.94
C PRO B 289 -44.64 12.10 4.06
N GLY B 290 -45.32 12.63 5.08
CA GLY B 290 -44.66 13.34 6.15
C GLY B 290 -44.46 12.48 7.38
N TYR B 291 -43.67 13.02 8.32
CA TYR B 291 -43.41 12.38 9.60
C TYR B 291 -44.52 12.77 10.57
N ASN B 292 -45.19 11.77 11.14
CA ASN B 292 -46.27 12.00 12.08
C ASN B 292 -46.38 10.80 13.01
N PHE B 293 -47.08 11.00 14.12
CA PHE B 293 -47.33 9.90 15.03
C PHE B 293 -48.56 10.21 15.87
N ARG B 294 -49.31 9.16 16.19
CA ARG B 294 -50.58 9.27 16.91
C ARG B 294 -50.46 8.55 18.24
N TYR B 295 -50.61 9.32 19.33
CA TYR B 295 -50.52 8.76 20.68
C TYR B 295 -51.66 9.32 21.51
N ALA B 296 -51.92 8.65 22.64
CA ALA B 296 -53.14 8.89 23.38
C ALA B 296 -52.87 8.80 24.88
N LYS B 297 -53.88 9.24 25.65
CA LYS B 297 -53.93 9.01 27.09
C LYS B 297 -55.17 8.17 27.39
N TYR B 298 -54.98 7.13 28.20
CA TYR B 298 -56.05 6.18 28.50
C TYR B 298 -56.67 6.55 29.85
N TYR B 299 -58.00 6.37 29.96
CA TYR B 299 -58.71 6.76 31.16
C TYR B 299 -60.05 6.03 31.21
N LYS B 300 -60.66 6.05 32.39
CA LYS B 300 -61.97 5.43 32.63
C LYS B 300 -62.92 6.50 33.13
N GLU B 301 -63.99 6.74 32.36
CA GLU B 301 -65.02 7.72 32.72
C GLU B 301 -66.38 7.09 32.49
N ASN B 302 -67.24 7.15 33.51
CA ASN B 302 -68.57 6.53 33.46
C ASN B 302 -68.46 5.02 33.32
N GLY B 303 -67.38 4.42 33.83
CA GLY B 303 -67.19 2.99 33.77
C GLY B 303 -66.64 2.46 32.46
N MET B 304 -66.57 3.29 31.41
CA MET B 304 -66.11 2.86 30.11
C MET B 304 -64.61 3.05 29.96
N GLU B 305 -63.92 1.98 29.57
CA GLU B 305 -62.51 2.04 29.25
C GLU B 305 -62.36 2.81 27.95
N LYS B 306 -61.84 4.04 28.04
CA LYS B 306 -61.76 4.94 26.90
C LYS B 306 -60.40 5.62 26.89
N ARG B 307 -60.22 6.53 25.94
CA ARG B 307 -58.97 7.24 25.79
C ARG B 307 -59.21 8.50 24.97
N THR B 308 -58.18 9.33 24.89
CA THR B 308 -58.16 10.51 24.03
C THR B 308 -56.90 10.48 23.19
N LEU B 309 -57.07 10.57 21.87
CA LEU B 309 -55.99 10.34 20.91
C LEU B 309 -55.69 11.62 20.16
N ILE B 310 -54.42 11.98 20.09
CA ILE B 310 -53.96 13.12 19.30
C ILE B 310 -52.91 12.64 18.31
N LYS B 311 -53.03 13.13 17.07
CA LYS B 311 -52.10 12.83 15.99
C LYS B 311 -51.28 14.08 15.70
N ALA B 312 -49.97 13.98 15.89
CA ALA B 312 -49.06 15.11 15.79
C ALA B 312 -48.18 14.96 14.55
N PHE B 313 -48.13 16.03 13.75
CA PHE B 313 -47.20 16.18 12.64
C PHE B 313 -46.10 17.13 13.08
N GLY B 314 -44.85 16.76 12.78
CA GLY B 314 -43.73 17.61 13.15
C GLY B 314 -42.47 17.17 12.43
N VAL B 315 -41.40 17.92 12.71
CA VAL B 315 -40.10 17.70 12.09
C VAL B 315 -39.22 16.93 13.07
N ARG B 316 -38.74 15.77 12.63
CA ARG B 316 -37.78 14.98 13.40
C ARG B 316 -36.38 15.32 12.91
N PHE B 317 -35.53 15.80 13.81
CA PHE B 317 -34.17 16.21 13.48
C PHE B 317 -33.21 15.11 13.92
N ASP B 318 -32.60 14.44 12.95
CA ASP B 318 -31.58 13.43 13.21
C ASP B 318 -30.22 14.10 13.24
N ILE B 319 -29.56 14.07 14.39
CA ILE B 319 -28.23 14.66 14.53
C ILE B 319 -27.22 13.60 14.13
N LEU B 320 -26.78 13.65 12.88
CA LEU B 320 -25.86 12.67 12.32
C LEU B 320 -24.44 13.17 12.56
N VAL B 321 -23.80 12.64 13.60
CA VAL B 321 -22.43 12.97 13.95
C VAL B 321 -21.53 11.94 13.29
N PHE B 322 -20.55 12.41 12.53
CA PHE B 322 -19.61 11.53 11.85
C PHE B 322 -18.29 12.26 11.68
N GLY B 323 -17.28 11.52 11.27
CA GLY B 323 -15.98 12.11 11.04
C GLY B 323 -14.87 11.09 11.13
N THR B 324 -13.65 11.61 11.25
CA THR B 324 -12.45 10.80 11.29
C THR B 324 -11.35 11.57 11.99
N GLY B 325 -10.60 10.87 12.83
CA GLY B 325 -9.44 11.42 13.49
C GLY B 325 -8.16 10.73 13.04
N GLY B 326 -7.20 11.51 12.57
CA GLY B 326 -5.93 10.99 12.08
C GLY B 326 -4.80 11.30 13.05
N LYS B 327 -3.95 10.32 13.28
CA LYS B 327 -2.79 10.48 14.15
C LYS B 327 -1.58 9.83 13.48
N PHE B 328 -0.42 10.45 13.66
CA PHE B 328 0.80 9.98 12.99
C PHE B 328 1.12 8.55 13.39
N ASP B 329 1.24 7.68 12.39
CA ASP B 329 1.62 6.29 12.57
C ASP B 329 2.80 5.99 11.66
N ILE B 330 3.87 5.43 12.23
CA ILE B 330 5.08 5.19 11.45
C ILE B 330 4.85 4.09 10.43
N ILE B 331 4.02 3.11 10.74
CA ILE B 331 3.83 1.96 9.85
C ILE B 331 3.12 2.40 8.58
N GLN B 332 2.15 3.33 8.68
CA GLN B 332 1.47 3.81 7.50
C GLN B 332 2.42 4.58 6.58
N LEU B 333 3.29 5.42 7.17
CA LEU B 333 4.28 6.14 6.38
C LEU B 333 5.25 5.17 5.72
N VAL B 334 5.66 4.13 6.45
CA VAL B 334 6.58 3.14 5.89
C VAL B 334 5.93 2.42 4.71
N VAL B 335 4.67 2.02 4.85
CA VAL B 335 3.98 1.31 3.77
C VAL B 335 3.82 2.23 2.57
N TYR B 336 3.47 3.50 2.80
CA TYR B 336 3.27 4.43 1.69
C TYR B 336 4.59 4.69 0.95
N ILE B 337 5.68 4.84 1.69
CA ILE B 337 6.98 5.07 1.06
C ILE B 337 7.41 3.83 0.30
N GLY B 338 7.18 2.64 0.87
CA GLY B 338 7.49 1.41 0.17
C GLY B 338 6.69 1.25 -1.11
N SER B 339 5.44 1.72 -1.11
CA SER B 339 4.64 1.67 -2.32
C SER B 339 5.16 2.64 -3.36
N THR B 340 5.45 3.88 -2.96
CA THR B 340 5.84 4.93 -3.91
C THR B 340 7.31 4.86 -4.32
N LEU B 341 8.13 3.99 -3.70
CA LEU B 341 9.53 3.91 -4.07
C LEU B 341 9.71 3.38 -5.48
N SER B 342 8.78 2.52 -5.94
CA SER B 342 8.93 1.92 -7.26
C SER B 342 8.79 2.93 -8.38
N TYR B 343 8.15 4.07 -8.14
CA TYR B 343 7.96 5.07 -9.19
C TYR B 343 9.24 5.82 -9.53
N PHE B 344 10.26 5.79 -8.68
CA PHE B 344 11.51 6.47 -8.97
C PHE B 344 12.28 5.83 -10.11
N GLY B 345 11.98 4.58 -10.45
CA GLY B 345 12.55 3.95 -11.63
C GLY B 345 11.88 4.31 -12.93
N LEU B 346 10.89 5.20 -12.90
CA LEU B 346 10.21 5.60 -14.12
C LEU B 346 11.17 6.29 -15.08
N ALA B 347 12.07 7.11 -14.56
CA ALA B 347 13.05 7.79 -15.40
C ALA B 347 13.97 6.79 -16.07
N THR B 348 14.45 5.79 -15.32
CA THR B 348 15.33 4.77 -15.90
C THR B 348 14.59 3.97 -16.95
N VAL B 349 13.33 3.60 -16.68
CA VAL B 349 12.54 2.85 -17.65
C VAL B 349 12.37 3.65 -18.94
N CYS B 350 12.01 4.93 -18.81
CA CYS B 350 11.80 5.76 -19.99
C CYS B 350 13.09 5.94 -20.78
N ILE B 351 14.22 6.14 -20.09
CA ILE B 351 15.47 6.37 -20.81
C ILE B 351 15.93 5.09 -21.49
N ASP B 352 15.75 3.94 -20.84
CA ASP B 352 16.09 2.68 -21.47
C ASP B 352 15.20 2.42 -22.68
N LEU B 353 13.92 2.78 -22.59
CA LEU B 353 13.02 2.66 -23.74
C LEU B 353 13.50 3.54 -24.89
N ILE B 354 13.90 4.78 -24.57
CA ILE B 354 14.41 5.69 -25.59
C ILE B 354 15.65 5.10 -26.26
N ILE B 355 16.56 4.57 -25.45
CA ILE B 355 17.81 4.03 -25.99
C ILE B 355 17.51 2.82 -26.88
N ASN B 356 16.65 1.92 -26.43
CA ASN B 356 16.34 0.73 -27.21
C ASN B 356 15.54 1.04 -28.46
N THR B 357 14.76 2.13 -28.46
CA THR B 357 14.00 2.50 -29.65
C THR B 357 14.88 3.19 -30.68
N TYR B 358 15.68 4.16 -30.25
CA TYR B 358 16.55 4.90 -31.16
C TYR B 358 17.79 4.12 -31.57
N ALA B 359 17.99 2.91 -31.06
CA ALA B 359 19.11 2.08 -31.45
C ALA B 359 18.81 1.18 -32.66
N SER B 360 17.54 1.04 -33.03
CA SER B 360 17.19 0.16 -34.15
C SER B 360 17.47 0.84 -35.47
N THR B 361 17.64 0.02 -36.52
CA THR B 361 17.86 0.56 -37.87
C THR B 361 16.58 1.15 -38.45
N CYS B 362 15.42 0.83 -37.86
CA CYS B 362 14.16 1.41 -38.33
C CYS B 362 14.17 2.93 -38.25
N CYS B 363 14.82 3.49 -37.22
CA CYS B 363 14.89 4.93 -37.09
C CYS B 363 15.75 5.56 -38.17
N ARG B 364 16.83 4.89 -38.57
CA ARG B 364 17.69 5.40 -39.63
C ARG B 364 17.11 5.18 -41.01
N SER B 365 16.23 4.18 -41.18
CA SER B 365 15.66 3.91 -42.49
C SER B 365 14.55 4.91 -42.83
N ARG B 366 13.64 5.13 -41.89
CA ARG B 366 12.43 5.93 -42.13
C ARG B 366 12.40 7.23 -41.33
N VAL B 367 12.76 7.18 -40.04
CA VAL B 367 12.48 8.32 -39.16
C VAL B 367 13.45 9.47 -39.44
N TYR B 368 14.76 9.21 -39.37
CA TYR B 368 15.73 10.29 -39.49
C TYR B 368 15.70 10.98 -40.85
N PRO B 369 15.61 10.28 -41.99
CA PRO B 369 15.55 11.03 -43.26
C PRO B 369 14.29 11.87 -43.40
N SER B 370 13.15 11.35 -42.94
CA SER B 370 11.89 12.08 -43.10
C SER B 370 11.79 13.24 -42.12
N CYS B 371 11.95 12.96 -40.83
CA CYS B 371 11.80 14.01 -39.82
C CYS B 371 12.91 15.05 -39.94
N LYS B 372 14.16 14.59 -39.96
CA LYS B 372 15.37 15.40 -40.10
C LYS B 372 15.75 16.15 -38.82
N CYS B 373 14.94 16.08 -37.76
CA CYS B 373 15.28 16.66 -36.47
C CYS B 373 15.77 15.65 -35.46
N CYS B 374 15.42 14.37 -35.62
CA CYS B 374 15.92 13.31 -34.76
C CYS B 374 17.27 12.76 -35.22
N GLU B 375 17.98 13.47 -36.10
CA GLU B 375 19.28 12.99 -36.56
C GLU B 375 20.29 12.81 -35.42
N PRO B 376 20.51 13.78 -34.53
CA PRO B 376 21.50 13.56 -33.46
C PRO B 376 21.09 12.52 -32.43
N CYS B 377 19.85 12.03 -32.45
CA CYS B 377 19.44 10.97 -31.55
C CYS B 377 20.03 9.62 -31.90
N ALA B 378 20.65 9.48 -33.08
CA ALA B 378 21.34 8.24 -33.43
C ALA B 378 22.46 7.90 -32.45
N VAL B 379 22.97 8.91 -31.73
CA VAL B 379 23.93 8.68 -30.65
C VAL B 379 23.44 7.63 -29.67
N ASN B 380 22.11 7.55 -29.46
CA ASN B 380 21.56 6.56 -28.53
C ASN B 380 21.98 5.15 -28.93
N GLU B 381 22.08 4.88 -30.23
CA GLU B 381 22.52 3.59 -30.72
C GLU B 381 23.88 3.20 -30.12
N TYR B 382 24.80 4.16 -30.06
CA TYR B 382 26.11 3.89 -29.46
C TYR B 382 25.96 3.45 -28.01
N TYR B 383 25.06 4.09 -27.27
CA TYR B 383 24.82 3.70 -25.88
C TYR B 383 24.34 2.26 -25.81
N TYR B 384 23.52 1.84 -26.79
CA TYR B 384 23.09 0.44 -26.84
C TYR B 384 24.29 -0.49 -26.95
N ARG B 385 25.28 -0.12 -27.78
CA ARG B 385 26.48 -0.93 -27.90
C ARG B 385 27.24 -0.98 -26.58
N LYS B 386 27.10 0.04 -25.74
CA LYS B 386 27.69 0.04 -24.41
C LYS B 386 26.75 -0.49 -23.34
N LYS B 387 25.47 -0.67 -23.66
CA LYS B 387 24.48 -1.17 -22.70
C LYS B 387 24.23 -2.66 -22.85
N CYS B 388 23.95 -3.11 -24.07
CA CYS B 388 23.54 -4.49 -24.33
C CYS B 388 24.70 -5.26 -24.95
N GLU B 389 24.78 -6.56 -24.61
CA GLU B 389 25.74 -7.49 -25.20
C GLU B 389 24.96 -8.70 -25.68
N PRO B 390 24.40 -8.66 -26.89
CA PRO B 390 23.60 -9.81 -27.35
C PRO B 390 24.45 -11.07 -27.48
N ILE B 391 23.94 -12.16 -26.91
CA ILE B 391 24.54 -13.48 -27.03
C ILE B 391 23.47 -14.44 -27.57
N VAL B 392 23.84 -15.70 -27.76
CA VAL B 392 22.96 -16.71 -28.33
C VAL B 392 23.02 -17.95 -27.46
N GLU B 393 21.89 -18.64 -27.35
CA GLU B 393 21.81 -19.88 -26.60
C GLU B 393 22.74 -20.92 -27.24
N PRO B 394 23.80 -21.38 -26.55
CA PRO B 394 24.65 -22.41 -27.20
C PRO B 394 23.94 -23.75 -27.36
N LYS B 395 23.06 -23.81 -28.34
CA LYS B 395 22.39 -25.05 -28.67
C LYS B 395 23.38 -26.05 -29.27
N PRO B 396 23.03 -27.35 -29.30
CA PRO B 396 23.87 -28.28 -30.07
C PRO B 396 23.85 -28.01 -31.56
N THR B 397 22.73 -27.50 -32.07
CA THR B 397 22.61 -27.23 -33.50
C THR B 397 23.20 -25.87 -33.87
N LEU B 398 23.58 -25.06 -32.88
CA LEU B 398 24.14 -23.75 -33.17
C LEU B 398 25.46 -23.89 -33.92
N LYS B 399 25.57 -23.16 -35.03
CA LYS B 399 26.76 -23.18 -35.86
C LYS B 399 27.03 -21.77 -36.35
N TYR B 400 28.28 -21.53 -36.75
CA TYR B 400 28.70 -20.26 -37.32
C TYR B 400 29.60 -20.53 -38.52
N VAL B 401 29.33 -19.83 -39.63
CA VAL B 401 30.11 -19.96 -40.85
C VAL B 401 30.36 -18.57 -41.42
N SER B 402 31.56 -18.39 -41.96
CA SER B 402 32.00 -17.13 -42.53
C SER B 402 32.43 -17.36 -43.98
N PHE B 403 32.40 -16.27 -44.76
CA PHE B 403 32.79 -16.29 -46.15
C PHE B 403 33.59 -15.03 -46.45
N VAL B 404 34.69 -15.21 -47.20
CA VAL B 404 35.53 -14.07 -47.55
C VAL B 404 34.79 -13.10 -48.46
N ASP B 405 33.85 -13.60 -49.27
CA ASP B 405 33.12 -12.73 -50.18
C ASP B 405 32.18 -11.79 -49.42
N GLU B 406 31.32 -12.36 -48.57
CA GLU B 406 30.35 -11.57 -47.83
C GLU B 406 30.99 -10.99 -46.58
N PRO B 407 30.48 -9.87 -46.06
CA PRO B 407 31.08 -9.22 -44.90
C PRO B 407 30.58 -9.72 -43.55
N HIS B 408 29.42 -10.34 -43.49
CA HIS B 408 28.78 -10.74 -42.24
C HIS B 408 28.95 -12.23 -42.03
N ILE B 409 28.57 -12.69 -40.83
CA ILE B 409 28.66 -14.08 -40.43
C ILE B 409 27.24 -14.64 -40.30
N TRP B 410 27.05 -15.86 -40.78
CA TRP B 410 25.74 -16.50 -40.85
C TRP B 410 25.57 -17.44 -39.66
N MET B 411 24.49 -17.25 -38.90
CA MET B 411 24.15 -18.10 -37.77
C MET B 411 23.23 -19.22 -38.27
N VAL B 412 23.77 -20.42 -38.39
CA VAL B 412 23.01 -21.58 -38.85
C VAL B 412 22.53 -22.31 -37.60
N ASP B 413 21.35 -21.92 -37.12
CA ASP B 413 20.74 -22.58 -35.96
C ASP B 413 19.95 -23.82 -36.35
N GLN B 414 19.55 -23.94 -37.61
CA GLN B 414 18.78 -25.09 -38.07
C GLN B 414 19.60 -26.38 -37.94
N GLN B 415 18.89 -27.50 -37.93
CA GLN B 415 19.51 -28.81 -37.81
C GLN B 415 19.79 -29.39 -39.19
N LEU B 416 20.80 -30.26 -39.25
CA LEU B 416 21.22 -30.89 -40.49
C LEU B 416 20.35 -32.11 -40.75
N LEU B 417 19.50 -32.02 -41.78
CA LEU B 417 18.65 -33.12 -42.22
C LEU B 417 19.20 -33.79 -43.47
N GLY B 418 20.52 -33.86 -43.60
CA GLY B 418 21.17 -34.44 -44.75
C GLY B 418 21.57 -33.44 -45.82
N LYS B 419 21.03 -32.23 -45.79
CA LYS B 419 21.38 -31.22 -46.78
C LYS B 419 22.75 -30.64 -46.49
N SER B 420 23.44 -30.22 -47.54
CA SER B 420 24.77 -29.67 -47.39
C SER B 420 24.73 -28.33 -46.67
N LEU B 421 25.66 -28.15 -45.72
CA LEU B 421 25.70 -26.93 -44.93
C LEU B 421 26.06 -25.70 -45.75
N GLN B 422 26.66 -25.89 -46.93
CA GLN B 422 27.07 -24.75 -47.75
C GLN B 422 25.86 -23.95 -48.23
N ASP B 423 24.76 -24.63 -48.52
CA ASP B 423 23.56 -23.98 -49.04
C ASP B 423 22.55 -23.63 -47.96
N VAL B 424 22.73 -24.12 -46.73
CA VAL B 424 21.81 -23.79 -45.64
C VAL B 424 21.89 -22.29 -45.35
N LYS B 425 20.71 -21.67 -45.22
CA LYS B 425 20.60 -20.23 -45.00
C LYS B 425 20.38 -19.96 -43.53
N GLY B 426 20.88 -18.83 -43.05
CA GLY B 426 20.72 -18.44 -41.67
C GLY B 426 20.65 -16.93 -41.53
N GLN B 427 20.60 -16.49 -40.28
CA GLN B 427 20.54 -15.07 -40.00
C GLN B 427 21.94 -14.46 -39.98
N GLU B 428 22.10 -13.35 -40.69
CA GLU B 428 23.38 -12.65 -40.69
C GLU B 428 23.65 -12.03 -39.32
N VAL B 429 24.93 -12.00 -38.96
CA VAL B 429 25.39 -11.38 -37.71
C VAL B 429 26.60 -10.53 -38.06
N PRO B 430 26.70 -9.27 -37.61
CA PRO B 430 27.86 -8.46 -37.98
C PRO B 430 29.09 -8.87 -37.20
N ARG B 431 30.23 -8.84 -37.88
CA ARG B 431 31.49 -9.19 -37.23
C ARG B 431 31.83 -8.12 -36.19
N PRO B 432 32.49 -8.49 -35.07
CA PRO B 432 32.84 -7.46 -34.07
C PRO B 432 33.84 -6.44 -34.59
N GLN B 433 34.20 -5.47 -33.74
CA GLN B 433 35.18 -4.45 -34.09
C GLN B 433 36.61 -4.99 -34.13
N THR B 434 36.82 -6.28 -33.86
CA THR B 434 38.10 -6.96 -34.05
C THR B 434 39.12 -6.64 -32.96
N ASP B 435 38.78 -5.75 -32.01
CA ASP B 435 39.67 -5.39 -30.91
C ASP B 435 40.99 -4.83 -31.46
N PHE B 436 40.86 -3.66 -32.10
CA PHE B 436 41.97 -3.05 -32.83
C PHE B 436 43.21 -2.84 -31.97
N LEU B 437 43.06 -2.71 -30.65
CA LEU B 437 44.21 -2.59 -29.77
C LEU B 437 45.08 -3.84 -29.83
N GLU B 438 44.46 -5.02 -29.67
CA GLU B 438 45.22 -6.26 -29.76
C GLU B 438 45.69 -6.54 -31.17
N LEU B 439 44.98 -6.02 -32.18
CA LEU B 439 45.35 -6.21 -33.58
C LEU B 439 46.42 -5.22 -34.05
N SER B 440 46.71 -4.18 -33.27
CA SER B 440 47.64 -3.14 -33.70
C SER B 440 49.10 -3.53 -33.58
N ARG B 441 49.42 -4.80 -33.32
CA ARG B 441 50.81 -5.22 -33.20
C ARG B 441 51.45 -5.32 -34.58
N LEU B 442 52.72 -5.71 -34.64
CA LEU B 442 53.44 -5.81 -35.90
C LEU B 442 53.01 -7.07 -36.66
N SER B 470 42.03 -32.83 -60.63
CA SER B 470 41.94 -31.39 -60.80
C SER B 470 40.55 -30.88 -60.46
N ARG B 471 39.57 -31.21 -61.33
CA ARG B 471 38.19 -30.79 -61.15
C ARG B 471 37.34 -31.87 -60.48
N ASP B 472 37.92 -32.65 -59.58
CA ASP B 472 37.21 -33.71 -58.87
C ASP B 472 36.58 -33.23 -57.57
N SER B 473 36.24 -31.95 -57.46
CA SER B 473 35.72 -31.41 -56.22
C SER B 473 34.38 -32.07 -55.86
N PRO B 474 33.91 -31.90 -54.62
CA PRO B 474 32.61 -32.47 -54.24
C PRO B 474 31.41 -31.86 -54.96
N ASP B 475 31.58 -30.77 -55.70
CA ASP B 475 30.55 -30.08 -56.48
C ASP B 475 29.65 -29.18 -55.62
N TRP B 476 29.86 -29.10 -54.30
CA TRP B 476 29.17 -28.12 -53.47
C TRP B 476 30.06 -26.94 -53.07
N CYS B 477 31.37 -27.05 -53.26
CA CYS B 477 32.27 -25.92 -53.02
C CYS B 477 32.40 -25.09 -54.28
N GLN B 478 33.09 -23.96 -54.16
CA GLN B 478 33.41 -23.10 -55.28
C GLN B 478 34.91 -22.91 -55.48
N CYS B 479 35.72 -23.24 -54.48
CA CYS B 479 37.18 -23.18 -54.59
C CYS B 479 37.70 -24.43 -55.27
N GLY B 480 39.00 -24.66 -55.21
CA GLY B 480 39.62 -25.86 -55.77
C GLY B 480 40.22 -26.78 -54.73
N ASN B 481 40.50 -26.26 -53.54
CA ASN B 481 41.20 -27.02 -52.50
C ASN B 481 40.26 -27.83 -51.61
N CYS B 482 38.95 -27.84 -51.88
CA CYS B 482 38.04 -28.65 -51.08
C CYS B 482 38.35 -30.13 -51.25
N LEU B 483 37.81 -30.94 -50.35
CA LEU B 483 38.00 -32.38 -50.34
C LEU B 483 36.80 -33.02 -49.66
N PRO B 484 36.38 -34.22 -50.08
CA PRO B 484 35.28 -34.87 -49.35
C PRO B 484 35.67 -35.20 -47.92
N SER B 485 34.67 -35.16 -47.05
CA SER B 485 34.87 -35.37 -45.62
C SER B 485 34.78 -36.85 -45.30
N GLN B 486 35.60 -37.30 -44.35
CA GLN B 486 35.67 -38.71 -43.94
C GLN B 486 34.99 -38.83 -42.58
N LEU B 487 33.69 -39.06 -42.61
CA LEU B 487 32.89 -39.17 -41.39
C LEU B 487 31.70 -40.06 -41.69
N PRO B 488 30.95 -40.47 -40.65
CA PRO B 488 29.71 -41.20 -40.91
C PRO B 488 28.73 -40.38 -41.73
N GLU B 489 27.97 -41.06 -42.58
CA GLU B 489 27.06 -40.39 -43.49
C GLU B 489 25.97 -39.62 -42.75
N ASN B 490 25.60 -40.08 -41.55
CA ASN B 490 24.60 -39.37 -40.76
C ASN B 490 25.10 -38.01 -40.32
N ARG B 491 26.41 -37.88 -40.06
CA ARG B 491 27.03 -36.64 -39.61
C ARG B 491 28.07 -36.12 -40.60
N ARG B 492 27.90 -36.43 -41.90
CA ARG B 492 28.86 -36.00 -42.90
C ARG B 492 28.54 -34.61 -43.44
N ALA B 493 27.27 -34.20 -43.40
CA ALA B 493 26.87 -32.91 -43.94
C ALA B 493 27.41 -31.72 -43.13
N LEU B 494 27.88 -31.96 -41.90
CA LEU B 494 28.40 -30.85 -41.10
C LEU B 494 29.68 -30.29 -41.71
N GLU B 495 30.58 -31.16 -42.16
CA GLU B 495 31.84 -30.70 -42.74
C GLU B 495 31.66 -30.19 -44.17
N GLU B 496 30.47 -30.38 -44.77
CA GLU B 496 30.21 -29.96 -46.14
C GLU B 496 30.02 -28.44 -46.15
N LEU B 497 31.14 -27.73 -46.10
CA LEU B 497 31.17 -26.27 -46.12
C LEU B 497 32.37 -25.80 -46.93
N CYS B 498 32.19 -24.67 -47.60
CA CYS B 498 33.21 -24.08 -48.45
C CYS B 498 33.64 -22.73 -47.89
N CYS B 499 34.73 -22.21 -48.43
CA CYS B 499 35.30 -20.96 -47.95
C CYS B 499 34.63 -19.72 -48.54
N ARG B 500 33.74 -19.87 -49.53
CA ARG B 500 33.10 -18.73 -50.15
C ARG B 500 31.85 -19.19 -50.90
N ARG B 501 31.00 -18.22 -51.24
CA ARG B 501 29.70 -18.54 -51.81
C ARG B 501 29.76 -18.68 -53.33
N LYS B 502 30.68 -17.96 -53.97
CA LYS B 502 30.83 -17.97 -55.42
C LYS B 502 32.28 -18.29 -55.77
N PRO B 503 32.56 -18.69 -57.03
CA PRO B 503 33.94 -19.07 -57.37
C PRO B 503 34.91 -17.91 -57.25
N GLY B 504 36.18 -18.26 -57.08
CA GLY B 504 37.22 -17.26 -56.98
C GLY B 504 38.46 -17.83 -56.35
N GLN B 505 39.26 -16.94 -55.76
CA GLN B 505 40.49 -17.36 -55.09
C GLN B 505 40.15 -18.02 -53.75
N CYS B 506 40.81 -19.12 -53.45
CA CYS B 506 40.61 -19.79 -52.18
C CYS B 506 41.30 -19.03 -51.06
N ILE B 507 40.69 -19.08 -49.86
CA ILE B 507 41.23 -18.33 -48.73
C ILE B 507 42.56 -18.92 -48.27
N THR B 508 42.79 -20.21 -48.53
CA THR B 508 44.04 -20.85 -48.12
C THR B 508 45.25 -20.25 -48.83
N THR B 509 45.06 -19.66 -50.02
CA THR B 509 46.17 -19.04 -50.74
C THR B 509 46.54 -17.67 -50.19
N SER B 510 45.83 -17.17 -49.17
CA SER B 510 46.14 -15.85 -48.63
C SER B 510 47.51 -15.86 -47.96
N GLU B 511 48.05 -14.65 -47.76
CA GLU B 511 49.37 -14.52 -47.15
C GLU B 511 49.34 -14.77 -45.64
N LEU B 512 48.25 -14.40 -44.96
CA LEU B 512 48.16 -14.59 -43.52
C LEU B 512 47.82 -16.02 -43.12
N PHE B 513 47.23 -16.80 -44.03
CA PHE B 513 46.91 -18.18 -43.70
C PHE B 513 48.17 -18.99 -43.40
N SER B 514 49.21 -18.81 -44.22
CA SER B 514 50.46 -19.53 -44.02
C SER B 514 51.17 -19.08 -42.75
N LYS B 515 50.91 -17.86 -42.28
CA LYS B 515 51.65 -17.29 -41.16
C LYS B 515 50.94 -17.47 -39.82
N ILE B 516 49.61 -17.58 -39.81
CA ILE B 516 48.83 -17.60 -38.57
C ILE B 516 48.27 -18.99 -38.33
N VAL B 517 47.57 -19.53 -39.34
CA VAL B 517 46.74 -20.71 -39.11
C VAL B 517 47.61 -21.95 -38.89
N LEU B 518 48.63 -22.15 -39.72
CA LEU B 518 49.42 -23.38 -39.71
C LEU B 518 50.92 -23.08 -39.76
N SER B 519 51.34 -21.97 -39.18
CA SER B 519 52.76 -21.67 -38.98
C SER B 519 53.22 -22.33 -37.70
N ARG B 520 54.03 -23.39 -37.83
CA ARG B 520 54.35 -24.24 -36.68
C ARG B 520 55.01 -23.45 -35.55
N GLU B 521 55.81 -22.43 -35.91
CA GLU B 521 56.43 -21.59 -34.89
C GLU B 521 55.37 -20.85 -34.08
N ALA B 522 54.34 -20.33 -34.76
CA ALA B 522 53.30 -19.58 -34.07
C ALA B 522 52.52 -20.47 -33.11
N LEU B 523 52.13 -21.66 -33.57
CA LEU B 523 51.38 -22.58 -32.71
C LEU B 523 52.24 -23.05 -31.55
N GLN B 524 53.53 -23.29 -31.78
CA GLN B 524 54.42 -23.68 -30.70
C GLN B 524 54.54 -22.56 -29.66
N LEU B 525 54.66 -21.32 -30.12
CA LEU B 525 54.72 -20.19 -29.19
C LEU B 525 53.43 -20.07 -28.39
N LEU B 526 52.28 -20.26 -29.04
CA LEU B 526 51.00 -20.19 -28.34
C LEU B 526 50.90 -21.29 -27.29
N LEU B 527 51.26 -22.53 -27.64
CA LEU B 527 51.20 -23.62 -26.68
C LEU B 527 52.18 -23.41 -25.53
N LEU B 528 53.35 -22.84 -25.81
CA LEU B 528 54.29 -22.50 -24.75
C LEU B 528 53.70 -21.43 -23.84
N TYR B 529 52.98 -20.48 -24.42
CA TYR B 529 52.31 -19.46 -23.62
C TYR B 529 51.25 -20.08 -22.72
N GLN B 530 50.58 -21.14 -23.20
CA GLN B 530 49.62 -21.85 -22.37
C GLN B 530 50.32 -22.82 -21.41
N GLU B 531 51.42 -23.42 -21.86
CA GLU B 531 52.15 -24.41 -21.06
C GLU B 531 53.61 -24.40 -21.53
N PRO B 532 54.49 -23.64 -20.86
CA PRO B 532 55.86 -23.49 -21.38
C PRO B 532 56.68 -24.78 -21.37
N LEU B 533 56.25 -25.82 -20.66
CA LEU B 533 57.00 -27.08 -20.54
C LEU B 533 56.39 -28.19 -21.39
N LEU B 534 55.91 -27.85 -22.59
CA LEU B 534 55.33 -28.86 -23.46
C LEU B 534 56.42 -29.78 -24.01
N ALA B 535 55.98 -30.90 -24.59
CA ALA B 535 56.91 -31.93 -25.05
C ALA B 535 57.80 -31.41 -26.18
N LEU B 536 57.28 -30.51 -27.01
CA LEU B 536 58.05 -29.92 -28.10
C LEU B 536 58.58 -30.98 -29.07
N GLU B 537 57.66 -31.58 -29.85
CA GLU B 537 57.96 -32.63 -30.81
C GLU B 537 58.14 -33.98 -30.13
N GLY B 538 57.51 -34.16 -28.97
CA GLY B 538 57.47 -35.46 -28.33
C GLY B 538 56.43 -36.36 -28.97
N GLU B 539 55.70 -37.07 -28.10
CA GLU B 539 54.71 -38.04 -28.54
C GLU B 539 53.33 -37.40 -28.63
N ALA B 540 52.75 -37.44 -29.83
CA ALA B 540 51.35 -37.02 -30.05
C ALA B 540 51.14 -35.55 -29.69
N ILE B 541 52.08 -34.70 -30.12
CA ILE B 541 51.93 -33.25 -29.91
C ILE B 541 51.12 -32.62 -31.03
N ASN B 542 51.03 -33.28 -32.19
CA ASN B 542 50.36 -32.68 -33.34
C ASN B 542 48.88 -32.46 -33.09
N SER B 543 48.28 -33.21 -32.17
CA SER B 543 46.86 -33.00 -31.86
C SER B 543 46.63 -31.63 -31.25
N LYS B 544 47.48 -31.24 -30.29
CA LYS B 544 47.33 -29.92 -29.68
C LYS B 544 47.58 -28.81 -30.69
N LEU B 545 48.57 -29.00 -31.57
CA LEU B 545 48.83 -28.01 -32.61
C LEU B 545 47.65 -27.89 -33.56
N ARG B 546 47.01 -29.00 -33.90
CA ARG B 546 45.86 -28.96 -34.78
C ARG B 546 44.69 -28.26 -34.12
N HIS B 547 44.44 -28.56 -32.84
CA HIS B 547 43.37 -27.89 -32.12
C HIS B 547 43.63 -26.39 -32.00
N CYS B 548 44.88 -26.01 -31.74
CA CYS B 548 45.22 -24.59 -31.64
C CYS B 548 45.12 -23.91 -32.99
N ALA B 549 45.41 -24.62 -34.08
CA ALA B 549 45.23 -24.03 -35.41
C ALA B 549 43.76 -23.81 -35.73
N TYR B 550 42.91 -24.77 -35.35
CA TYR B 550 41.47 -24.58 -35.50
C TYR B 550 40.99 -23.37 -34.70
N ARG B 551 41.43 -23.27 -33.45
CA ARG B 551 41.05 -22.12 -32.63
C ARG B 551 41.59 -20.81 -33.21
N SER B 552 42.78 -20.85 -33.80
CA SER B 552 43.35 -19.64 -34.39
C SER B 552 42.54 -19.18 -35.59
N TYR B 553 42.17 -20.12 -36.47
CA TYR B 553 41.33 -19.75 -37.61
C TYR B 553 39.97 -19.24 -37.14
N ALA B 554 39.41 -19.86 -36.10
CA ALA B 554 38.13 -19.43 -35.57
C ALA B 554 38.20 -18.00 -35.04
N THR B 555 39.19 -17.73 -34.19
CA THR B 555 39.38 -16.38 -33.66
C THR B 555 39.75 -15.39 -34.75
N TRP B 556 40.34 -15.85 -35.85
CA TRP B 556 40.65 -14.98 -36.97
C TRP B 556 39.37 -14.55 -37.69
N ARG B 557 38.59 -15.51 -38.18
CA ARG B 557 37.37 -15.20 -38.91
C ARG B 557 36.20 -14.86 -38.00
N PHE B 558 36.10 -15.52 -36.84
CA PHE B 558 35.05 -15.28 -35.86
C PHE B 558 35.72 -14.70 -34.63
N VAL B 559 35.71 -13.36 -34.53
CA VAL B 559 36.56 -12.68 -33.56
C VAL B 559 36.12 -12.99 -32.14
N SER B 560 34.83 -12.82 -31.86
CA SER B 560 34.33 -13.06 -30.51
C SER B 560 34.47 -14.53 -30.14
N GLN B 561 34.95 -14.78 -28.92
CA GLN B 561 35.13 -16.16 -28.45
C GLN B 561 33.81 -16.91 -28.38
N ASP B 562 32.68 -16.20 -28.22
CA ASP B 562 31.38 -16.85 -28.28
C ASP B 562 31.12 -17.40 -29.67
N MET B 563 31.55 -16.68 -30.70
CA MET B 563 31.38 -17.11 -32.08
C MET B 563 32.55 -17.96 -32.56
N ALA B 564 33.74 -17.80 -31.97
CA ALA B 564 34.85 -18.68 -32.30
C ALA B 564 34.51 -20.13 -31.97
N ASP B 565 33.93 -20.35 -30.79
CA ASP B 565 33.31 -21.64 -30.51
C ASP B 565 32.05 -21.79 -31.35
N PHE B 566 31.66 -23.03 -31.60
CA PHE B 566 30.54 -23.36 -32.47
C PHE B 566 30.74 -22.87 -33.90
N ALA B 567 31.99 -22.70 -34.33
CA ALA B 567 32.30 -22.35 -35.71
C ALA B 567 32.62 -23.62 -36.49
N ILE B 568 32.31 -23.58 -37.79
CA ILE B 568 32.54 -24.69 -38.70
C ILE B 568 33.51 -24.23 -39.77
N LEU B 569 34.70 -24.83 -39.79
CA LEU B 569 35.71 -24.45 -40.76
C LEU B 569 35.37 -25.06 -42.12
N PRO B 570 35.87 -24.49 -43.21
CA PRO B 570 35.66 -25.11 -44.52
C PRO B 570 36.54 -26.33 -44.71
N SER B 571 36.18 -27.13 -45.71
CA SER B 571 36.91 -28.36 -45.98
C SER B 571 38.35 -28.09 -46.40
N CYS B 572 38.57 -27.04 -47.19
CA CYS B 572 39.91 -26.75 -47.69
C CYS B 572 40.86 -26.42 -46.55
N CYS B 573 40.48 -25.45 -45.70
CA CYS B 573 41.34 -25.06 -44.58
C CYS B 573 41.48 -26.19 -43.58
N ARG B 574 40.39 -26.92 -43.32
CA ARG B 574 40.43 -28.04 -42.39
C ARG B 574 41.42 -29.09 -42.83
N TRP B 575 41.36 -29.49 -44.11
CA TRP B 575 42.25 -30.53 -44.59
C TRP B 575 43.67 -30.01 -44.79
N LYS B 576 43.85 -28.70 -45.04
CA LYS B 576 45.20 -28.13 -45.02
C LYS B 576 45.82 -28.25 -43.64
N ILE B 577 45.06 -27.88 -42.60
CA ILE B 577 45.55 -27.98 -41.23
C ILE B 577 45.84 -29.43 -40.87
N ARG B 578 44.98 -30.35 -41.33
CA ARG B 578 45.21 -31.76 -41.04
C ARG B 578 46.43 -32.28 -41.78
N LYS B 579 46.68 -31.80 -42.99
CA LYS B 579 47.88 -32.19 -43.72
C LYS B 579 49.13 -31.69 -43.01
N GLU B 580 49.08 -30.45 -42.49
CA GLU B 580 50.22 -29.92 -41.76
C GLU B 580 50.45 -30.64 -40.43
N PHE B 581 49.39 -31.20 -39.84
CA PHE B 581 49.45 -31.89 -38.56
C PHE B 581 48.64 -33.18 -38.66
N PRO B 582 49.15 -34.19 -39.37
CA PRO B 582 48.37 -35.41 -39.58
C PRO B 582 48.17 -36.20 -38.29
N LYS B 583 47.23 -37.14 -38.36
CA LYS B 583 46.97 -38.11 -37.31
C LYS B 583 47.32 -39.49 -37.83
N THR B 584 48.18 -40.21 -37.11
CA THR B 584 48.78 -41.43 -37.65
C THR B 584 47.80 -42.60 -37.61
N GLN B 585 47.37 -42.99 -36.40
CA GLN B 585 46.62 -44.23 -36.16
C GLN B 585 45.22 -43.94 -35.66
N GLY B 586 44.54 -42.96 -36.27
CA GLY B 586 43.18 -42.66 -35.89
C GLY B 586 42.53 -41.69 -36.84
N GLN B 587 41.20 -41.73 -36.86
CA GLN B 587 40.41 -40.84 -37.69
C GLN B 587 40.29 -39.47 -37.03
N TYR B 588 39.90 -38.48 -37.82
CA TYR B 588 39.76 -37.11 -37.36
C TYR B 588 38.34 -36.89 -36.87
N SER B 589 38.19 -36.69 -35.57
CA SER B 589 36.88 -36.39 -35.00
C SER B 589 36.48 -34.96 -35.34
N GLY B 590 35.27 -34.81 -35.87
CA GLY B 590 34.79 -33.50 -36.29
C GLY B 590 34.47 -32.61 -35.12
N PHE B 591 33.68 -31.57 -35.40
CA PHE B 591 33.28 -30.62 -34.38
C PHE B 591 32.42 -31.30 -33.33
N LYS B 592 32.75 -31.06 -32.06
CA LYS B 592 32.05 -31.64 -30.92
C LYS B 592 31.51 -30.53 -30.03
N TYR B 593 30.33 -30.74 -29.48
CA TYR B 593 29.69 -29.79 -28.58
C TYR B 593 30.55 -29.62 -27.33
N PRO B 594 31.21 -28.47 -27.11
CA PRO B 594 32.11 -28.37 -25.94
C PRO B 594 31.39 -28.39 -24.61
N TYR B 595 30.26 -27.70 -24.48
CA TYR B 595 29.54 -27.63 -23.21
C TYR B 595 28.78 -28.92 -22.96
N CYS C 4 11.20 -3.99 -37.14
CA CYS C 4 11.02 -3.59 -35.74
C CYS C 4 10.83 -4.80 -34.85
N CYS C 5 9.66 -5.44 -34.97
CA CYS C 5 9.31 -6.59 -34.16
C CYS C 5 9.52 -7.87 -34.96
N SER C 6 10.17 -8.85 -34.34
CA SER C 6 10.40 -10.16 -34.93
C SER C 6 10.03 -11.23 -33.92
N TRP C 7 9.85 -12.46 -34.42
CA TRP C 7 9.48 -13.56 -33.53
C TRP C 7 10.61 -13.91 -32.57
N ASN C 8 11.86 -13.70 -32.98
CA ASN C 8 12.98 -13.91 -32.07
C ASN C 8 13.11 -12.80 -31.04
N ASP C 9 12.60 -11.60 -31.34
CA ASP C 9 12.66 -10.49 -30.39
C ASP C 9 11.77 -10.72 -29.18
N VAL C 10 10.74 -11.57 -29.30
CA VAL C 10 9.84 -11.82 -28.19
C VAL C 10 10.50 -12.72 -27.15
N PHE C 11 11.36 -13.65 -27.60
CA PHE C 11 12.02 -14.60 -26.71
C PHE C 11 13.34 -14.07 -26.15
N GLN C 12 13.53 -12.76 -26.13
CA GLN C 12 14.74 -12.15 -25.58
C GLN C 12 14.55 -11.85 -24.10
N TYR C 13 15.56 -12.19 -23.31
CA TYR C 13 15.58 -11.91 -21.88
C TYR C 13 16.92 -11.30 -21.53
N GLU C 14 16.89 -10.20 -20.77
CA GLU C 14 18.09 -9.43 -20.44
C GLU C 14 18.41 -9.63 -18.96
N THR C 15 19.55 -10.25 -18.68
CA THR C 15 20.10 -10.31 -17.33
C THR C 15 20.87 -9.02 -17.04
N ASN C 16 21.05 -8.74 -15.75
CA ASN C 16 21.84 -7.61 -15.30
C ASN C 16 23.26 -8.06 -15.02
N LYS C 17 24.23 -7.43 -15.69
CA LYS C 17 25.63 -7.73 -15.43
C LYS C 17 26.00 -7.29 -14.02
N VAL C 18 26.68 -8.17 -13.30
CA VAL C 18 27.11 -7.91 -11.93
C VAL C 18 28.53 -8.42 -11.76
N THR C 19 29.19 -7.91 -10.71
CA THR C 19 30.50 -8.40 -10.28
C THR C 19 30.38 -8.80 -8.81
N ARG C 20 30.78 -10.03 -8.50
CA ARG C 20 30.61 -10.60 -7.18
C ARG C 20 31.82 -10.24 -6.32
N ILE C 21 31.61 -9.34 -5.37
CA ILE C 21 32.67 -8.89 -4.47
C ILE C 21 32.78 -9.86 -3.31
N GLN C 22 34.01 -10.28 -3.01
CA GLN C 22 34.30 -11.18 -1.90
C GLN C 22 34.90 -10.35 -0.77
N SER C 23 34.05 -9.90 0.15
CA SER C 23 34.48 -9.10 1.29
C SER C 23 33.53 -9.34 2.44
N VAL C 24 34.09 -9.36 3.66
CA VAL C 24 33.28 -9.65 4.84
C VAL C 24 32.47 -8.44 5.25
N ASN C 25 33.01 -7.23 5.05
CA ASN C 25 32.33 -6.02 5.49
C ASN C 25 31.03 -5.81 4.71
N TYR C 26 31.11 -5.83 3.38
CA TYR C 26 29.94 -5.59 2.55
C TYR C 26 28.89 -6.67 2.77
N GLY C 27 29.30 -7.93 2.79
CA GLY C 27 28.36 -9.02 3.03
C GLY C 27 27.69 -8.90 4.40
N THR C 28 28.46 -8.53 5.42
CA THR C 28 27.90 -8.38 6.75
C THR C 28 26.86 -7.28 6.80
N ILE C 29 27.18 -6.11 6.24
CA ILE C 29 26.20 -5.03 6.30
C ILE C 29 24.99 -5.36 5.43
N LYS C 30 25.20 -6.04 4.30
CA LYS C 30 24.08 -6.49 3.47
C LYS C 30 23.14 -7.38 4.25
N TRP C 31 23.69 -8.42 4.90
CA TRP C 31 22.85 -9.37 5.59
C TRP C 31 22.19 -8.78 6.82
N ILE C 32 22.88 -7.93 7.59
CA ILE C 32 22.23 -7.36 8.77
C ILE C 32 21.17 -6.35 8.36
N LEU C 33 21.38 -5.61 7.26
CA LEU C 33 20.35 -4.70 6.80
C LEU C 33 19.13 -5.47 6.30
N HIS C 34 19.34 -6.55 5.54
CA HIS C 34 18.23 -7.38 5.09
C HIS C 34 17.48 -7.98 6.27
N MET C 35 18.20 -8.47 7.27
CA MET C 35 17.55 -9.02 8.46
C MET C 35 16.77 -7.97 9.22
N THR C 36 17.31 -6.75 9.33
CA THR C 36 16.60 -5.70 10.05
C THR C 36 15.31 -5.29 9.34
N VAL C 37 15.38 -5.11 8.02
CA VAL C 37 14.17 -4.72 7.30
C VAL C 37 13.16 -5.85 7.30
N PHE C 38 13.60 -7.10 7.17
CA PHE C 38 12.69 -8.23 7.25
C PHE C 38 12.04 -8.32 8.62
N SER C 39 12.82 -8.10 9.68
CA SER C 39 12.28 -8.16 11.03
C SER C 39 11.26 -7.06 11.25
N TYR C 40 11.54 -5.84 10.78
CA TYR C 40 10.59 -4.75 10.94
C TYR C 40 9.32 -5.01 10.14
N VAL C 41 9.46 -5.56 8.93
CA VAL C 41 8.28 -5.86 8.11
C VAL C 41 7.42 -6.90 8.80
N SER C 42 8.03 -7.98 9.28
CA SER C 42 7.26 -9.02 9.97
C SER C 42 6.66 -8.50 11.27
N PHE C 43 7.37 -7.64 11.98
CA PHE C 43 6.85 -7.09 13.24
C PHE C 43 5.62 -6.23 12.96
N ALA C 44 5.69 -5.35 11.97
CA ALA C 44 4.54 -4.53 11.62
C ALA C 44 3.38 -5.41 11.15
N LEU C 45 3.68 -6.44 10.35
CA LEU C 45 2.65 -7.32 9.84
C LEU C 45 1.91 -8.03 10.96
N MET C 46 2.66 -8.54 11.95
CA MET C 46 2.04 -9.30 13.03
C MET C 46 1.44 -8.40 14.11
N SER C 47 1.91 -7.15 14.24
CA SER C 47 1.36 -6.24 15.23
C SER C 47 0.08 -5.58 14.71
N ASP C 48 0.20 -4.83 13.61
CA ASP C 48 -0.96 -4.16 13.04
C ASP C 48 -1.90 -5.11 12.30
N LYS C 49 -1.49 -6.36 12.08
CA LYS C 49 -2.33 -7.37 11.42
C LYS C 49 -2.75 -6.88 10.03
N LEU C 50 -1.78 -6.30 9.32
CA LEU C 50 -2.03 -5.78 7.98
C LEU C 50 -2.33 -6.88 6.97
N TYR C 51 -2.04 -8.13 7.29
CA TYR C 51 -2.47 -9.26 6.45
C TYR C 51 -3.96 -9.53 6.54
N GLN C 52 -4.67 -8.89 7.47
CA GLN C 52 -6.10 -9.08 7.67
C GLN C 52 -6.87 -7.93 7.07
N ARG C 53 -7.95 -8.25 6.36
CA ARG C 53 -8.97 -7.26 6.02
C ARG C 53 -9.82 -7.01 7.25
N LYS C 54 -9.96 -5.73 7.62
CA LYS C 54 -10.76 -5.33 8.76
C LYS C 54 -12.18 -4.97 8.32
N GLU C 55 -13.10 -5.03 9.27
CA GLU C 55 -14.48 -4.64 9.04
C GLU C 55 -15.07 -4.10 10.34
N PRO C 56 -15.82 -3.00 10.31
CA PRO C 56 -16.51 -2.56 11.52
C PRO C 56 -17.75 -3.40 11.79
N LEU C 57 -18.02 -3.59 13.08
CA LEU C 57 -19.14 -4.42 13.52
C LEU C 57 -20.46 -3.68 13.37
N ILE C 58 -21.54 -4.45 13.44
CA ILE C 58 -22.89 -3.90 13.62
C ILE C 58 -23.43 -4.49 14.92
N SER C 59 -23.95 -3.62 15.79
CA SER C 59 -24.24 -3.96 17.17
C SER C 59 -25.73 -3.81 17.47
N SER C 60 -26.18 -4.55 18.48
CA SER C 60 -27.51 -4.42 19.04
C SER C 60 -27.43 -4.62 20.54
N VAL C 61 -27.93 -3.65 21.30
CA VAL C 61 -27.82 -3.62 22.75
C VAL C 61 -29.20 -3.81 23.35
N HIS C 62 -29.26 -4.55 24.46
CA HIS C 62 -30.49 -4.74 25.22
C HIS C 62 -30.15 -4.52 26.69
N THR C 63 -30.77 -3.52 27.30
CA THR C 63 -30.49 -3.14 28.68
C THR C 63 -31.63 -3.60 29.59
N LYS C 64 -31.28 -4.01 30.80
CA LYS C 64 -32.24 -4.36 31.82
C LYS C 64 -31.76 -3.83 33.17
N VAL C 65 -32.48 -2.85 33.71
CA VAL C 65 -32.14 -2.21 34.96
C VAL C 65 -33.03 -2.79 36.05
N LYS C 66 -32.42 -3.44 37.04
CA LYS C 66 -33.11 -4.01 38.17
C LYS C 66 -32.64 -3.32 39.44
N GLY C 67 -33.58 -2.96 40.29
CA GLY C 67 -33.30 -2.24 41.52
C GLY C 67 -34.43 -1.28 41.83
N VAL C 68 -34.70 -1.09 43.12
CA VAL C 68 -35.78 -0.23 43.59
C VAL C 68 -35.25 0.67 44.69
N ALA C 69 -35.99 1.74 44.97
CA ALA C 69 -35.56 2.76 45.93
C ALA C 69 -36.76 3.28 46.71
N GLU C 70 -36.67 3.22 48.03
CA GLU C 70 -37.68 3.82 48.90
C GLU C 70 -37.34 5.29 49.12
N VAL C 71 -38.38 6.12 49.19
CA VAL C 71 -38.20 7.56 49.41
C VAL C 71 -39.47 8.10 50.04
N THR C 72 -39.29 8.96 51.04
CA THR C 72 -40.40 9.60 51.75
C THR C 72 -40.53 11.04 51.28
N GLU C 73 -41.74 11.42 50.87
CA GLU C 73 -41.98 12.78 50.41
C GLU C 73 -41.80 13.77 51.55
N ASN C 74 -41.64 15.04 51.18
CA ASN C 74 -41.44 16.10 52.17
C ASN C 74 -42.71 16.28 53.01
N VAL C 75 -42.52 16.39 54.32
CA VAL C 75 -43.64 16.57 55.24
C VAL C 75 -44.13 18.01 55.18
N THR C 81 -47.51 19.24 53.24
CA THR C 81 -47.93 19.10 54.62
C THR C 81 -47.86 17.64 55.06
N LYS C 82 -48.78 16.83 54.53
CA LYS C 82 -48.82 15.42 54.88
C LYS C 82 -47.61 14.69 54.29
N LEU C 83 -47.16 13.65 55.00
CA LEU C 83 -46.02 12.85 54.59
C LEU C 83 -46.50 11.69 53.73
N VAL C 84 -45.70 11.32 52.74
CA VAL C 84 -46.00 10.22 51.83
C VAL C 84 -44.78 9.32 51.75
N HIS C 85 -45.01 8.01 51.89
CA HIS C 85 -43.96 7.00 51.79
C HIS C 85 -44.14 6.27 50.47
N GLY C 86 -43.12 6.35 49.61
CA GLY C 86 -43.22 5.84 48.26
C GLY C 86 -42.06 4.94 47.90
N ILE C 87 -42.29 4.12 46.89
CA ILE C 87 -41.30 3.20 46.34
C ILE C 87 -41.20 3.46 44.85
N PHE C 88 -39.98 3.41 44.32
CA PHE C 88 -39.70 3.62 42.90
C PHE C 88 -39.06 2.36 42.34
N ASP C 89 -39.66 1.83 41.28
CA ASP C 89 -39.21 0.63 40.58
C ASP C 89 -38.87 0.98 39.14
N THR C 90 -38.42 -0.03 38.39
CA THR C 90 -38.00 0.19 37.00
C THR C 90 -39.15 0.67 36.11
N ALA C 91 -40.40 0.48 36.52
CA ALA C 91 -41.52 0.92 35.69
C ALA C 91 -41.57 2.43 35.57
N ASP C 92 -41.07 3.16 36.57
CA ASP C 92 -41.24 4.62 36.62
C ASP C 92 -40.01 5.36 36.11
N TYR C 93 -38.83 5.09 36.68
CA TYR C 93 -37.65 5.87 36.30
C TYR C 93 -37.09 5.40 34.96
N THR C 94 -37.18 4.11 34.67
CA THR C 94 -36.71 3.61 33.39
C THR C 94 -37.71 3.98 32.29
N LEU C 95 -37.17 4.21 31.10
CA LEU C 95 -37.94 4.66 29.95
C LEU C 95 -38.27 3.48 29.05
N PRO C 96 -39.21 3.66 28.11
CA PRO C 96 -39.58 2.51 27.24
C PRO C 96 -38.54 2.18 26.19
N LEU C 97 -37.45 2.95 26.10
CA LEU C 97 -36.44 2.68 25.07
C LEU C 97 -35.81 1.31 25.27
N GLN C 98 -35.09 1.12 26.38
CA GLN C 98 -34.54 -0.17 26.78
C GLN C 98 -33.56 -0.75 25.78
N GLY C 99 -32.97 0.08 24.90
CA GLY C 99 -31.98 -0.39 23.97
C GLY C 99 -30.99 0.68 23.55
N ASN C 100 -29.70 0.43 23.79
CA ASN C 100 -28.58 1.30 23.43
C ASN C 100 -28.46 2.54 24.31
N SER C 101 -29.43 2.80 25.19
CA SER C 101 -29.41 3.93 26.10
C SER C 101 -30.54 3.76 27.10
N PHE C 102 -30.28 4.14 28.35
CA PHE C 102 -31.28 4.05 29.40
C PHE C 102 -31.06 5.16 30.41
N PHE C 103 -32.16 5.63 30.99
CA PHE C 103 -32.17 6.71 31.97
C PHE C 103 -32.41 6.15 33.36
N VAL C 104 -31.65 6.67 34.33
CA VAL C 104 -31.79 6.29 35.73
C VAL C 104 -32.00 7.57 36.53
N MET C 105 -33.21 7.74 37.06
CA MET C 105 -33.56 8.95 37.79
C MET C 105 -32.82 8.99 39.11
N THR C 106 -32.32 10.18 39.47
CA THR C 106 -31.62 10.40 40.73
C THR C 106 -32.07 11.68 41.44
N ASN C 107 -33.11 12.34 40.94
CA ASN C 107 -33.71 13.49 41.63
C ASN C 107 -34.98 13.86 40.87
N TYR C 108 -35.93 14.44 41.58
CA TYR C 108 -37.21 14.76 40.98
C TYR C 108 -37.87 15.91 41.73
N LEU C 109 -38.49 16.80 40.96
CA LEU C 109 -39.40 17.81 41.47
C LEU C 109 -40.75 17.55 40.84
N LYS C 110 -41.83 17.92 41.53
CA LYS C 110 -43.19 17.64 41.07
C LYS C 110 -44.10 18.81 41.37
N SER C 111 -45.07 19.03 40.47
CA SER C 111 -46.11 20.03 40.64
C SER C 111 -47.44 19.40 40.20
N GLU C 112 -48.39 19.34 41.13
CA GLU C 112 -49.64 18.64 40.93
C GLU C 112 -50.68 19.50 40.23
N GLY C 113 -50.90 20.72 40.71
CA GLY C 113 -51.93 21.58 40.17
C GLY C 113 -51.47 22.41 39.00
N GLN C 114 -50.74 21.80 38.06
CA GLN C 114 -50.28 22.50 36.87
C GLN C 114 -51.47 22.77 35.95
N GLU C 115 -51.82 24.05 35.80
CA GLU C 115 -52.94 24.45 34.96
C GLU C 115 -52.65 25.82 34.38
N GLN C 116 -53.37 26.16 33.31
CA GLN C 116 -53.13 27.37 32.55
C GLN C 116 -53.88 28.54 33.18
N LYS C 117 -53.14 29.60 33.50
CA LYS C 117 -53.71 30.84 34.01
C LYS C 117 -52.62 31.90 33.98
N LEU C 118 -52.96 33.10 34.47
CA LEU C 118 -52.10 34.28 34.37
C LEU C 118 -51.36 34.56 35.67
N CYS C 119 -50.94 33.52 36.39
CA CYS C 119 -50.24 33.72 37.65
C CYS C 119 -48.75 34.01 37.38
N PRO C 120 -48.01 34.51 38.40
CA PRO C 120 -46.59 34.82 38.17
C PRO C 120 -45.69 33.59 38.09
N GLU C 121 -44.39 33.80 37.98
CA GLU C 121 -43.40 32.74 37.87
C GLU C 121 -42.54 32.68 39.12
N TYR C 122 -41.80 31.57 39.25
CA TYR C 122 -40.93 31.39 40.40
C TYR C 122 -39.74 32.34 40.29
N PRO C 123 -39.31 32.98 41.41
CA PRO C 123 -38.16 33.88 41.31
C PRO C 123 -36.83 33.16 41.43
N SER C 124 -36.02 33.21 40.37
CA SER C 124 -34.69 32.61 40.39
C SER C 124 -33.72 33.58 41.05
N ARG C 125 -32.42 33.29 40.93
CA ARG C 125 -31.40 34.19 41.48
C ARG C 125 -31.44 35.54 40.79
N GLY C 126 -31.37 35.54 39.46
CA GLY C 126 -31.40 36.77 38.69
C GLY C 126 -32.79 37.17 38.23
N LYS C 127 -33.71 36.21 38.17
CA LYS C 127 -35.06 36.48 37.68
C LYS C 127 -35.89 37.31 38.64
N GLN C 128 -35.42 37.56 39.87
CA GLN C 128 -36.15 38.39 40.82
C GLN C 128 -36.27 39.81 40.29
N CYS C 129 -37.48 40.21 39.92
CA CYS C 129 -37.75 41.52 39.32
C CYS C 129 -38.63 42.31 40.28
N HIS C 130 -38.09 43.43 40.79
CA HIS C 130 -38.84 44.31 41.69
C HIS C 130 -39.52 45.46 40.96
N SER C 131 -39.22 45.67 39.68
CA SER C 131 -39.83 46.77 38.94
C SER C 131 -41.33 46.53 38.77
N ASP C 132 -42.07 47.63 38.63
CA ASP C 132 -43.53 47.60 38.46
C ASP C 132 -43.84 47.79 36.98
N GLN C 133 -44.40 46.74 36.36
CA GLN C 133 -44.77 46.75 34.95
C GLN C 133 -43.58 47.04 34.04
N GLY C 134 -42.38 46.59 34.42
CA GLY C 134 -41.18 46.84 33.65
C GLY C 134 -40.86 45.75 32.65
N CYS C 135 -41.41 44.55 32.87
CA CYS C 135 -41.12 43.44 31.97
C CYS C 135 -41.73 43.68 30.59
N ILE C 136 -41.15 43.01 29.58
CA ILE C 136 -41.61 43.20 28.21
C ILE C 136 -42.99 42.57 28.02
N LYS C 137 -43.72 43.11 27.05
CA LYS C 137 -45.05 42.63 26.71
C LYS C 137 -44.97 41.75 25.47
N GLY C 138 -45.49 40.53 25.56
CA GLY C 138 -45.44 39.60 24.46
C GLY C 138 -44.02 39.21 24.10
N TRP C 139 -43.21 38.89 25.11
CA TRP C 139 -41.80 38.59 24.87
C TRP C 139 -41.61 37.14 24.43
N MET C 140 -42.45 36.22 24.88
CA MET C 140 -42.32 34.80 24.59
C MET C 140 -40.96 34.29 25.08
N ASP C 141 -40.79 34.34 26.40
CA ASP C 141 -39.53 33.97 27.01
C ASP C 141 -39.23 32.49 26.79
N PRO C 142 -37.99 32.12 26.42
CA PRO C 142 -37.62 30.70 26.47
C PRO C 142 -37.42 30.21 27.90
N GLN C 143 -37.06 31.12 28.81
CA GLN C 143 -36.84 30.74 30.20
C GLN C 143 -38.14 30.31 30.86
N SER C 144 -39.12 31.20 30.93
CA SER C 144 -40.45 30.88 31.46
C SER C 144 -41.31 30.35 30.33
N LYS C 145 -42.16 29.37 30.65
CA LYS C 145 -42.86 28.63 29.60
C LYS C 145 -43.97 29.45 28.96
N GLY C 146 -44.34 30.58 29.56
CA GLY C 146 -45.49 31.33 29.09
C GLY C 146 -45.09 32.65 28.45
N ILE C 147 -45.95 33.14 27.54
CA ILE C 147 -45.77 34.46 26.97
C ILE C 147 -46.29 35.49 27.95
N GLN C 148 -45.54 36.57 28.12
CA GLN C 148 -45.73 37.49 29.23
C GLN C 148 -46.22 38.85 28.77
N THR C 149 -47.31 39.32 29.36
CA THR C 149 -47.62 40.73 29.48
C THR C 149 -47.19 41.15 30.87
N GLY C 150 -46.41 42.23 30.96
CA GLY C 150 -45.61 42.51 32.14
C GLY C 150 -46.34 42.48 33.47
N ARG C 151 -47.13 43.52 33.76
CA ARG C 151 -47.97 43.64 34.95
C ARG C 151 -47.29 43.14 36.21
N CYS C 152 -46.02 43.50 36.41
CA CYS C 152 -45.25 42.90 37.49
C CYS C 152 -45.78 43.35 38.85
N ILE C 153 -46.16 42.38 39.67
CA ILE C 153 -46.65 42.65 41.02
C ILE C 153 -46.21 41.53 41.95
N PRO C 154 -46.23 41.78 43.26
CA PRO C 154 -45.71 40.78 44.20
C PRO C 154 -46.76 39.74 44.61
N TYR C 155 -46.39 38.46 44.52
CA TYR C 155 -47.18 37.36 45.06
C TYR C 155 -46.46 36.66 46.21
N ASP C 156 -45.14 36.70 46.23
CA ASP C 156 -44.38 36.20 47.37
C ASP C 156 -44.40 37.22 48.50
N GLN C 157 -43.69 36.89 49.58
CA GLN C 157 -43.65 37.78 50.74
C GLN C 157 -42.74 38.97 50.49
N LYS C 158 -41.47 38.72 50.18
CA LYS C 158 -40.46 39.76 49.99
C LYS C 158 -39.81 39.68 48.61
N ARG C 159 -40.59 39.44 47.57
CA ARG C 159 -40.07 39.37 46.20
C ARG C 159 -41.25 39.30 45.25
N LYS C 160 -40.97 39.56 43.97
CA LYS C 160 -42.01 39.64 42.95
C LYS C 160 -41.48 39.07 41.64
N THR C 161 -42.40 38.89 40.69
CA THR C 161 -42.07 38.39 39.37
C THR C 161 -43.10 38.88 38.37
N CYS C 162 -42.74 38.80 37.10
CA CYS C 162 -43.64 39.26 36.03
C CYS C 162 -44.84 38.33 35.90
N GLU C 163 -45.90 38.85 35.29
CA GLU C 163 -47.08 38.04 35.02
C GLU C 163 -46.85 37.19 33.78
N ILE C 164 -46.95 35.87 33.95
CA ILE C 164 -46.63 34.90 32.91
C ILE C 164 -47.87 34.08 32.62
N PHE C 165 -48.00 33.67 31.35
CA PHE C 165 -49.10 32.84 30.89
C PHE C 165 -48.74 31.36 30.89
N ALA C 166 -47.84 30.93 31.77
CA ALA C 166 -47.39 29.56 31.79
C ALA C 166 -48.34 28.68 32.60
N TRP C 167 -48.06 27.38 32.59
CA TRP C 167 -48.74 26.47 33.49
C TRP C 167 -48.36 26.81 34.93
N CYS C 168 -49.38 27.05 35.75
CA CYS C 168 -49.22 27.61 37.08
C CYS C 168 -49.66 26.59 38.13
N PRO C 169 -49.27 26.78 39.41
CA PRO C 169 -48.39 27.79 40.02
C PRO C 169 -46.94 27.35 40.28
N ALA C 170 -45.98 28.16 39.83
CA ALA C 170 -44.59 28.10 40.28
C ALA C 170 -43.98 26.71 40.04
N GLU C 171 -43.88 26.36 38.77
CA GLU C 171 -43.33 25.07 38.34
C GLU C 171 -41.86 25.18 37.95
N GLU C 172 -41.54 26.09 37.03
CA GLU C 172 -40.18 26.24 36.55
C GLU C 172 -39.36 27.05 37.54
N GLY C 173 -38.08 27.25 37.22
CA GLY C 173 -37.19 28.11 37.97
C GLY C 173 -36.70 27.56 39.29
N LYS C 174 -37.18 26.41 39.73
CA LYS C 174 -36.79 25.88 41.04
C LYS C 174 -35.53 25.03 40.92
N GLU C 175 -34.66 25.13 41.93
CA GLU C 175 -33.43 24.37 41.96
C GLU C 175 -33.68 22.96 42.47
N ALA C 176 -32.68 22.10 42.29
CA ALA C 176 -32.79 20.71 42.71
C ALA C 176 -32.47 20.59 44.20
N PRO C 177 -32.97 19.54 44.88
CA PRO C 177 -32.66 19.38 46.31
C PRO C 177 -31.22 18.96 46.52
N ARG C 178 -30.70 19.29 47.70
CA ARG C 178 -29.34 18.94 48.11
C ARG C 178 -29.39 18.60 49.59
N PRO C 179 -29.16 17.34 50.00
CA PRO C 179 -28.77 16.13 49.27
C PRO C 179 -29.79 15.64 48.26
N ALA C 180 -29.37 14.72 47.39
CA ALA C 180 -30.22 14.25 46.31
C ALA C 180 -31.21 13.21 46.81
N LEU C 181 -32.39 13.19 46.20
CA LEU C 181 -33.37 12.13 46.46
C LEU C 181 -32.98 10.90 45.67
N LEU C 182 -33.53 9.74 46.07
CA LEU C 182 -33.22 8.46 45.42
C LEU C 182 -31.71 8.18 45.44
N ARG C 183 -31.10 8.37 46.62
CA ARG C 183 -29.70 8.00 46.78
C ARG C 183 -29.51 6.49 46.75
N SER C 184 -30.59 5.71 46.92
CA SER C 184 -30.53 4.27 46.80
C SER C 184 -30.34 3.81 45.36
N ALA C 185 -30.39 4.75 44.39
CA ALA C 185 -30.12 4.43 42.99
C ALA C 185 -28.63 4.42 42.67
N GLU C 186 -27.84 3.69 43.46
CA GLU C 186 -26.42 3.47 43.21
C GLU C 186 -26.06 2.00 43.26
N ASN C 187 -26.77 1.21 44.06
CA ASN C 187 -26.66 -0.24 44.04
C ASN C 187 -27.49 -0.90 42.95
N PHE C 188 -28.17 -0.10 42.12
CA PHE C 188 -28.96 -0.67 41.02
C PHE C 188 -28.04 -1.42 40.06
N THR C 189 -28.59 -2.47 39.46
CA THR C 189 -27.84 -3.39 38.62
C THR C 189 -28.33 -3.27 37.19
N VAL C 190 -27.39 -3.29 36.24
CA VAL C 190 -27.68 -3.18 34.82
C VAL C 190 -27.12 -4.42 34.13
N LEU C 191 -28.00 -5.13 33.41
CA LEU C 191 -27.62 -6.24 32.55
C LEU C 191 -27.63 -5.75 31.11
N ILE C 192 -26.48 -5.84 30.44
CA ILE C 192 -26.30 -5.35 29.08
C ILE C 192 -25.98 -6.55 28.20
N LYS C 193 -26.94 -6.92 27.35
CA LYS C 193 -26.78 -8.00 26.38
C LYS C 193 -26.48 -7.37 25.04
N ASN C 194 -25.25 -7.54 24.55
CA ASN C 194 -24.77 -6.92 23.33
C ASN C 194 -24.47 -8.01 22.29
N ASN C 195 -25.17 -7.96 21.17
CA ASN C 195 -24.97 -8.88 20.05
C ASN C 195 -24.32 -8.11 18.91
N ILE C 196 -23.13 -8.56 18.48
CA ILE C 196 -22.38 -7.90 17.42
C ILE C 196 -22.23 -8.88 16.26
N ASP C 197 -22.07 -8.32 15.06
CA ASP C 197 -21.96 -9.11 13.85
C ASP C 197 -21.00 -8.45 12.88
N PHE C 198 -20.24 -9.29 12.16
CA PHE C 198 -19.41 -8.90 11.03
C PHE C 198 -20.03 -9.53 9.79
N PRO C 199 -20.85 -8.81 9.02
CA PRO C 199 -21.55 -9.46 7.90
C PRO C 199 -20.62 -9.82 6.75
N GLY C 200 -19.63 -8.97 6.44
CA GLY C 200 -18.69 -9.32 5.38
C GLY C 200 -17.89 -10.56 5.70
N HIS C 201 -17.32 -10.61 6.91
CA HIS C 201 -16.70 -11.83 7.40
C HIS C 201 -17.70 -12.89 7.81
N ASN C 202 -18.97 -12.52 8.01
CA ASN C 202 -20.03 -13.46 8.37
C ASN C 202 -19.71 -14.16 9.68
N TYR C 203 -19.61 -13.37 10.75
CA TYR C 203 -19.35 -13.90 12.09
C TYR C 203 -20.19 -13.12 13.09
N THR C 204 -21.13 -13.80 13.73
CA THR C 204 -22.00 -13.22 14.74
C THR C 204 -21.62 -13.76 16.12
N THR C 205 -21.57 -12.87 17.11
CA THR C 205 -21.32 -13.28 18.48
C THR C 205 -22.05 -12.33 19.42
N ARG C 206 -21.94 -12.59 20.71
CA ARG C 206 -22.68 -11.84 21.71
C ARG C 206 -21.87 -11.76 23.00
N ASN C 207 -22.28 -10.82 23.86
CA ASN C 207 -21.57 -10.60 25.11
C ASN C 207 -21.67 -11.81 26.03
N ILE C 208 -22.88 -12.31 26.25
CA ILE C 208 -23.13 -13.41 27.17
C ILE C 208 -23.01 -14.72 26.42
N LEU C 209 -22.24 -15.64 26.97
CA LEU C 209 -22.00 -16.97 26.40
C LEU C 209 -22.48 -18.02 27.37
N PRO C 210 -22.64 -19.27 26.92
CA PRO C 210 -23.03 -20.33 27.86
C PRO C 210 -21.96 -20.55 28.93
N GLY C 211 -22.41 -20.77 30.15
CA GLY C 211 -21.53 -21.05 31.26
C GLY C 211 -21.14 -19.86 32.10
N MET C 212 -21.45 -18.64 31.66
CA MET C 212 -21.09 -17.45 32.44
C MET C 212 -21.92 -17.40 33.72
N ASN C 213 -21.29 -16.92 34.78
CA ASN C 213 -21.96 -16.82 36.07
C ASN C 213 -23.05 -15.77 36.00
N ILE C 214 -24.22 -16.10 36.55
CA ILE C 214 -25.36 -15.18 36.51
C ILE C 214 -25.27 -14.17 37.65
N SER C 215 -24.76 -14.60 38.81
CA SER C 215 -24.69 -13.75 39.99
C SER C 215 -23.43 -12.89 40.04
N CYS C 216 -22.70 -12.76 38.93
CA CYS C 216 -21.46 -11.99 38.95
C CYS C 216 -21.75 -10.49 38.93
N THR C 217 -20.73 -9.71 39.27
CA THR C 217 -20.76 -8.26 39.17
C THR C 217 -19.45 -7.80 38.54
N PHE C 218 -19.53 -6.79 37.68
CA PHE C 218 -18.36 -6.37 36.91
C PHE C 218 -17.28 -5.81 37.83
N HIS C 219 -16.04 -6.23 37.58
CA HIS C 219 -14.87 -5.66 38.24
C HIS C 219 -13.73 -5.62 37.24
N LYS C 220 -12.83 -4.66 37.42
CA LYS C 220 -11.79 -4.41 36.44
C LYS C 220 -10.82 -5.58 36.33
N THR C 221 -10.52 -6.24 37.44
CA THR C 221 -9.49 -7.27 37.51
C THR C 221 -10.05 -8.67 37.73
N TRP C 222 -11.04 -8.82 38.62
CA TRP C 222 -11.48 -10.15 39.00
C TRP C 222 -12.34 -10.80 37.93
N ASN C 223 -13.44 -10.16 37.55
CA ASN C 223 -14.40 -10.69 36.58
C ASN C 223 -14.74 -9.59 35.57
N PRO C 224 -13.83 -9.28 34.65
CA PRO C 224 -14.12 -8.22 33.68
C PRO C 224 -15.16 -8.61 32.65
N GLN C 225 -15.21 -9.89 32.26
CA GLN C 225 -16.13 -10.32 31.22
C GLN C 225 -17.59 -10.36 31.68
N CYS C 226 -17.85 -10.16 32.96
CA CYS C 226 -19.22 -10.15 33.46
C CYS C 226 -19.95 -8.93 32.90
N PRO C 227 -21.07 -9.09 32.20
CA PRO C 227 -21.78 -7.92 31.68
C PRO C 227 -22.75 -7.27 32.66
N ILE C 228 -22.71 -7.68 33.93
CA ILE C 228 -23.57 -7.10 34.96
C ILE C 228 -22.79 -5.98 35.63
N PHE C 229 -23.37 -4.78 35.64
CA PHE C 229 -22.71 -3.57 36.12
C PHE C 229 -23.48 -2.95 37.28
N ARG C 230 -22.74 -2.41 38.24
CA ARG C 230 -23.31 -1.61 39.32
C ARG C 230 -23.04 -0.14 39.03
N LEU C 231 -24.06 0.70 39.25
CA LEU C 231 -23.93 2.12 38.91
C LEU C 231 -22.88 2.81 39.77
N GLY C 232 -22.76 2.42 41.04
CA GLY C 232 -21.75 3.03 41.89
C GLY C 232 -20.34 2.69 41.48
N ASP C 233 -20.10 1.44 41.09
CA ASP C 233 -18.76 1.03 40.66
C ASP C 233 -18.35 1.74 39.38
N ILE C 234 -19.32 2.02 38.49
CA ILE C 234 -19.00 2.70 37.24
C ILE C 234 -18.44 4.09 37.53
N PHE C 235 -19.03 4.80 38.49
CA PHE C 235 -18.54 6.12 38.85
C PHE C 235 -17.26 6.04 39.67
N GLN C 236 -17.12 4.99 40.50
CA GLN C 236 -15.97 4.89 41.38
C GLN C 236 -14.71 4.46 40.64
N GLU C 237 -14.87 3.76 39.51
CA GLU C 237 -13.70 3.31 38.76
C GLU C 237 -12.96 4.47 38.10
N ILE C 238 -13.61 5.60 37.88
CA ILE C 238 -13.02 6.78 37.25
C ILE C 238 -12.95 7.97 38.20
N GLY C 239 -13.20 7.76 39.48
CA GLY C 239 -13.11 8.82 40.47
C GLY C 239 -14.30 9.75 40.52
N GLU C 240 -15.36 9.48 39.77
CA GLU C 240 -16.54 10.32 39.80
C GLU C 240 -17.36 10.05 41.06
N ASN C 241 -17.94 11.13 41.60
CA ASN C 241 -18.77 11.07 42.80
C ASN C 241 -20.23 10.99 42.36
N PHE C 242 -20.93 9.94 42.81
CA PHE C 242 -22.31 9.74 42.40
C PHE C 242 -23.27 10.69 43.08
N THR C 243 -22.90 11.28 44.22
CA THR C 243 -23.83 12.15 44.94
C THR C 243 -24.04 13.46 44.19
N GLU C 244 -22.95 14.13 43.79
CA GLU C 244 -23.07 15.39 43.07
C GLU C 244 -23.75 15.19 41.72
N VAL C 245 -23.49 14.05 41.06
CA VAL C 245 -24.16 13.75 39.80
C VAL C 245 -25.62 13.38 40.05
N ALA C 246 -25.95 12.92 41.26
CA ALA C 246 -27.34 12.62 41.59
C ALA C 246 -28.13 13.88 41.87
N VAL C 247 -27.49 14.90 42.46
CA VAL C 247 -28.16 16.18 42.68
C VAL C 247 -28.56 16.80 41.34
N GLN C 248 -27.57 17.07 40.49
CA GLN C 248 -27.78 17.52 39.12
C GLN C 248 -27.28 16.41 38.19
N GLY C 249 -28.18 15.92 37.33
CA GLY C 249 -27.90 14.77 36.49
C GLY C 249 -26.70 14.93 35.58
N GLY C 250 -26.36 13.85 34.88
CA GLY C 250 -25.24 13.87 33.94
C GLY C 250 -25.43 12.86 32.84
N ILE C 251 -24.37 12.60 32.07
CA ILE C 251 -24.38 11.63 30.99
C ILE C 251 -23.10 10.81 31.08
N MET C 252 -23.24 9.50 31.27
CA MET C 252 -22.13 8.57 31.31
C MET C 252 -22.10 7.76 30.02
N GLY C 253 -20.94 7.17 29.75
CA GLY C 253 -20.74 6.37 28.56
C GLY C 253 -20.03 5.07 28.86
N ILE C 254 -20.69 3.97 28.56
CA ILE C 254 -20.15 2.63 28.74
C ILE C 254 -19.59 2.20 27.38
N GLU C 255 -18.28 2.27 27.24
CA GLU C 255 -17.61 1.93 25.99
C GLU C 255 -17.32 0.44 25.97
N ILE C 256 -17.78 -0.23 24.90
CA ILE C 256 -17.60 -1.66 24.71
C ILE C 256 -16.79 -1.83 23.43
N TYR C 257 -15.51 -2.17 23.58
CA TYR C 257 -14.57 -2.26 22.46
C TYR C 257 -14.35 -3.71 22.08
N TRP C 258 -14.52 -4.01 20.79
CA TRP C 258 -14.28 -5.34 20.25
C TRP C 258 -13.03 -5.29 19.37
N ASP C 259 -12.03 -6.10 19.71
CA ASP C 259 -10.84 -6.28 18.87
C ASP C 259 -10.82 -7.75 18.48
N CYS C 260 -11.57 -8.09 17.43
CA CYS C 260 -11.84 -9.49 17.10
C CYS C 260 -10.90 -9.96 16.00
N ASN C 261 -10.27 -11.11 16.23
CA ASN C 261 -9.44 -11.78 15.25
C ASN C 261 -10.13 -13.08 14.86
N LEU C 262 -10.75 -13.09 13.69
CA LEU C 262 -11.59 -14.21 13.27
C LEU C 262 -10.80 -15.35 12.65
N ASP C 263 -9.46 -15.29 12.69
CA ASP C 263 -8.65 -16.40 12.20
C ASP C 263 -8.71 -17.56 13.20
N SER C 264 -8.82 -18.78 12.68
CA SER C 264 -9.01 -19.94 13.55
C SER C 264 -7.78 -20.22 14.42
N TRP C 265 -6.58 -20.06 13.86
CA TRP C 265 -5.37 -20.39 14.60
C TRP C 265 -5.12 -19.45 15.78
N SER C 266 -5.71 -18.25 15.78
CA SER C 266 -5.59 -17.31 16.88
C SER C 266 -6.94 -16.66 17.19
N HIS C 267 -8.00 -17.46 17.17
CA HIS C 267 -9.36 -16.93 17.31
C HIS C 267 -9.57 -16.37 18.71
N ARG C 268 -9.79 -15.07 18.80
CA ARG C 268 -10.24 -14.43 20.03
C ARG C 268 -11.13 -13.25 19.66
N CYS C 269 -12.34 -13.25 20.22
CA CYS C 269 -13.33 -12.20 19.91
C CYS C 269 -14.19 -12.02 21.16
N GLN C 270 -13.81 -11.05 21.99
CA GLN C 270 -14.49 -10.77 23.25
C GLN C 270 -14.42 -9.28 23.50
N PRO C 271 -15.33 -8.73 24.32
CA PRO C 271 -15.37 -7.28 24.51
C PRO C 271 -14.47 -6.84 25.66
N LYS C 272 -14.15 -5.54 25.64
CA LYS C 272 -13.46 -4.87 26.73
C LYS C 272 -14.32 -3.69 27.15
N TYR C 273 -14.58 -3.57 28.45
CA TYR C 273 -15.47 -2.57 28.99
C TYR C 273 -14.68 -1.43 29.62
N SER C 274 -15.09 -0.20 29.32
CA SER C 274 -14.53 0.99 29.95
C SER C 274 -15.66 1.99 30.17
N PHE C 275 -15.38 3.02 30.96
CA PHE C 275 -16.38 4.00 31.35
C PHE C 275 -15.79 5.40 31.21
N ARG C 276 -16.62 6.33 30.75
CA ARG C 276 -16.16 7.70 30.49
C ARG C 276 -17.31 8.67 30.70
N ARG C 277 -17.06 9.74 31.46
CA ARG C 277 -18.07 10.77 31.64
C ARG C 277 -18.19 11.60 30.38
N LEU C 278 -19.40 11.67 29.83
CA LEU C 278 -19.66 12.31 28.55
C LEU C 278 -20.01 13.79 28.68
N ASP C 279 -20.82 14.15 29.68
CA ASP C 279 -21.17 15.54 29.88
C ASP C 279 -20.00 16.31 30.49
N ASP C 280 -19.90 17.58 30.11
CA ASP C 280 -18.83 18.43 30.63
C ASP C 280 -19.06 18.70 32.10
N LYS C 281 -18.09 18.32 32.93
CA LYS C 281 -18.19 18.54 34.37
C LYS C 281 -18.21 20.03 34.69
N TYR C 282 -17.17 20.74 34.25
CA TYR C 282 -17.06 22.19 34.44
C TYR C 282 -17.69 22.86 33.23
N THR C 283 -18.97 23.20 33.34
CA THR C 283 -19.76 23.77 32.27
C THR C 283 -20.43 25.05 32.74
N ASN C 284 -20.84 25.90 31.79
CA ASN C 284 -21.45 27.18 32.11
C ASN C 284 -22.79 27.02 32.80
N GLU C 285 -23.15 27.99 33.60
CA GLU C 285 -24.44 27.95 34.29
C GLU C 285 -25.57 28.36 33.37
N SER C 286 -25.30 29.26 32.41
CA SER C 286 -26.32 29.65 31.45
C SER C 286 -26.77 28.44 30.62
N LEU C 287 -25.83 27.61 30.21
CA LEU C 287 -26.15 26.34 29.56
C LEU C 287 -26.71 25.36 30.59
N PHE C 288 -27.48 24.40 30.10
CA PHE C 288 -28.08 23.40 30.97
C PHE C 288 -27.01 22.42 31.42
N PRO C 289 -26.52 22.48 32.69
CA PRO C 289 -25.35 21.67 33.04
C PRO C 289 -25.61 20.18 33.01
N GLY C 290 -26.65 19.72 33.71
CA GLY C 290 -26.93 18.31 33.84
C GLY C 290 -27.99 17.84 32.88
N TYR C 291 -28.15 16.52 32.84
CA TYR C 291 -29.16 15.87 32.01
C TYR C 291 -30.45 15.76 32.82
N ASN C 292 -31.53 16.31 32.26
CA ASN C 292 -32.82 16.29 32.93
C ASN C 292 -33.92 16.41 31.89
N PHE C 293 -35.14 16.09 32.29
CA PHE C 293 -36.29 16.26 31.42
C PHE C 293 -37.56 16.37 32.25
N ARG C 294 -38.51 17.13 31.74
CA ARG C 294 -39.76 17.43 32.42
C ARG C 294 -40.92 16.88 31.60
N TYR C 295 -41.64 15.93 32.20
CA TYR C 295 -42.78 15.29 31.54
C TYR C 295 -43.95 15.25 32.52
N ALA C 296 -45.14 15.05 31.97
CA ALA C 296 -46.36 15.25 32.73
C ALA C 296 -47.41 14.20 32.35
N LYS C 297 -48.47 14.16 33.15
CA LYS C 297 -49.68 13.42 32.84
C LYS C 297 -50.83 14.42 32.73
N TYR C 298 -51.61 14.31 31.65
CA TYR C 298 -52.70 15.24 31.40
C TYR C 298 -54.01 14.63 31.90
N TYR C 299 -54.89 15.48 32.43
CA TYR C 299 -56.15 15.02 33.00
C TYR C 299 -57.13 16.18 33.08
N LYS C 300 -58.40 15.84 33.26
CA LYS C 300 -59.49 16.81 33.39
C LYS C 300 -60.16 16.59 34.73
N GLU C 301 -60.15 17.61 35.57
CA GLU C 301 -60.77 17.57 36.90
C GLU C 301 -61.56 18.86 37.09
N ASN C 302 -62.84 18.72 37.42
CA ASN C 302 -63.73 19.86 37.58
C ASN C 302 -63.90 20.64 36.27
N GLY C 303 -63.81 19.95 35.13
CA GLY C 303 -63.96 20.57 33.84
C GLY C 303 -62.74 21.26 33.30
N MET C 304 -61.72 21.50 34.12
CA MET C 304 -60.53 22.21 33.67
C MET C 304 -59.52 21.25 33.07
N GLU C 305 -59.07 21.58 31.85
CA GLU C 305 -58.00 20.84 31.18
C GLU C 305 -56.70 21.18 31.90
N LYS C 306 -56.17 20.21 32.66
CA LYS C 306 -55.01 20.42 33.50
C LYS C 306 -54.05 19.24 33.36
N ARG C 307 -52.98 19.29 34.13
CA ARG C 307 -51.97 18.24 34.10
C ARG C 307 -51.14 18.32 35.38
N THR C 308 -50.30 17.31 35.56
CA THR C 308 -49.33 17.26 36.65
C THR C 308 -47.96 16.99 36.06
N LEU C 309 -47.00 17.86 36.36
CA LEU C 309 -45.69 17.88 35.71
C LEU C 309 -44.61 17.54 36.72
N ILE C 310 -43.71 16.63 36.35
CA ILE C 310 -42.55 16.31 37.16
C ILE C 310 -41.29 16.48 36.31
N LYS C 311 -40.29 17.11 36.90
CA LYS C 311 -38.98 17.32 36.29
C LYS C 311 -37.98 16.40 36.96
N ALA C 312 -37.40 15.49 36.17
CA ALA C 312 -36.51 14.44 36.67
C ALA C 312 -35.09 14.72 36.21
N PHE C 313 -34.15 14.70 37.17
CA PHE C 313 -32.73 14.72 36.92
C PHE C 313 -32.19 13.31 37.11
N GLY C 314 -31.33 12.87 36.20
CA GLY C 314 -30.76 11.54 36.31
C GLY C 314 -29.59 11.36 35.37
N VAL C 315 -29.02 10.17 35.42
CA VAL C 315 -27.85 9.80 34.62
C VAL C 315 -28.32 9.01 33.41
N ARG C 316 -27.96 9.50 32.22
CA ARG C 316 -28.20 8.78 30.97
C ARG C 316 -26.93 8.03 30.59
N PHE C 317 -27.03 6.71 30.49
CA PHE C 317 -25.90 5.85 30.17
C PHE C 317 -25.96 5.47 28.70
N ASP C 318 -25.06 6.05 27.91
CA ASP C 318 -24.94 5.71 26.49
C ASP C 318 -24.01 4.51 26.35
N ILE C 319 -24.54 3.40 25.86
CA ILE C 319 -23.75 2.19 25.65
C ILE C 319 -23.14 2.28 24.26
N LEU C 320 -21.89 2.74 24.19
CA LEU C 320 -21.19 2.96 22.93
C LEU C 320 -20.45 1.68 22.58
N VAL C 321 -21.04 0.88 21.70
CA VAL C 321 -20.44 -0.35 21.21
C VAL C 321 -19.67 -0.05 19.95
N PHE C 322 -18.41 -0.44 19.90
CA PHE C 322 -17.58 -0.21 18.73
C PHE C 322 -16.50 -1.28 18.67
N GLY C 323 -15.78 -1.31 17.57
CA GLY C 323 -14.70 -2.25 17.42
C GLY C 323 -14.39 -2.54 15.96
N THR C 324 -13.66 -3.62 15.77
CA THR C 324 -13.20 -4.04 14.45
C THR C 324 -12.91 -5.53 14.46
N GLY C 325 -13.32 -6.20 13.39
CA GLY C 325 -13.03 -7.60 13.19
C GLY C 325 -12.12 -7.81 11.99
N GLY C 326 -11.01 -8.50 12.20
CA GLY C 326 -10.03 -8.75 11.15
C GLY C 326 -10.07 -10.21 10.74
N LYS C 327 -10.01 -10.45 9.43
CA LYS C 327 -9.98 -11.80 8.88
C LYS C 327 -8.94 -11.88 7.79
N PHE C 328 -8.27 -13.03 7.69
CA PHE C 328 -7.17 -13.18 6.75
C PHE C 328 -7.64 -12.98 5.31
N ASP C 329 -6.98 -12.05 4.61
CA ASP C 329 -7.23 -11.78 3.21
C ASP C 329 -5.92 -11.86 2.45
N ILE C 330 -5.97 -12.41 1.24
CA ILE C 330 -4.75 -12.62 0.46
C ILE C 330 -4.35 -11.33 -0.24
N ILE C 331 -5.32 -10.53 -0.67
CA ILE C 331 -5.01 -9.31 -1.42
C ILE C 331 -4.30 -8.29 -0.54
N GLN C 332 -4.71 -8.19 0.72
CA GLN C 332 -4.05 -7.26 1.64
C GLN C 332 -2.60 -7.66 1.88
N LEU C 333 -2.36 -8.95 2.09
CA LEU C 333 -0.99 -9.44 2.27
C LEU C 333 -0.17 -9.19 1.01
N VAL C 334 -0.76 -9.41 -0.16
CA VAL C 334 -0.05 -9.19 -1.41
C VAL C 334 0.34 -7.73 -1.56
N VAL C 335 -0.60 -6.82 -1.26
CA VAL C 335 -0.33 -5.40 -1.37
C VAL C 335 0.76 -4.98 -0.38
N TYR C 336 0.69 -5.50 0.85
CA TYR C 336 1.68 -5.13 1.86
C TYR C 336 3.07 -5.63 1.48
N ILE C 337 3.16 -6.87 0.98
CA ILE C 337 4.45 -7.40 0.57
C ILE C 337 4.99 -6.64 -0.63
N GLY C 338 4.12 -6.29 -1.58
CA GLY C 338 4.56 -5.50 -2.71
C GLY C 338 5.05 -4.12 -2.30
N SER C 339 4.44 -3.54 -1.25
CA SER C 339 4.92 -2.27 -0.75
C SER C 339 6.27 -2.41 -0.08
N THR C 340 6.44 -3.42 0.77
CA THR C 340 7.64 -3.59 1.57
C THR C 340 8.80 -4.22 0.80
N LEU C 341 8.56 -4.74 -0.41
CA LEU C 341 9.64 -5.37 -1.17
C LEU C 341 10.70 -4.36 -1.58
N SER C 342 10.31 -3.10 -1.81
CA SER C 342 11.25 -2.10 -2.27
C SER C 342 12.32 -1.78 -1.23
N TYR C 343 12.05 -2.03 0.05
CA TYR C 343 13.02 -1.72 1.10
C TYR C 343 14.21 -2.66 1.10
N PHE C 344 14.11 -3.84 0.48
CA PHE C 344 15.23 -4.76 0.45
C PHE C 344 16.39 -4.26 -0.39
N GLY C 345 16.17 -3.28 -1.27
CA GLY C 345 17.25 -2.63 -1.97
C GLY C 345 17.99 -1.58 -1.18
N LEU C 346 17.62 -1.39 0.09
CA LEU C 346 18.30 -0.40 0.91
C LEU C 346 19.77 -0.74 1.10
N ALA C 347 20.07 -2.03 1.26
CA ALA C 347 21.46 -2.46 1.40
C ALA C 347 22.27 -2.15 0.15
N THR C 348 21.70 -2.46 -1.03
CA THR C 348 22.39 -2.17 -2.28
C THR C 348 22.59 -0.67 -2.46
N VAL C 349 21.58 0.13 -2.12
CA VAL C 349 21.70 1.58 -2.25
C VAL C 349 22.80 2.10 -1.34
N CYS C 350 22.83 1.63 -0.09
CA CYS C 350 23.84 2.11 0.86
C CYS C 350 25.24 1.69 0.42
N ILE C 351 25.39 0.46 -0.07
CA ILE C 351 26.73 0.00 -0.47
C ILE C 351 27.19 0.74 -1.72
N ASP C 352 26.29 0.98 -2.66
CA ASP C 352 26.65 1.75 -3.85
C ASP C 352 27.02 3.18 -3.48
N LEU C 353 26.31 3.76 -2.51
CA LEU C 353 26.67 5.10 -2.03
C LEU C 353 28.05 5.10 -1.40
N ILE C 354 28.35 4.07 -0.60
CA ILE C 354 29.66 3.95 0.03
C ILE C 354 30.75 3.87 -1.05
N ILE C 355 30.51 3.04 -2.06
CA ILE C 355 31.51 2.84 -3.11
C ILE C 355 31.73 4.13 -3.89
N ASN C 356 30.63 4.80 -4.27
CA ASN C 356 30.75 6.03 -5.05
C ASN C 356 31.35 7.18 -4.24
N THR C 357 31.18 7.16 -2.91
CA THR C 357 31.76 8.21 -2.08
C THR C 357 33.25 7.98 -1.86
N TYR C 358 33.63 6.76 -1.48
CA TYR C 358 35.04 6.47 -1.23
C TYR C 358 35.85 6.30 -2.51
N ALA C 359 35.22 6.36 -3.69
CA ALA C 359 35.97 6.27 -4.93
C ALA C 359 36.55 7.61 -5.33
N SER C 360 35.95 8.71 -4.87
CA SER C 360 36.41 10.04 -5.24
C SER C 360 37.78 10.32 -4.65
N THR C 361 38.54 11.21 -5.30
CA THR C 361 39.85 11.60 -4.80
C THR C 361 39.75 12.54 -3.61
N CYS C 362 38.54 13.08 -3.35
CA CYS C 362 38.35 13.92 -2.17
C CYS C 362 38.66 13.17 -0.88
N CYS C 363 38.38 11.86 -0.84
CA CYS C 363 38.68 11.08 0.34
C CYS C 363 40.17 10.85 0.53
N ARG C 364 40.94 10.79 -0.56
CA ARG C 364 42.39 10.67 -0.47
C ARG C 364 43.08 12.00 -0.22
N SER C 365 42.45 13.11 -0.59
CA SER C 365 43.07 14.42 -0.40
C SER C 365 42.98 14.87 1.05
N ARG C 366 41.77 14.79 1.64
CA ARG C 366 41.49 15.34 2.96
C ARG C 366 41.19 14.27 4.01
N VAL C 367 40.39 13.26 3.65
CA VAL C 367 39.84 12.37 4.67
C VAL C 367 40.89 11.38 5.15
N TYR C 368 41.52 10.64 4.23
CA TYR C 368 42.45 9.58 4.64
C TYR C 368 43.66 10.11 5.40
N PRO C 369 44.33 11.20 5.01
CA PRO C 369 45.48 11.65 5.81
C PRO C 369 45.08 12.14 7.20
N SER C 370 43.95 12.84 7.32
CA SER C 370 43.54 13.39 8.61
C SER C 370 43.03 12.29 9.53
N CYS C 371 42.04 11.53 9.08
CA CYS C 371 41.43 10.52 9.93
C CYS C 371 42.42 9.39 10.24
N LYS C 372 43.04 8.83 9.20
CA LYS C 372 44.04 7.77 9.27
C LYS C 372 43.43 6.39 9.57
N CYS C 373 42.13 6.29 9.82
CA CYS C 373 41.46 5.01 10.00
C CYS C 373 40.69 4.56 8.77
N CYS C 374 40.31 5.48 7.89
CA CYS C 374 39.64 5.14 6.63
C CYS C 374 40.62 4.80 5.52
N GLU C 375 41.88 4.53 5.84
CA GLU C 375 42.86 4.14 4.82
C GLU C 375 42.45 2.89 4.03
N PRO C 376 42.05 1.77 4.65
CA PRO C 376 41.70 0.59 3.82
C PRO C 376 40.42 0.74 3.03
N CYS C 377 39.64 1.81 3.23
CA CYS C 377 38.44 2.05 2.43
C CYS C 377 38.76 2.47 1.01
N ALA C 378 40.02 2.84 0.72
CA ALA C 378 40.42 3.16 -0.66
C ALA C 378 40.19 1.98 -1.60
N VAL C 379 40.16 0.76 -1.08
CA VAL C 379 39.81 -0.42 -1.86
C VAL C 379 38.48 -0.22 -2.60
N ASN C 380 37.55 0.53 -2.00
CA ASN C 380 36.26 0.79 -2.64
C ASN C 380 36.45 1.42 -4.02
N GLU C 381 37.47 2.27 -4.16
CA GLU C 381 37.76 2.90 -5.45
C GLU C 381 37.96 1.85 -6.53
N TYR C 382 38.69 0.78 -6.21
CA TYR C 382 38.89 -0.29 -7.18
C TYR C 382 37.57 -0.88 -7.63
N TYR C 383 36.64 -1.07 -6.69
CA TYR C 383 35.32 -1.59 -7.05
C TYR C 383 34.62 -0.66 -8.02
N TYR C 384 34.82 0.65 -7.87
CA TYR C 384 34.25 1.60 -8.81
C TYR C 384 34.76 1.32 -10.22
N ARG C 385 36.06 1.04 -10.35
CA ARG C 385 36.61 0.72 -11.66
C ARG C 385 36.00 -0.55 -12.23
N LYS C 386 35.51 -1.45 -11.38
CA LYS C 386 34.80 -2.64 -11.83
C LYS C 386 33.29 -2.44 -11.91
N LYS C 387 32.76 -1.36 -11.35
CA LYS C 387 31.33 -1.09 -11.37
C LYS C 387 30.94 -0.14 -12.50
N CYS C 388 31.65 0.97 -12.63
CA CYS C 388 31.31 2.03 -13.56
C CYS C 388 32.20 2.00 -14.79
N GLU C 389 31.66 2.49 -15.91
CA GLU C 389 32.40 2.62 -17.16
C GLU C 389 32.05 3.98 -17.74
N PRO C 390 32.71 5.06 -17.29
CA PRO C 390 32.34 6.40 -17.77
C PRO C 390 32.59 6.54 -19.27
N ILE C 391 31.54 6.97 -19.99
CA ILE C 391 31.64 7.30 -21.41
C ILE C 391 31.20 8.74 -21.58
N VAL C 392 31.31 9.26 -22.81
CA VAL C 392 30.97 10.64 -23.12
C VAL C 392 30.03 10.65 -24.31
N GLU C 393 29.13 11.63 -24.32
CA GLU C 393 28.19 11.77 -25.43
C GLU C 393 28.95 12.07 -26.71
N PRO C 394 28.90 11.18 -27.73
CA PRO C 394 29.64 11.52 -28.98
C PRO C 394 29.01 12.69 -29.73
N LYS C 395 29.27 13.89 -29.22
CA LYS C 395 28.82 15.10 -29.89
C LYS C 395 29.62 15.30 -31.18
N PRO C 396 29.12 16.13 -32.11
CA PRO C 396 29.97 16.50 -33.25
C PRO C 396 31.18 17.32 -32.84
N THR C 397 31.05 18.11 -31.77
CA THR C 397 32.16 18.94 -31.32
C THR C 397 33.13 18.16 -30.44
N LEU C 398 32.78 16.93 -30.05
CA LEU C 398 33.65 16.15 -29.20
C LEU C 398 34.96 15.83 -29.91
N LYS C 399 36.07 16.12 -29.24
CA LYS C 399 37.40 15.88 -29.78
C LYS C 399 38.30 15.38 -28.66
N TYR C 400 39.37 14.70 -29.05
CA TYR C 400 40.39 14.20 -28.13
C TYR C 400 41.76 14.51 -28.71
N VAL C 401 42.64 15.07 -27.88
CA VAL C 401 44.00 15.41 -28.27
C VAL C 401 44.95 14.96 -27.18
N SER C 402 46.09 14.43 -27.59
CA SER C 402 47.11 13.92 -26.69
C SER C 402 48.43 14.63 -26.96
N PHE C 403 49.29 14.63 -25.95
CA PHE C 403 50.61 15.25 -26.03
C PHE C 403 51.61 14.33 -25.35
N VAL C 404 52.77 14.15 -25.99
CA VAL C 404 53.79 13.25 -25.46
C VAL C 404 54.36 13.80 -24.16
N ASP C 405 54.36 15.13 -23.99
CA ASP C 405 54.92 15.72 -22.78
C ASP C 405 54.03 15.43 -21.58
N GLU C 406 52.73 15.70 -21.70
CA GLU C 406 51.79 15.51 -20.60
C GLU C 406 51.30 14.07 -20.57
N PRO C 407 50.90 13.55 -19.40
CA PRO C 407 50.48 12.14 -19.32
C PRO C 407 49.01 11.89 -19.62
N HIS C 408 48.16 12.90 -19.52
CA HIS C 408 46.71 12.76 -19.65
C HIS C 408 46.26 13.22 -21.04
N ILE C 409 44.99 12.96 -21.34
CA ILE C 409 44.38 13.32 -22.61
C ILE C 409 43.31 14.37 -22.35
N TRP C 410 43.24 15.36 -23.24
CA TRP C 410 42.36 16.51 -23.08
C TRP C 410 41.11 16.32 -23.92
N MET C 411 39.95 16.51 -23.29
CA MET C 411 38.66 16.39 -23.96
C MET C 411 38.23 17.78 -24.40
N VAL C 412 38.45 18.10 -25.68
CA VAL C 412 38.09 19.42 -26.21
C VAL C 412 36.66 19.30 -26.72
N ASP C 413 35.72 19.52 -25.80
CA ASP C 413 34.30 19.50 -26.14
C ASP C 413 33.84 20.83 -26.72
N GLN C 414 34.56 21.92 -26.46
CA GLN C 414 34.18 23.23 -26.97
C GLN C 414 34.22 23.25 -28.50
N GLN C 415 33.49 24.21 -29.06
CA GLN C 415 33.39 24.36 -30.51
C GLN C 415 34.47 25.29 -31.02
N LEU C 416 34.88 25.08 -32.27
CA LEU C 416 35.94 25.87 -32.90
C LEU C 416 35.33 27.15 -33.47
N LEU C 417 35.71 28.29 -32.88
CA LEU C 417 35.29 29.60 -33.35
C LEU C 417 36.42 30.33 -34.06
N GLY C 418 37.24 29.59 -34.82
CA GLY C 418 38.36 30.16 -35.52
C GLY C 418 39.67 30.10 -34.77
N LYS C 419 39.65 29.89 -33.46
CA LYS C 419 40.87 29.79 -32.68
C LYS C 419 41.57 28.47 -32.94
N SER C 420 42.89 28.48 -32.78
CA SER C 420 43.69 27.29 -33.03
C SER C 420 43.43 26.24 -31.95
N LEU C 421 43.27 24.98 -32.39
CA LEU C 421 42.98 23.89 -31.46
C LEU C 421 44.14 23.60 -30.52
N GLN C 422 45.36 24.04 -30.86
CA GLN C 422 46.51 23.74 -30.00
C GLN C 422 46.39 24.42 -28.64
N ASP C 423 45.82 25.63 -28.60
CA ASP C 423 45.69 26.40 -27.38
C ASP C 423 44.34 26.20 -26.69
N VAL C 424 43.38 25.55 -27.32
CA VAL C 424 42.09 25.31 -26.67
C VAL C 424 42.29 24.38 -25.48
N LYS C 425 41.63 24.72 -24.37
CA LYS C 425 41.76 24.01 -23.11
C LYS C 425 40.54 23.12 -22.92
N GLY C 426 40.76 21.95 -22.30
CA GLY C 426 39.68 21.03 -22.03
C GLY C 426 39.91 20.30 -20.72
N GLN C 427 39.02 19.35 -20.45
CA GLN C 427 39.12 18.56 -19.23
C GLN C 427 40.07 17.38 -19.44
N GLU C 428 41.01 17.22 -18.52
CA GLU C 428 41.93 16.10 -18.59
C GLU C 428 41.18 14.79 -18.35
N VAL C 429 41.63 13.75 -19.04
CA VAL C 429 41.07 12.40 -18.90
C VAL C 429 42.25 11.43 -18.76
N PRO C 430 42.28 10.54 -17.77
CA PRO C 430 43.43 9.65 -17.65
C PRO C 430 43.41 8.57 -18.72
N ARG C 431 44.59 8.26 -19.24
CA ARG C 431 44.70 7.22 -20.25
C ARG C 431 44.35 5.86 -19.62
N PRO C 432 43.77 4.91 -20.39
CA PRO C 432 43.47 3.60 -19.79
C PRO C 432 44.71 2.83 -19.38
N GLN C 433 44.51 1.63 -18.83
CA GLN C 433 45.60 0.77 -18.39
C GLN C 433 46.39 0.15 -19.55
N THR C 434 46.01 0.42 -20.80
CA THR C 434 46.70 0.02 -22.03
C THR C 434 46.46 -1.45 -22.39
N ASP C 435 45.77 -2.23 -21.56
CA ASP C 435 45.49 -3.64 -21.85
C ASP C 435 46.81 -4.41 -22.02
N PHE C 436 47.54 -4.50 -20.90
CA PHE C 436 48.89 -5.04 -20.91
C PHE C 436 48.98 -6.46 -21.46
N LEU C 437 47.88 -7.22 -21.42
CA LEU C 437 47.87 -8.55 -22.01
C LEU C 437 48.10 -8.48 -23.52
N GLU C 438 47.31 -7.66 -24.21
CA GLU C 438 47.47 -7.51 -25.65
C GLU C 438 48.77 -6.80 -26.01
N LEU C 439 49.28 -5.97 -25.10
CA LEU C 439 50.54 -5.26 -25.32
C LEU C 439 51.76 -6.11 -25.01
N SER C 440 51.61 -7.26 -24.34
CA SER C 440 52.75 -8.06 -23.92
C SER C 440 53.39 -8.86 -25.04
N ARG C 441 52.97 -8.68 -26.30
CA ARG C 441 53.56 -9.43 -27.41
C ARG C 441 54.97 -8.93 -27.69
N LEU C 442 55.66 -9.60 -28.61
CA LEU C 442 57.03 -9.23 -28.96
C LEU C 442 57.04 -7.93 -29.77
N SER C 470 62.98 25.76 -43.24
CA SER C 470 63.40 25.25 -41.94
C SER C 470 62.47 25.74 -40.84
N ARG C 471 62.56 27.03 -40.52
CA ARG C 471 61.76 27.64 -39.47
C ARG C 471 60.51 28.33 -40.03
N ASP C 472 59.92 27.77 -41.08
CA ASP C 472 58.72 28.32 -41.69
C ASP C 472 57.43 27.71 -41.14
N SER C 473 57.44 27.26 -39.88
CA SER C 473 56.29 26.58 -39.31
C SER C 473 55.12 27.55 -39.19
N PRO C 474 53.91 27.03 -38.95
CA PRO C 474 52.74 27.93 -38.77
C PRO C 474 52.80 28.81 -37.53
N ASP C 475 53.74 28.60 -36.64
CA ASP C 475 53.98 29.38 -35.42
C ASP C 475 53.04 29.02 -34.28
N TRP C 476 52.10 28.09 -34.46
CA TRP C 476 51.29 27.56 -33.36
C TRP C 476 51.77 26.20 -32.87
N CYS C 477 52.64 25.53 -33.62
CA CYS C 477 53.24 24.27 -33.19
C CYS C 477 54.55 24.56 -32.47
N GLN C 478 55.11 23.50 -31.89
CA GLN C 478 56.40 23.57 -31.20
C GLN C 478 57.47 22.68 -31.81
N CYS C 479 57.07 21.66 -32.59
CA CYS C 479 58.02 20.80 -33.27
C CYS C 479 58.47 21.45 -34.58
N GLY C 480 59.12 20.68 -35.45
CA GLY C 480 59.58 21.18 -36.74
C GLY C 480 58.89 20.55 -37.92
N ASN C 481 58.26 19.39 -37.73
CA ASN C 481 57.67 18.63 -38.82
C ASN C 481 56.23 19.05 -39.13
N CYS C 482 55.67 20.03 -38.43
CA CYS C 482 54.32 20.48 -38.74
C CYS C 482 54.27 21.13 -40.11
N LEU C 483 53.05 21.30 -40.63
CA LEU C 483 52.83 21.86 -41.95
C LEU C 483 51.44 22.50 -41.93
N PRO C 484 51.21 23.61 -42.64
CA PRO C 484 49.84 24.16 -42.68
C PRO C 484 48.87 23.19 -43.33
N SER C 485 47.61 23.30 -42.91
CA SER C 485 46.55 22.41 -43.37
C SER C 485 45.90 22.97 -44.62
N GLN C 486 45.51 22.07 -45.53
CA GLN C 486 44.88 22.44 -46.80
C GLN C 486 43.40 22.10 -46.70
N LEU C 487 42.61 23.05 -46.21
CA LEU C 487 41.19 22.87 -46.04
C LEU C 487 40.51 24.23 -46.14
N PRO C 488 39.18 24.26 -46.21
CA PRO C 488 38.49 25.56 -46.16
C PRO C 488 38.78 26.30 -44.86
N GLU C 489 38.86 27.62 -44.96
CA GLU C 489 39.23 28.44 -43.81
C GLU C 489 38.22 28.32 -42.68
N ASN C 490 36.95 28.05 -43.00
CA ASN C 490 35.94 27.91 -41.96
C ASN C 490 36.19 26.67 -41.11
N ARG C 491 36.78 25.62 -41.71
CA ARG C 491 37.05 24.36 -41.02
C ARG C 491 38.55 24.03 -41.02
N ARG C 492 39.41 25.05 -41.03
CA ARG C 492 40.85 24.84 -41.06
C ARG C 492 41.46 24.71 -39.67
N ALA C 493 40.81 25.28 -38.64
CA ALA C 493 41.36 25.26 -37.29
C ALA C 493 41.32 23.88 -36.67
N LEU C 494 40.53 22.94 -37.23
CA LEU C 494 40.48 21.60 -36.68
C LEU C 494 41.81 20.88 -36.81
N GLU C 495 42.45 21.00 -37.96
CA GLU C 495 43.74 20.33 -38.18
C GLU C 495 44.88 21.08 -37.50
N GLU C 496 44.63 22.30 -37.02
CA GLU C 496 45.69 23.08 -36.37
C GLU C 496 46.00 22.51 -34.99
N LEU C 497 46.79 21.45 -34.95
CA LEU C 497 47.16 20.81 -33.71
C LEU C 497 48.60 20.30 -33.82
N CYS C 498 49.33 20.36 -32.72
CA CYS C 498 50.73 19.95 -32.65
C CYS C 498 50.85 18.70 -31.79
N CYS C 499 52.03 18.10 -31.84
CA CYS C 499 52.28 16.86 -31.11
C CYS C 499 52.66 17.07 -29.65
N ARG C 500 52.91 18.31 -29.22
CA ARG C 500 53.30 18.58 -27.84
C ARG C 500 53.06 20.04 -27.52
N ARG C 501 53.09 20.35 -26.22
CA ARG C 501 52.72 21.69 -25.75
C ARG C 501 53.91 22.64 -25.74
N LYS C 502 55.12 22.11 -25.52
CA LYS C 502 56.34 22.89 -25.43
C LYS C 502 57.35 22.35 -26.43
N PRO C 503 58.39 23.13 -26.76
CA PRO C 503 59.36 22.66 -27.75
C PRO C 503 60.11 21.41 -27.31
N GLY C 504 60.60 20.66 -28.28
CA GLY C 504 61.36 19.47 -27.98
C GLY C 504 61.41 18.56 -29.19
N GLN C 505 61.66 17.28 -28.93
CA GLN C 505 61.72 16.29 -29.99
C GLN C 505 60.32 15.96 -30.48
N CYS C 506 60.18 15.83 -31.80
CA CYS C 506 58.89 15.47 -32.39
C CYS C 506 58.62 13.98 -32.21
N ILE C 507 57.33 13.65 -32.09
CA ILE C 507 56.95 12.26 -31.86
C ILE C 507 57.23 11.41 -33.10
N THR C 508 57.24 12.02 -34.29
CA THR C 508 57.49 11.28 -35.51
C THR C 508 58.89 10.67 -35.54
N THR C 509 59.85 11.24 -34.81
CA THR C 509 61.20 10.70 -34.76
C THR C 509 61.31 9.47 -33.88
N SER C 510 60.25 9.08 -33.18
CA SER C 510 60.31 7.91 -32.31
C SER C 510 60.53 6.64 -33.12
N GLU C 511 61.01 5.61 -32.44
CA GLU C 511 61.29 4.34 -33.10
C GLU C 511 60.02 3.57 -33.45
N LEU C 512 58.97 3.72 -32.65
CA LEU C 512 57.73 2.99 -32.90
C LEU C 512 56.85 3.63 -33.96
N PHE C 513 57.04 4.93 -34.24
CA PHE C 513 56.24 5.57 -35.27
C PHE C 513 56.53 4.96 -36.64
N SER C 514 57.80 4.67 -36.93
CA SER C 514 58.15 4.07 -38.21
C SER C 514 57.70 2.63 -38.31
N LYS C 515 57.49 1.96 -37.17
CA LYS C 515 57.20 0.52 -37.18
C LYS C 515 55.71 0.22 -37.11
N ILE C 516 54.91 1.11 -36.50
CA ILE C 516 53.49 0.85 -36.25
C ILE C 516 52.63 1.73 -37.14
N VAL C 517 52.89 3.04 -37.14
CA VAL C 517 51.94 3.98 -37.71
C VAL C 517 51.92 3.87 -39.24
N LEU C 518 53.09 3.79 -39.88
CA LEU C 518 53.18 3.83 -41.34
C LEU C 518 54.16 2.79 -41.87
N SER C 519 54.31 1.66 -41.18
CA SER C 519 55.06 0.51 -41.69
C SER C 519 54.14 -0.25 -42.65
N ARG C 520 54.45 -0.19 -43.95
CA ARG C 520 53.53 -0.69 -44.97
C ARG C 520 53.23 -2.16 -44.77
N GLU C 521 54.22 -2.94 -44.32
CA GLU C 521 53.99 -4.35 -44.03
C GLU C 521 52.95 -4.52 -42.92
N ALA C 522 53.04 -3.69 -41.88
CA ALA C 522 52.11 -3.80 -40.76
C ALA C 522 50.68 -3.47 -41.20
N LEU C 523 50.51 -2.38 -41.94
CA LEU C 523 49.18 -2.00 -42.41
C LEU C 523 48.63 -3.04 -43.38
N GLN C 524 49.49 -3.60 -44.23
CA GLN C 524 49.04 -4.66 -45.14
C GLN C 524 48.59 -5.89 -44.37
N LEU C 525 49.32 -6.26 -43.32
CA LEU C 525 48.91 -7.39 -42.49
C LEU C 525 47.59 -7.12 -41.79
N LEU C 526 47.40 -5.90 -41.29
CA LEU C 526 46.14 -5.55 -40.64
C LEU C 526 44.97 -5.62 -41.63
N LEU C 527 45.16 -5.08 -42.83
CA LEU C 527 44.09 -5.12 -43.83
C LEU C 527 43.80 -6.55 -44.27
N LEU C 528 44.84 -7.39 -44.38
CA LEU C 528 44.62 -8.79 -44.69
C LEU C 528 43.85 -9.48 -43.57
N TYR C 529 44.13 -9.10 -42.32
CA TYR C 529 43.38 -9.65 -41.19
C TYR C 529 41.92 -9.23 -41.27
N GLN C 530 41.65 -8.01 -41.75
CA GLN C 530 40.27 -7.57 -41.94
C GLN C 530 39.68 -8.13 -43.22
N GLU C 531 40.49 -8.27 -44.27
CA GLU C 531 40.04 -8.76 -45.57
C GLU C 531 41.22 -9.42 -46.28
N PRO C 532 41.38 -10.75 -46.17
CA PRO C 532 42.60 -11.37 -46.70
C PRO C 532 42.75 -11.28 -48.22
N LEU C 533 41.67 -10.96 -48.95
CA LEU C 533 41.70 -10.92 -50.42
C LEU C 533 41.73 -9.49 -50.94
N LEU C 534 42.47 -8.60 -50.28
CA LEU C 534 42.57 -7.22 -50.73
C LEU C 534 43.36 -7.15 -52.04
N ALA C 535 43.29 -5.99 -52.70
CA ALA C 535 43.89 -5.82 -54.02
C ALA C 535 45.41 -5.94 -53.96
N LEU C 536 46.02 -5.53 -52.84
CA LEU C 536 47.47 -5.62 -52.68
C LEU C 536 48.23 -4.87 -53.76
N GLU C 537 48.18 -3.53 -53.70
CA GLU C 537 48.82 -2.63 -54.67
C GLU C 537 48.03 -2.56 -55.96
N GLY C 538 46.72 -2.80 -55.90
CA GLY C 538 45.86 -2.58 -57.04
C GLY C 538 45.50 -1.10 -57.19
N GLU C 539 44.23 -0.86 -57.47
CA GLU C 539 43.75 0.49 -57.72
C GLU C 539 43.25 1.13 -56.44
N ALA C 540 43.88 2.24 -56.05
CA ALA C 540 43.43 3.07 -54.94
C ALA C 540 43.40 2.30 -53.62
N ILE C 541 44.51 1.61 -53.32
CA ILE C 541 44.62 0.91 -52.04
C ILE C 541 45.18 1.83 -50.96
N ASN C 542 45.84 2.93 -51.36
CA ASN C 542 46.49 3.80 -50.39
C ASN C 542 45.49 4.46 -49.44
N SER C 543 44.23 4.60 -49.87
CA SER C 543 43.22 5.20 -49.00
C SER C 543 42.97 4.33 -47.77
N LYS C 544 42.80 3.02 -47.98
CA LYS C 544 42.58 2.12 -46.85
C LYS C 544 43.79 2.07 -45.94
N LEU C 545 44.99 2.07 -46.53
CA LEU C 545 46.21 2.09 -45.71
C LEU C 545 46.31 3.37 -44.90
N ARG C 546 45.92 4.50 -45.47
CA ARG C 546 45.97 5.76 -44.73
C ARG C 546 44.96 5.76 -43.59
N HIS C 547 43.75 5.25 -43.85
CA HIS C 547 42.74 5.16 -42.79
C HIS C 547 43.20 4.24 -41.67
N CYS C 548 43.80 3.09 -42.03
CA CYS C 548 44.29 2.16 -41.03
C CYS C 548 45.46 2.75 -40.26
N ALA C 549 46.29 3.58 -40.90
CA ALA C 549 47.38 4.24 -40.19
C ALA C 549 46.84 5.27 -39.20
N TYR C 550 45.82 6.03 -39.59
CA TYR C 550 45.17 6.95 -38.66
C TYR C 550 44.61 6.18 -37.47
N ARG C 551 43.90 5.08 -37.73
CA ARG C 551 43.34 4.29 -36.64
C ARG C 551 44.45 3.70 -35.76
N SER C 552 45.56 3.30 -36.36
CA SER C 552 46.66 2.73 -35.59
C SER C 552 47.27 3.78 -34.66
N TYR C 553 47.52 4.99 -35.17
CA TYR C 553 48.04 6.05 -34.32
C TYR C 553 47.04 6.41 -33.22
N ALA C 554 45.75 6.43 -33.56
CA ALA C 554 44.74 6.72 -32.55
C ALA C 554 44.75 5.68 -31.44
N THR C 555 44.68 4.40 -31.78
CA THR C 555 44.72 3.34 -30.79
C THR C 555 46.04 3.29 -30.05
N TRP C 556 47.13 3.78 -30.67
CA TRP C 556 48.40 3.88 -29.98
C TRP C 556 48.35 4.92 -28.87
N ARG C 557 47.96 6.15 -29.22
CA ARG C 557 47.87 7.22 -28.22
C ARG C 557 46.57 7.16 -27.44
N PHE C 558 45.42 7.14 -28.13
CA PHE C 558 44.10 7.08 -27.50
C PHE C 558 43.68 5.61 -27.51
N VAL C 559 43.94 4.92 -26.39
CA VAL C 559 43.84 3.46 -26.35
C VAL C 559 42.41 3.02 -26.61
N SER C 560 41.47 3.50 -25.80
CA SER C 560 40.08 3.05 -25.91
C SER C 560 39.50 3.45 -27.25
N GLN C 561 38.74 2.53 -27.85
CA GLN C 561 38.11 2.80 -29.15
C GLN C 561 37.13 3.96 -29.08
N ASP C 562 36.55 4.23 -27.91
CA ASP C 562 35.71 5.41 -27.76
C ASP C 562 36.52 6.68 -27.88
N MET C 563 37.76 6.67 -27.38
CA MET C 563 38.65 7.81 -27.48
C MET C 563 39.47 7.79 -28.77
N ALA C 564 39.74 6.62 -29.33
CA ALA C 564 40.39 6.54 -30.63
C ALA C 564 39.55 7.23 -31.69
N ASP C 565 38.25 6.92 -31.73
CA ASP C 565 37.32 7.71 -32.50
C ASP C 565 37.23 9.10 -31.88
N PHE C 566 36.92 10.10 -32.70
CA PHE C 566 36.88 11.51 -32.30
C PHE C 566 38.24 12.01 -31.84
N ALA C 567 39.33 11.37 -32.26
CA ALA C 567 40.68 11.84 -31.98
C ALA C 567 41.17 12.71 -33.13
N ILE C 568 41.95 13.73 -32.79
CA ILE C 568 42.53 14.65 -33.76
C ILE C 568 44.03 14.47 -33.76
N LEU C 569 44.57 14.00 -34.88
CA LEU C 569 46.00 13.78 -34.97
C LEU C 569 46.72 15.11 -35.18
N PRO C 570 48.01 15.18 -34.84
CA PRO C 570 48.76 16.40 -35.11
C PRO C 570 49.09 16.53 -36.59
N SER C 571 49.46 17.76 -36.98
CA SER C 571 49.77 18.03 -38.38
C SER C 571 50.99 17.26 -38.85
N CYS C 572 52.01 17.13 -37.99
CA CYS C 572 53.23 16.45 -38.39
C CYS C 572 52.97 14.99 -38.72
N CYS C 573 52.34 14.26 -37.81
CA CYS C 573 52.05 12.84 -38.05
C CYS C 573 51.06 12.67 -39.19
N ARG C 574 50.06 13.55 -39.27
CA ARG C 574 49.06 13.48 -40.33
C ARG C 574 49.73 13.61 -41.71
N TRP C 575 50.57 14.62 -41.87
CA TRP C 575 51.21 14.82 -43.16
C TRP C 575 52.32 13.80 -43.43
N LYS C 576 52.95 13.25 -42.39
CA LYS C 576 53.85 12.12 -42.61
C LYS C 576 53.10 10.92 -43.17
N ILE C 577 51.95 10.60 -42.58
CA ILE C 577 51.15 9.48 -43.07
C ILE C 577 50.67 9.75 -44.50
N ARG C 578 50.28 11.00 -44.77
CA ARG C 578 49.82 11.35 -46.10
C ARG C 578 50.96 11.28 -47.12
N LYS C 579 52.18 11.61 -46.69
CA LYS C 579 53.34 11.49 -47.57
C LYS C 579 53.63 10.03 -47.87
N GLU C 580 53.54 9.16 -46.86
CA GLU C 580 53.80 7.75 -47.08
C GLU C 580 52.69 7.11 -47.93
N PHE C 581 51.49 7.68 -47.92
CA PHE C 581 50.36 7.17 -48.70
C PHE C 581 49.65 8.35 -49.36
N PRO C 582 50.25 8.91 -50.42
CA PRO C 582 49.64 10.10 -51.04
C PRO C 582 48.33 9.79 -51.73
N LYS C 583 47.58 10.85 -52.00
CA LYS C 583 46.35 10.81 -52.78
C LYS C 583 46.62 11.51 -54.10
N THR C 584 46.39 10.80 -55.21
CA THR C 584 46.85 11.28 -56.52
C THR C 584 46.01 12.46 -57.00
N GLN C 585 44.71 12.23 -57.23
CA GLN C 585 43.83 13.18 -57.91
C GLN C 585 42.68 13.61 -57.01
N GLY C 586 42.98 13.96 -55.77
CA GLY C 586 41.95 14.43 -54.87
C GLY C 586 42.55 15.03 -53.61
N GLN C 587 41.75 15.87 -52.96
CA GLN C 587 42.14 16.49 -51.71
C GLN C 587 41.92 15.53 -50.54
N TYR C 588 42.55 15.85 -49.42
CA TYR C 588 42.46 15.02 -48.22
C TYR C 588 41.31 15.51 -47.36
N SER C 589 40.28 14.68 -47.23
CA SER C 589 39.16 15.02 -46.37
C SER C 589 39.55 14.81 -44.91
N GLY C 590 39.34 15.84 -44.09
CA GLY C 590 39.70 15.80 -42.70
C GLY C 590 38.83 14.86 -41.89
N PHE C 591 38.87 15.06 -40.58
CA PHE C 591 38.07 14.25 -39.67
C PHE C 591 36.59 14.47 -39.93
N LYS C 592 35.83 13.37 -39.99
CA LYS C 592 34.41 13.39 -40.25
C LYS C 592 33.68 12.66 -39.12
N TYR C 593 32.53 13.19 -38.72
CA TYR C 593 31.70 12.58 -37.69
C TYR C 593 31.25 11.19 -38.15
N PRO C 594 31.73 10.10 -37.55
CA PRO C 594 31.37 8.77 -38.08
C PRO C 594 29.91 8.42 -37.88
N TYR C 595 29.34 8.71 -36.72
CA TYR C 595 27.95 8.35 -36.44
C TYR C 595 26.99 9.30 -37.14
C1 NAG D . -44.77 -22.86 15.94
C2 NAG D . -45.23 -24.12 15.21
C3 NAG D . -46.72 -24.37 15.44
C4 NAG D . -47.06 -24.30 16.92
C5 NAG D . -46.49 -23.03 17.56
C6 NAG D . -46.77 -22.99 19.05
C7 NAG D . -43.92 -24.59 13.23
C8 NAG D . -43.76 -24.37 11.75
N2 NAG D . -44.97 -23.99 13.79
O3 NAG D . -47.06 -25.67 14.93
O4 NAG D . -48.49 -24.31 17.08
O5 NAG D . -45.08 -22.98 17.33
O6 NAG D . -46.10 -21.87 19.64
O7 NAG D . -43.15 -25.29 13.86
H2 NAG D . -44.67 -24.97 15.60
H3 NAG D . -47.29 -23.60 14.91
H4 NAG D . -46.62 -25.16 17.43
H5 NAG D . -46.98 -22.16 17.09
H61 NAG D . -46.42 -23.92 19.52
H62 NAG D . -47.85 -22.91 19.22
H81 NAG D . -42.89 -24.85 11.40
H82 NAG D . -43.70 -23.33 11.55
H83 NAG D . -44.60 -24.77 11.24
HN2 NAG D . -45.58 -23.42 13.23
HO3 NAG D . -48.01 -25.72 14.81
HO6 NAG D . -45.80 -22.11 20.53
C1 NAG D . -48.83 -25.27 18.10
C2 NAG D . -50.28 -25.10 18.52
C3 NAG D . -50.64 -26.10 19.59
C4 NAG D . -50.32 -27.52 19.14
C5 NAG D . -48.87 -27.61 18.68
C6 NAG D . -48.51 -28.95 18.08
C7 NAG D . -50.68 -22.69 18.16
C8 NAG D . -50.92 -21.37 18.82
N2 NAG D . -50.51 -23.73 18.98
O3 NAG D . -52.04 -26.00 19.88
O4 NAG D . -50.54 -28.44 20.19
O5 NAG D . -48.62 -26.62 17.66
O6 NAG D . -48.72 -30.00 19.01
O7 NAG D . -50.66 -22.82 16.94
H2 NAG D . -50.84 -25.25 17.73
H3 NAG D . -50.14 -25.91 20.40
H4 NAG D . -50.90 -27.75 18.39
H5 NAG D . -48.29 -27.42 19.44
H61 NAG D . -47.57 -28.93 17.82
H62 NAG D . -49.06 -29.10 17.29
H81 NAG D . -50.99 -20.67 18.14
H82 NAG D . -50.18 -21.17 19.42
H83 NAG D . -51.76 -21.40 19.33
HN2 NAG D . -50.54 -23.58 19.88
HO3 NAG D . -52.45 -26.72 19.60
HO4 NAG D . -50.52 -29.26 19.87
HO6 NAG D . -48.18 -30.67 18.84
C1 NAG E . -52.81 -13.58 9.53
C2 NAG E . -53.96 -14.21 10.29
C3 NAG E . -54.36 -15.56 9.67
C4 NAG E . -54.65 -15.37 8.19
C5 NAG E . -53.45 -14.72 7.50
C6 NAG E . -53.72 -14.41 6.04
C7 NAG E . -52.81 -14.95 12.42
C8 NAG E . -51.78 -15.75 11.65
N2 NAG E . -53.76 -14.30 11.74
O3 NAG E . -55.49 -16.08 10.34
O4 NAG E . -54.90 -16.64 7.59
O5 NAG E . -53.14 -13.46 8.13
O6 NAG E . -54.73 -13.44 5.89
O7 NAG E . -52.78 -14.92 13.65
H2 NAG E . -54.74 -13.63 10.15
H3 NAG E . -53.63 -16.21 9.71
H4 NAG E . -55.43 -14.82 8.09
H5 NAG E . -52.69 -15.31 7.57
H61 NAG E . -54.00 -15.23 5.59
H62 NAG E . -52.90 -14.08 5.64
H81 NAG E . -51.09 -16.00 12.29
H82 NAG E . -51.33 -15.24 10.95
H83 NAG E . -52.17 -16.58 11.31
HN2 NAG E . -54.36 -13.83 12.24
HO3 NAG E . -55.57 -16.95 10.17
HO6 NAG E . -54.46 -12.66 6.23
C1 NAG E . -56.27 -16.67 7.15
C2 NAG E . -56.50 -17.91 6.27
C3 NAG E . -57.84 -18.60 6.52
C4 NAG E . -58.95 -17.60 6.82
C5 NAG E . -58.54 -16.49 7.79
C6 NAG E . -59.47 -16.47 9.00
C7 NAG E . -55.52 -18.13 4.06
C8 NAG E . -55.53 -17.66 2.64
N2 NAG E . -56.39 -17.55 4.87
O3 NAG E . -57.72 -19.51 7.62
O4 NAG E . -59.38 -17.01 5.58
O5 NAG E . -57.19 -16.63 8.24
O6 NAG E . -60.82 -16.58 8.58
O7 NAG E . -54.77 -19.02 4.45
H2 NAG E . -55.71 -18.64 6.50
H3 NAG E . -58.11 -19.16 5.62
H4 NAG E . -59.79 -18.15 7.26
H5 NAG E . -58.65 -15.52 7.27
H61 NAG E . -59.32 -15.54 9.56
H62 NAG E . -59.22 -17.31 9.66
H81 NAG E . -54.53 -17.54 2.31
H82 NAG E . -56.03 -16.72 2.59
H83 NAG E . -56.03 -18.36 2.03
HN2 NAG E . -57.01 -16.81 4.53
HO3 NAG E . -58.44 -20.14 7.60
HO4 NAG E . -59.72 -17.69 5.00
HO6 NAG E . -61.20 -17.41 8.89
C1 NAG F . -43.94 29.01 1.63
C2 NAG F . -44.02 30.38 0.96
C3 NAG F . -45.03 31.26 1.68
C4 NAG F . -46.38 30.55 1.77
C5 NAG F . -46.20 29.16 2.39
C6 NAG F . -47.48 28.36 2.40
C7 NAG F . -41.81 30.81 -0.02
C8 NAG F . -40.52 31.55 0.12
N2 NAG F . -42.72 31.02 0.94
O3 NAG F . -45.18 32.48 0.98
O4 NAG F . -47.28 31.31 2.56
O5 NAG F . -45.24 28.41 1.65
O6 NAG F . -47.25 27.03 2.86
O7 NAG F . -42.02 30.06 -0.96
H2 NAG F . -44.32 30.25 0.04
H3 NAG F . -44.71 31.44 2.58
H4 NAG F . -46.75 30.44 0.87
H5 NAG F . -45.90 29.27 3.32
H61 NAG F . -47.83 28.31 1.49
H62 NAG F . -48.13 28.79 2.98
H81 NAG F . -39.93 31.34 -0.63
H82 NAG F . -40.08 31.31 0.96
H83 NAG F . -40.70 32.52 0.13
HN2 NAG F . -42.50 31.59 1.62
HO3 NAG F . -45.72 33.02 1.43
HO6 NAG F . -48.03 26.66 3.07
C1 NAG F . -48.53 31.47 1.86
C2 NAG F . -49.55 32.10 2.81
C3 NAG F . -50.87 32.32 2.08
C4 NAG F . -50.65 33.12 0.81
C5 NAG F . -49.59 32.45 -0.06
C6 NAG F . -49.24 33.26 -1.29
C7 NAG F . -48.95 31.37 5.08
C8 NAG F . -49.30 30.45 6.20
N2 NAG F . -49.73 31.29 3.99
O3 NAG F . -51.76 33.02 2.95
O4 NAG F . -51.88 33.20 0.07
O5 NAG F . -48.38 32.30 0.69
O6 NAG F . -50.34 33.35 -2.19
O7 NAG F . -48.02 32.16 5.13
H2 NAG F . -49.20 32.98 3.08
H3 NAG F . -51.26 31.46 1.86
H4 NAG F . -50.36 34.03 1.04
H5 NAG F . -49.91 31.58 -0.34
H61 NAG F . -48.49 32.83 -1.74
H62 NAG F . -48.99 34.16 -1.02
H81 NAG F . -48.63 30.53 6.91
H82 NAG F . -49.32 29.52 5.88
H83 NAG F . -50.17 30.69 6.56
HN2 NAG F . -50.43 30.69 4.00
HO3 NAG F . -52.05 33.76 2.54
HO4 NAG F . -51.79 33.81 -0.57
HO6 NAG F . -50.04 33.34 -3.02
C1 NAG G . -41.10 34.14 15.04
C2 NAG G . -42.49 34.74 14.88
C3 NAG G . -42.47 35.89 13.87
C4 NAG G . -41.43 36.91 14.27
C5 NAG G . -40.07 36.23 14.44
C6 NAG G . -39.00 37.17 14.95
C7 NAG G . -43.67 32.92 13.56
C8 NAG G . -42.61 32.95 12.49
N2 NAG G . -43.54 33.76 14.60
O3 NAG G . -43.76 36.49 13.80
O4 NAG G . -41.33 37.92 13.28
O5 NAG G . -40.17 35.16 15.40
O6 NAG G . -39.18 37.47 16.32
O7 NAG G . -44.62 32.16 13.49
H2 NAG G . -42.71 35.15 15.74
H3 NAG G . -42.21 35.60 12.98
H4 NAG G . -41.69 37.32 15.12
H5 NAG G . -39.79 35.87 13.58
H61 NAG G . -39.04 38.00 14.43
H62 NAG G . -38.12 36.76 14.82
H81 NAG G . -42.77 32.18 11.91
H82 NAG G . -41.71 32.88 12.81
H83 NAG G . -42.73 33.74 11.92
HN2 NAG G . -44.21 33.71 15.23
HO3 NAG G . -43.93 36.76 12.97
HO6 NAG G . -39.23 36.72 16.79
C1 NAG G . -41.94 39.14 13.77
C2 NAG G . -41.77 40.21 12.70
C3 NAG G . -42.92 41.21 12.78
C4 NAG G . -43.44 41.36 14.20
C5 NAG G . -43.89 40.02 14.78
C6 NAG G . -45.38 39.83 14.73
C7 NAG G . -39.36 40.42 12.28
C8 NAG G . -38.13 41.24 12.52
N2 NAG G . -40.50 40.88 12.83
O3 NAG G . -43.97 40.80 11.91
O4 NAG G . -42.43 41.91 15.04
O5 NAG G . -43.31 38.94 14.02
O6 NAG G . -46.05 40.80 15.53
O7 NAG G . -39.33 39.39 11.62
H2 NAG G . -41.81 39.77 11.82
H3 NAG G . -42.59 42.08 12.48
H4 NAG G . -44.21 41.96 14.19
H5 NAG G . -43.59 39.96 15.71
H61 NAG G . -45.61 38.94 15.08
H62 NAG G . -45.69 39.90 13.81
H81 NAG G . -37.37 40.84 12.06
H82 NAG G . -37.94 41.28 13.48
H83 NAG G . -38.28 42.15 12.18
HN2 NAG G . -40.45 41.66 13.31
HO3 NAG G . -44.64 41.38 11.95
HO4 NAG G . -42.79 42.29 15.74
HO6 NAG G . -46.69 41.18 15.05
C1 NAG H . -18.96 13.44 47.30
C2 NAG H . -18.15 13.24 48.58
C3 NAG H . -19.08 13.04 49.77
C4 NAG H . -20.10 14.17 49.86
C5 NAG H . -20.82 14.33 48.52
C6 NAG H . -21.75 15.52 48.49
C7 NAG H . -16.00 12.24 47.93
C8 NAG H . -15.20 10.99 47.87
N2 NAG H . -17.24 12.13 48.44
O3 NAG H . -18.31 12.97 50.96
O4 NAG H . -21.04 13.89 50.88
O5 NAG H . -19.87 14.53 47.47
O6 NAG H . -22.33 15.70 47.21
O7 NAG H . -15.57 13.32 47.54
H2 NAG H . -17.64 14.06 48.74
H3 NAG H . -19.56 12.19 49.64
H4 NAG H . -19.63 15.00 50.05
H5 NAG H . -21.34 13.52 48.34
H61 NAG H . -21.25 16.32 48.74
H62 NAG H . -22.46 15.38 49.15
H81 NAG H . -14.31 11.18 47.50
H82 NAG H . -15.66 10.33 47.31
H83 NAG H . -15.09 10.62 48.77
HN2 NAG H . -17.51 11.30 48.72
HO3 NAG H . -18.85 12.77 51.64
HO6 NAG H . -23.08 16.16 47.29
C1 NAG H . -21.18 15.05 51.74
C2 NAG H . -22.34 14.81 52.70
C3 NAG H . -22.49 15.99 53.65
C4 NAG H . -21.16 16.26 54.36
C5 NAG H . -20.04 16.43 53.34
C6 NAG H . -18.69 16.59 53.98
C7 NAG H . -23.96 13.37 51.53
C8 NAG H . -25.27 13.32 50.80
N2 NAG H . -23.58 14.58 51.96
O3 NAG H . -23.50 15.70 54.61
O4 NAG H . -21.28 17.45 55.14
O5 NAG H . -19.97 15.28 52.49
O6 NAG H . -18.59 17.81 54.72
O7 NAG H . -23.27 12.37 51.70
H2 NAG H . -22.14 14.01 53.23
H3 NAG H . -22.75 16.77 53.14
H4 NAG H . -20.96 15.52 54.94
H5 NAG H . -20.23 17.22 52.79
H61 NAG H . -18.00 16.59 53.27
H62 NAG H . -18.53 15.84 54.58
H81 NAG H . -25.41 12.42 50.45
H82 NAG H . -25.25 13.96 50.05
H83 NAG H . -25.99 13.56 51.41
HN2 NAG H . -24.12 15.29 51.81
HO3 NAG H . -23.16 15.74 55.43
HO4 NAG H . -20.57 17.52 55.67
HO6 NAG H . -17.77 18.13 54.65
C1 NAG I . -26.58 0.92 48.74
C2 NAG I . -27.09 1.63 50.00
C3 NAG I . -25.98 1.72 51.06
C4 NAG I . -25.44 0.32 51.35
C5 NAG I . -24.99 -0.34 50.05
C6 NAG I . -24.54 -1.77 50.23
C7 NAG I . -27.19 4.04 49.19
C8 NAG I . -25.74 4.01 48.77
N2 NAG I . -27.71 2.93 49.75
O3 NAG I . -26.50 2.29 52.25
O4 NAG I . -24.34 0.40 52.24
O5 NAG I . -26.07 -0.37 49.10
O6 NAG I . -25.63 -2.63 50.47
O7 NAG I . -27.87 5.05 49.05
H2 NAG I . -27.78 1.05 50.38
H3 NAG I . -25.22 2.23 50.76
H4 NAG I . -26.15 -0.22 51.75
H5 NAG I . -24.25 0.18 49.67
H61 NAG I . -23.93 -1.81 51.00
H62 NAG I . -24.07 -2.07 49.44
H81 NAG I . -25.59 4.82 48.26
H82 NAG I . -25.51 3.26 48.20
H83 NAG I . -25.16 4.06 49.55
HN2 NAG I . -28.59 2.98 49.99
HO3 NAG I . -25.87 2.76 52.66
HO6 NAG I . -26.22 -2.57 49.81
C1 NAG I . -24.76 -0.04 53.55
C2 NAG I . -23.55 0.04 54.48
C3 NAG I . -24.01 0.28 55.92
C4 NAG I . -25.38 -0.34 56.18
C5 NAG I . -26.44 0.18 55.20
C6 NAG I . -27.32 1.26 55.80
C7 NAG I . -21.79 -1.34 53.47
C8 NAG I . -21.05 -2.64 53.53
N2 NAG I . -22.74 -1.16 54.39
O3 NAG I . -24.05 1.68 56.17
O4 NAG I . -25.31 -1.75 56.05
O5 NAG I . -25.80 0.77 54.05
O6 NAG I . -28.06 0.76 56.90
O7 NAG I . -21.54 -0.48 52.62
H2 NAG I . -23.01 0.80 54.20
H3 NAG I . -23.37 -0.13 56.53
H4 NAG I . -25.66 -0.11 57.09
H5 NAG I . -26.99 -0.56 54.92
H61 NAG I . -27.94 1.58 55.11
H62 NAG I . -26.75 2.00 56.10
H81 NAG I . -20.36 -2.65 52.84
H82 NAG I . -21.68 -3.37 53.38
H83 NAG I . -20.64 -2.73 54.40
HN2 NAG I . -22.88 -1.82 55.00
HO3 NAG I . -24.35 1.82 57.00
HO4 NAG I . -26.06 -2.11 56.34
HO6 NAG I . -27.86 1.23 57.63
C1 GLC J . 9.62 -4.63 -18.96
C2 GLC J . 9.48 -5.88 -19.82
C3 GLC J . 10.39 -5.83 -21.00
C4 GLC J . 10.35 -4.46 -21.66
C5 GLC J . 10.90 -3.39 -20.73
C6 GLC J . 10.10 -2.13 -20.88
O1 GLC J . 9.68 -5.00 -17.68
O2 GLC J . 9.81 -7.02 -19.03
O3 GLC J . 10.01 -6.83 -21.95
O4 GLC J . 11.01 -4.43 -22.95
O5 GLC J . 10.85 -3.82 -19.31
O6 GLC J . 10.69 -1.12 -20.14
H1 GLC J . 8.83 -4.08 -19.09
H2 GLC J . 8.56 -5.95 -20.14
H3 GLC J . 11.29 -6.01 -20.67
H4 GLC J . 9.40 -4.26 -21.80
H5 GLC J . 11.82 -3.20 -20.96
H61 GLC J . 9.19 -2.28 -20.55
H62 GLC J . 10.07 -1.88 -21.82
HO2 GLC J . 10.16 -6.77 -18.30
HO3 GLC J . 10.52 -7.50 -21.88
HO6 GLC J . 10.75 -1.35 -19.32
C1 GLC J . 12.27 -5.03 -23.03
C2 GLC J . 13.08 -4.32 -24.09
C3 GLC J . 12.53 -4.55 -25.45
C4 GLC J . 12.36 -6.01 -25.75
C5 GLC J . 11.58 -6.73 -24.67
C6 GLC J . 11.61 -8.20 -24.96
O2 GLC J . 13.08 -2.90 -23.81
O3 GLC J . 13.44 -3.97 -26.43
O4 GLC J . 11.68 -6.15 -27.01
O5 GLC J . 12.12 -6.49 -23.32
O6 GLC J . 11.62 -8.41 -26.41
H1 GLC J . 12.74 -4.93 -22.19
H2 GLC J . 14.00 -4.66 -24.06
H3 GLC J . 11.67 -4.12 -25.52
H4 GLC J . 13.24 -6.42 -25.82
H5 GLC J . 10.66 -6.43 -24.70
H61 GLC J . 10.83 -8.62 -24.58
H62 GLC J . 12.42 -8.59 -24.57
HO2 GLC J . 12.45 -2.72 -23.28
HO3 GLC J . 13.46 -4.46 -27.12
HO4 GLC J . 12.10 -6.70 -27.50
HO6 GLC J . 12.00 -9.15 -26.58
C1 GLC K . 19.21 7.68 -7.06
C2 GLC K . 19.48 8.98 -7.81
C3 GLC K . 20.92 9.10 -8.16
C4 GLC K . 21.79 8.83 -6.93
C5 GLC K . 21.63 7.38 -6.48
C6 GLC K . 21.56 7.33 -4.99
O1 GLC K . 18.18 7.04 -7.66
O2 GLC K . 18.71 8.98 -9.01
O3 GLC K . 21.18 10.43 -8.63
O4 GLC K . 23.18 9.17 -7.13
O5 GLC K . 20.40 6.76 -7.04
O6 GLC K . 21.55 6.00 -4.57
H1 GLC K . 18.94 7.90 -6.15
H2 GLC K . 19.22 9.72 -7.25
H3 GLC K . 21.11 8.46 -8.85
H4 GLC K . 21.44 9.40 -6.21
H5 GLC K . 22.40 6.87 -6.77
H61 GLC K . 20.76 7.77 -4.67
H62 GLC K . 22.34 7.77 -4.61
HO2 GLC K . 18.66 8.19 -9.33
HO3 GLC K . 20.84 11.00 -8.09
HO6 GLC K . 20.92 5.60 -4.95
C1 GLC K . 23.77 8.74 -8.33
C2 GLC K . 25.24 8.52 -8.08
C3 GLC K . 25.96 9.80 -7.81
C4 GLC K . 25.73 10.81 -8.89
C5 GLC K . 24.24 11.02 -9.17
C6 GLC K . 24.10 11.90 -10.37
O2 GLC K . 25.41 7.64 -6.93
O3 GLC K . 27.39 9.53 -7.74
O4 GLC K . 26.31 12.07 -8.50
O5 GLC K . 23.53 9.76 -9.41
O6 GLC K . 25.22 12.82 -10.43
H1 GLC K . 23.38 7.90 -8.60
H2 GLC K . 25.64 8.10 -8.87
H3 GLC K . 25.65 10.16 -6.97
H4 GLC K . 26.14 10.50 -9.71
H5 GLC K . 23.83 11.46 -8.40
H61 GLC K . 23.27 12.40 -10.30
H62 GLC K . 24.07 11.36 -11.17
HO2 GLC K . 24.69 7.62 -6.49
HO3 GLC K . 27.83 10.22 -7.99
HO4 GLC K . 26.73 12.41 -9.15
HO6 GLC K . 25.03 13.48 -10.94
C1 GLC L . 18.43 -11.43 -2.82
C2 GLC L . 19.48 -11.73 -1.78
C3 GLC L . 20.60 -12.54 -2.36
C4 GLC L . 20.06 -13.72 -3.13
C5 GLC L . 19.26 -13.25 -4.35
C6 GLC L . 18.03 -14.09 -4.50
O1 GLC L . 18.17 -10.11 -2.80
O2 GLC L . 20.01 -10.50 -1.29
O3 GLC L . 21.45 -13.01 -1.30
O4 GLC L . 21.07 -14.68 -3.52
O5 GLC L . 18.86 -11.82 -4.22
O6 GLC L . 17.38 -13.75 -5.68
H1 GLC L . 17.62 -11.92 -2.59
H2 GLC L . 19.08 -12.23 -1.05
H3 GLC L . 21.10 -11.95 -2.95
H4 GLC L . 19.43 -14.18 -2.54
H5 GLC L . 19.80 -13.35 -5.15
H61 GLC L . 17.43 -13.94 -3.75
H62 GLC L . 18.28 -15.03 -4.54
HO2 GLC L . 19.76 -9.86 -1.79
HO3 GLC L . 21.18 -12.68 -0.55
HO6 GLC L . 17.30 -12.90 -5.72
C1 GLC L . 22.25 -14.14 -4.08
C2 GLC L . 22.83 -15.17 -5.03
C3 GLC L . 23.32 -16.38 -4.31
C4 GLC L . 24.28 -16.03 -3.22
C5 GLC L . 23.71 -14.98 -2.27
C6 GLC L . 24.80 -14.57 -1.33
O2 GLC L . 21.80 -15.57 -5.97
O3 GLC L . 24.00 -17.25 -5.27
O4 GLC L . 24.58 -17.23 -2.46
O5 GLC L . 23.22 -13.79 -2.98
O6 GLC L . 25.67 -15.70 -1.05
H1 GLC L . 22.05 -13.35 -4.59
H2 GLC L . 23.57 -14.77 -5.51
H3 GLC L . 22.56 -16.85 -3.93
H4 GLC L . 25.10 -15.69 -3.61
H5 GLC L . 22.98 -15.37 -1.76
H61 GLC L . 24.40 -14.25 -0.50
H62 GLC L . 25.32 -13.85 -1.73
HO2 GLC L . 21.03 -15.43 -5.63
HO3 GLC L . 24.60 -17.70 -4.86
HO4 GLC L . 25.41 -17.25 -2.30
HO6 GLC L . 26.48 -15.47 -1.15
PB GDP M . 63.14 -0.99 -6.45
O1B GDP M . 64.44 -0.98 -7.24
O2B GDP M . 63.34 -0.25 -5.14
O3B GDP M . 62.06 -0.32 -7.25
O3A GDP M . 62.71 -2.55 -6.12
PA GDP M . 62.36 -3.66 -7.31
O1A GDP M . 63.32 -3.47 -8.46
O2A GDP M . 62.51 -5.05 -6.75
O5' GDP M . 60.82 -3.44 -7.84
C5' GDP M . 59.89 -2.80 -7.01
C4' GDP M . 58.70 -2.39 -7.86
O4' GDP M . 58.22 -3.66 -8.75
C3' GDP M . 57.69 -2.02 -7.12
O3' GDP M . 56.98 -0.88 -7.77
C2' GDP M . 56.76 -3.24 -7.04
O2' GDP M . 55.46 -2.83 -7.05
C1' GDP M . 57.06 -4.07 -8.29
N9 GDP M . 57.11 -5.52 -7.98
C8 GDP M . 58.31 -5.86 -7.47
N7 GDP M . 58.27 -7.17 -7.19
C5 GDP M . 57.07 -7.64 -7.55
C6 GDP M . 56.44 -9.03 -7.49
O6 GDP M . 57.08 -9.94 -7.07
N1 GDP M . 55.11 -9.24 -7.95
C2 GDP M . 54.35 -8.13 -8.46
N2 GDP M . 52.99 -8.33 -8.92
N3 GDP M . 54.95 -6.80 -8.52
C4 GDP M . 56.34 -6.59 -8.04
H5' GDP M . 60.29 -2.03 -6.61
H5'' GDP M . 59.60 -3.42 -6.31
H4' GDP M . 58.95 -1.66 -8.45
H3' GDP M . 57.99 -1.77 -6.23
HO3' GDP M . 56.46 -0.51 -7.21
H2' GDP M . 56.93 -3.74 -6.23
HO2' GDP M . 55.37 -2.19 -7.62
H1' GDP M . 56.39 -3.90 -8.97
H8 GDP M . 59.03 -5.29 -7.31
HN1 GDP M . 54.75 -10.02 -7.91
HN21 GDP M . 52.64 -9.11 -8.89
HN22 GDP M . 52.54 -7.67 -9.23
ZN ZN N . 62.82 -22.25 -10.57
ZN ZN O . 63.41 -23.11 -6.65
C1 NAG P . -22.25 18.17 -3.72
C2 NAG P . -21.56 19.36 -4.39
C3 NAG P . -22.43 20.08 -5.42
C4 NAG P . -23.90 20.13 -4.99
C5 NAG P . -24.43 18.81 -4.42
C6 NAG P . -25.63 18.33 -5.22
C7 NAG P . -19.86 20.65 -3.25
C8 NAG P . -19.56 21.64 -2.17
N2 NAG P . -21.13 20.30 -3.38
O3 NAG P . -22.33 19.42 -6.69
O4 NAG P . -24.05 21.15 -3.99
O5 NAG P . -23.44 17.78 -4.43
O6 NAG P . -25.20 17.68 -6.41
O7 NAG P . -18.98 20.22 -3.99
H2 NAG P . -20.67 18.97 -4.91
H3 NAG P . -22.07 21.11 -5.52
H4 NAG P . -24.50 20.39 -5.87
H5 NAG P . -24.75 18.99 -3.39
H61 NAG P . -26.27 19.19 -5.48
H62 NAG P . -26.23 17.64 -4.62
H81 NAG P . -18.57 21.49 -1.82
H82 NAG P . -20.23 21.49 -1.37
H83 NAG P . -19.66 22.62 -2.53
HN2 NAG P . -21.82 20.68 -2.76
HO3 NAG P . -22.96 18.67 -6.70
HO4 NAG P . -24.08 22.02 -4.43
HO6 NAG P . -24.42 18.13 -6.76
C1 NAG Q . -48.18 -3.91 -8.06
C2 NAG Q . -48.38 -4.52 -9.43
C3 NAG Q . -49.03 -5.89 -9.29
C4 NAG Q . -48.76 -6.49 -7.92
C5 NAG Q . -47.40 -6.08 -7.34
C6 NAG Q . -46.23 -6.68 -8.08
C7 NAG Q . -48.67 -2.61 -10.94
C8 NAG Q . -49.65 -1.82 -11.76
N2 NAG Q . -49.18 -3.65 -10.28
O3 NAG Q . -48.53 -6.76 -10.31
O4 NAG Q . -49.79 -6.14 -7.01
O5 NAG Q . -47.21 -4.65 -7.36
O6 NAG Q . -46.14 -8.08 -7.86
O7 NAG Q . -47.49 -2.31 -10.88
H2 NAG Q . -47.51 -4.64 -9.85
H3 NAG Q . -50.00 -5.79 -9.40
H4 NAG Q . -48.76 -7.47 -8.01
H5 NAG Q . -47.36 -6.38 -6.41
H61 NAG Q . -45.41 -6.26 -7.77
H62 NAG Q . -46.32 -6.51 -9.04
H81 NAG Q . -49.18 -1.09 -12.21
H82 NAG Q . -50.35 -1.47 -11.19
H83 NAG Q . -50.04 -2.40 -12.44
HN2 NAG Q . -50.08 -3.83 -10.36
HO3 NAG Q . -48.93 -7.55 -10.24
HO4 NAG Q . -50.02 -6.84 -6.53
HO6 NAG Q . -45.37 -8.27 -7.48
C1 NAG R . -28.36 -21.15 34.23
C2 NAG R . -28.06 -22.40 33.41
C3 NAG R . -28.46 -23.64 34.22
C4 NAG R . -27.78 -23.63 35.58
C5 NAG R . -28.04 -22.31 36.30
C6 NAG R . -27.26 -22.18 37.59
C7 NAG R . -28.31 -22.78 30.95
C8 NAG R . -26.92 -23.35 30.92
N2 NAG R . -28.78 -22.36 32.14
O3 NAG R . -28.11 -24.82 33.50
O4 NAG R . -28.27 -24.71 36.37
O5 NAG R . -27.65 -21.21 35.47
O6 NAG R . -27.37 -20.88 38.13
O7 NAG R . -28.99 -22.71 29.94
H2 NAG R . -27.09 -22.40 33.34
H3 NAG R . -29.43 -23.63 34.35
H4 NAG R . -26.82 -23.74 35.46
H5 NAG R . -29.00 -22.24 36.50
H61 NAG R . -26.32 -22.38 37.40
H62 NAG R . -27.60 -22.83 38.23
H81 NAG R . -26.72 -23.63 30.00
H82 NAG R . -26.84 -24.10 31.51
H83 NAG R . -26.28 -22.65 31.17
HN2 NAG R . -29.63 -22.02 32.16
HO3 NAG R . -28.50 -25.52 33.88
HO4 NAG R . -27.64 -25.01 36.90
HO6 NAG R . -28.03 -20.44 37.72
C10 Q3G S . -1.63 -2.48 -13.49
C13 Q3G S . 2.10 -2.24 -14.41
C15 Q3G S . 4.41 -1.60 -15.24
C17 Q3G S . 6.47 -1.89 -16.73
C21 Q3G S . 8.39 -2.13 -13.50
C22 Q3G S . 9.30 -1.12 -12.80
C09 Q3G S . -2.70 -3.23 -13.65
C11 Q3G S . -0.38 -2.75 -14.33
C12 Q3G S . 0.71 -1.71 -14.08
C14 Q3G S . 2.93 -1.22 -15.20
C16 Q3G S . 5.03 -1.39 -16.62
C18 Q3G S . 7.06 -2.37 -15.41
C23 Q3G S . 10.73 -1.62 -12.62
C29 Q3G S . 13.24 -5.71 -12.86
C30 Q3G S . 14.77 -5.68 -12.90
C31 Q3G S . 15.37 -5.38 -11.52
C36 Q3G S . 8.67 1.13 -13.05
C38 Q3G S . 8.48 2.40 -13.88
C39 Q3G S . 7.50 3.37 -13.23
C40 Q3G S . 6.08 2.80 -13.16
C41 Q3G S . 5.32 3.00 -14.47
C42 Q3G S . 3.81 3.06 -14.26
C43 Q3G S . 3.14 4.10 -15.16
C44 Q3G S . 2.24 5.04 -14.38
C45 Q3G S . 1.86 6.28 -15.19
N34 Q3G S . 15.21 -4.68 -13.85
O19 Q3G S . 6.73 -3.43 -14.97
O20 Q3G S . 7.96 -1.58 -14.72
O24 Q3G S . 11.02 -2.53 -13.65
O26 Q3G S . 10.86 -4.97 -14.46
O27 Q3G S . 10.28 -4.46 -12.11
O28 Q3G S . 12.77 -4.40 -12.82
O32 Q3G S . 16.09 -4.36 -11.35
O33 Q3G S . 15.13 -6.16 -10.55
O35 Q3G S . 9.36 0.04 -13.60
O37 Q3G S . 8.26 1.07 -11.94
P25 Q3G S . 11.21 -4.12 -13.26
C1 PLM T . 24.43 -28.29 -5.47
O2 PLM T . 24.66 -27.11 -5.68
C2 PLM T . 23.09 -28.83 -5.06
C3 PLM T . 21.94 -28.03 -5.64
C4 PLM T . 21.50 -26.90 -4.75
C5 PLM T . 20.30 -26.18 -5.33
C6 PLM T . 19.74 -25.15 -4.37
C7 PLM T . 18.41 -24.62 -4.85
C8 PLM T . 17.90 -23.52 -3.95
C9 PLM T . 16.43 -23.23 -4.20
CA PLM T . 15.95 -22.05 -3.40
CB PLM T . 14.44 -21.92 -3.46
CC PLM T . 13.95 -20.74 -2.66
CD PLM T . 12.44 -20.68 -2.64
CE PLM T . 11.94 -19.59 -1.70
CF PLM T . 10.43 -19.58 -1.63
CG PLM T . 9.94 -18.66 -0.54
H21 PLM T . 23.05 -28.78 -3.93
H22 PLM T . 22.99 -29.91 -5.35
H31 PLM T . 21.07 -28.72 -5.84
H32 PLM T . 22.26 -27.62 -6.63
H41 PLM T . 22.34 -26.17 -4.62
H42 PLM T . 21.24 -27.30 -3.73
H51 PLM T . 19.51 -26.93 -5.59
H52 PLM T . 20.60 -25.67 -6.29
H61 PLM T . 20.47 -24.31 -4.25
H62 PLM T . 19.61 -25.62 -3.35
H71 PLM T . 17.66 -25.45 -4.88
H72 PLM T . 18.52 -24.23 -5.89
H81 PLM T . 18.50 -22.58 -4.11
H82 PLM T . 18.04 -23.82 -2.87
H91 PLM T . 15.82 -24.14 -3.94
H92 PLM T . 16.27 -23.04 -5.29
HA1 PLM T . 16.42 -21.11 -3.78
HA2 PLM T . 16.27 -22.16 -2.33
HB1 PLM T . 13.97 -22.86 -3.06
HB2 PLM T . 14.12 -21.82 -4.53
HC1 PLM T . 14.35 -19.78 -3.10
HC2 PLM T . 14.34 -20.80 -1.61
HD1 PLM T . 12.03 -21.67 -2.30
HD2 PLM T . 12.06 -20.49 -3.67
HE1 PLM T . 12.30 -18.59 -2.07
HE2 PLM T . 12.37 -19.74 -0.68
HF1 PLM T . 10.06 -20.63 -1.42
HF2 PLM T . 10.01 -19.26 -2.61
HG1 PLM T . 8.82 -18.62 -0.53
HG2 PLM T . 10.33 -17.62 -0.71
HG3 PLM T . 10.29 -19.00 0.46
C1 PLM U . 21.31 -27.27 -10.47
O2 PLM U . 20.72 -26.21 -10.65
C2 PLM U . 20.79 -28.38 -9.61
C3 PLM U . 19.72 -27.93 -8.64
C4 PLM U . 18.36 -27.84 -9.28
C5 PLM U . 17.29 -27.45 -8.28
C6 PLM U . 17.16 -25.94 -8.13
C7 PLM U . 16.43 -25.29 -9.29
C8 PLM U . 15.45 -24.25 -8.79
C9 PLM U . 14.81 -23.51 -9.95
CA PLM U . 13.40 -23.06 -9.61
CB PLM U . 13.39 -22.08 -8.45
CC PLM U . 12.11 -21.28 -8.36
CD PLM U . 10.98 -22.08 -7.74
CE PLM U . 10.81 -21.74 -6.28
CF PLM U . 9.75 -22.62 -5.63
CG PLM U . 8.89 -21.84 -4.67
H21 PLM U . 21.67 -28.79 -9.03
H22 PLM U . 20.40 -29.22 -10.25
H31 PLM U . 20.02 -26.93 -8.22
H32 PLM U . 19.69 -28.66 -7.79
H41 PLM U . 18.09 -28.83 -9.74
H42 PLM U . 18.39 -27.09 -10.13
H51 PLM U . 17.54 -27.89 -7.27
H52 PLM U . 16.31 -27.90 -8.58
H61 PLM U . 18.18 -25.49 -8.03
H62 PLM U . 16.61 -25.72 -7.17
H71 PLM U . 15.90 -26.06 -9.90
H72 PLM U . 17.19 -24.80 -9.96
H81 PLM U . 15.96 -23.53 -8.12
H82 PLM U . 14.65 -24.76 -8.18
H91 PLM U . 14.78 -24.18 -10.85
H92 PLM U . 15.43 -22.63 -10.21
HA1 PLM U . 12.76 -23.94 -9.37
HA2 PLM U . 12.95 -22.57 -10.52
HB1 PLM U . 14.26 -21.38 -8.54
HB2 PLM U . 13.53 -22.65 -7.49
HC1 PLM U . 11.80 -20.93 -9.38
HC2 PLM U . 12.29 -20.36 -7.74
HD1 PLM U . 11.18 -23.18 -7.85
HD2 PLM U . 10.02 -21.86 -8.29
HE1 PLM U . 10.51 -20.66 -6.17
HE2 PLM U . 11.78 -21.87 -5.74
HF1 PLM U . 10.25 -23.46 -5.08
HF2 PLM U . 9.11 -23.09 -6.43
HG1 PLM U . 8.15 -22.51 -4.17
HG2 PLM U . 8.32 -21.04 -5.22
HG3 PLM U . 9.51 -21.35 -3.89
C1 PLM V . 17.11 -31.07 -12.82
O2 PLM V . 17.99 -30.28 -12.43
C2 PLM V . 15.64 -30.84 -12.68
C3 PLM V . 15.08 -31.36 -11.38
C4 PLM V . 15.77 -30.79 -10.16
C5 PLM V . 14.95 -31.02 -8.92
C6 PLM V . 15.68 -30.55 -7.68
H21 PLM V . 15.14 -31.35 -13.55
H22 PLM V . 15.41 -29.73 -12.77
H31 PLM V . 15.18 -32.49 -11.37
H32 PLM V . 13.99 -31.13 -11.34
H41 PLM V . 15.92 -29.69 -10.31
H42 PLM V . 16.78 -31.25 -10.03
H51 PLM V . 14.71 -32.11 -8.81
H52 PLM V . 13.96 -30.47 -9.00
C1 PLM W . 17.11 -26.01 -17.32
O2 PLM W . 17.40 -25.86 -16.14
C2 PLM W . 16.06 -25.22 -18.04
C3 PLM W . 14.66 -25.53 -17.54
C4 PLM W . 13.63 -24.56 -18.05
C5 PLM W . 12.44 -25.28 -18.64
C6 PLM W . 11.33 -24.32 -19.03
C7 PLM W . 10.31 -25.00 -19.92
C8 PLM W . 9.21 -24.04 -20.31
C9 PLM W . 9.29 -23.64 -21.78
CA PLM W . 8.72 -24.70 -22.69
CB PLM W . 9.48 -24.82 -24.00
CC PLM W . 9.27 -23.63 -24.93
CD PLM W . 7.88 -23.60 -25.53
CE PLM W . 7.84 -22.74 -26.78
CF PLM W . 6.43 -22.51 -27.26
CG PLM W . 5.81 -21.29 -26.62
H21 PLM W . 16.12 -25.49 -19.12
H22 PLM W . 16.27 -24.12 -17.94
H31 PLM W . 14.67 -25.50 -16.41
H32 PLM W . 14.39 -26.57 -17.85
H41 PLM W . 14.09 -23.90 -18.85
H42 PLM W . 13.29 -23.89 -17.23
H51 PLM W . 12.04 -26.02 -17.88
H52 PLM W . 12.76 -25.88 -19.54
H61 PLM W . 11.78 -23.44 -19.55
H62 PLM W . 10.83 -23.95 -18.10
H71 PLM W . 9.87 -25.88 -19.40
H72 PLM W . 10.82 -25.38 -20.85
H81 PLM W . 9.26 -23.11 -19.67
H82 PLM W . 8.21 -24.52 -20.12
H91 PLM W . 10.36 -23.42 -22.05
H92 PLM W . 8.72 -22.68 -21.94
HA1 PLM W . 7.65 -24.49 -22.89
HA2 PLM W . 8.76 -25.70 -22.16
HB1 PLM W . 9.16 -25.75 -24.53
HB2 PLM W . 10.58 -24.93 -23.80
HC1 PLM W . 10.02 -23.68 -25.77
HC2 PLM W . 9.45 -22.67 -24.38
HD1 PLM W . 7.15 -23.19 -24.78
HD2 PLM W . 7.54 -24.63 -25.78
HE1 PLM W . 8.43 -23.24 -27.59
HE2 PLM W . 8.34 -21.76 -26.58
HF1 PLM W . 5.80 -23.41 -27.03
HF2 PLM W . 6.43 -22.38 -28.38
HG1 PLM W . 4.78 -21.13 -27.00
HG2 PLM W . 6.42 -20.38 -26.84
HG3 PLM W . 5.75 -21.42 -25.50
C1 PLM X . 26.18 -23.07 -6.61
O2 PLM X . 26.49 -21.89 -6.57
C2 PLM X . 24.96 -23.66 -5.95
C3 PLM X . 23.76 -22.74 -6.05
C4 PLM X . 23.54 -21.93 -4.79
C5 PLM X . 22.42 -20.93 -4.99
C6 PLM X . 21.82 -20.48 -3.68
C7 PLM X . 20.64 -19.56 -3.92
C8 PLM X . 19.87 -19.27 -2.64
C9 PLM X . 18.68 -18.39 -2.92
CA PLM X . 17.75 -18.30 -1.72
CB PLM X . 16.56 -17.43 -2.03
CC PLM X . 15.59 -17.39 -0.87
CD PLM X . 14.47 -16.39 -1.11
H21 PLM X . 25.21 -23.82 -4.87
H22 PLM X . 24.72 -24.66 -6.41
H31 PLM X . 22.85 -23.35 -6.27
H32 PLM X . 23.92 -22.05 -6.91
H41 PLM X . 24.49 -21.38 -4.52
H42 PLM X . 23.29 -22.62 -3.94
H51 PLM X . 21.62 -21.40 -5.63
H52 PLM X . 22.81 -20.04 -5.55
H61 PLM X . 22.60 -19.95 -3.06
H62 PLM X . 21.48 -21.37 -3.09
H71 PLM X . 19.96 -20.02 -4.66
H72 PLM X . 21.01 -18.59 -4.35
H81 PLM X . 20.55 -18.77 -1.89
H82 PLM X . 19.54 -20.24 -2.18
H91 PLM X . 18.12 -18.80 -3.80
H92 PLM X . 19.03 -17.36 -3.21
HA1 PLM X . 18.31 -17.89 -0.84
HA2 PLM X . 17.41 -19.33 -1.44
HB1 PLM X . 16.04 -17.80 -2.94
HB2 PLM X . 16.91 -16.38 -2.26
HC1 PLM X . 16.13 -17.13 0.07
HC2 PLM X . 15.15 -18.42 -0.73
C1 PLM Y . 29.50 16.00 -3.41
O2 PLM Y . 28.78 15.90 -4.41
C2 PLM Y . 29.10 16.71 -2.16
C3 PLM Y . 27.84 16.14 -1.55
C4 PLM Y . 26.85 17.23 -1.15
C5 PLM Y . 25.63 16.67 -0.47
C6 PLM Y . 24.54 16.34 -1.47
C7 PLM Y . 23.50 15.42 -0.88
C8 PLM Y . 22.73 16.06 0.26
C9 PLM Y . 23.13 15.47 1.59
CA PLM Y . 22.35 16.10 2.73
CB PLM Y . 23.18 16.26 3.98
CC PLM Y . 23.56 14.93 4.59
CD PLM Y . 24.29 15.11 5.91
CE PLM Y . 23.44 14.69 7.08
CF PLM Y . 24.16 14.92 8.40
CG PLM Y . 23.34 14.43 9.57
H21 PLM Y . 28.93 17.79 -2.43
H22 PLM Y . 29.94 16.67 -1.41
H31 PLM Y . 28.11 15.53 -0.65
H32 PLM Y . 27.35 15.45 -2.28
H41 PLM Y . 26.54 17.80 -2.06
H42 PLM Y . 27.37 17.96 -0.46
H51 PLM Y . 25.25 17.40 0.29
H52 PLM Y . 25.91 15.73 0.09
H61 PLM Y . 24.99 15.87 -2.37
H62 PLM Y . 24.05 17.30 -1.81
H71 PLM Y . 23.98 14.48 -0.53
H72 PLM Y . 22.77 15.11 -1.70
H81 PLM Y . 21.62 15.90 0.09
H82 PLM Y . 22.91 17.17 0.26
H91 PLM Y . 24.22 15.63 1.76
H92 PLM Y . 22.95 14.37 1.58
HA1 PLM Y . 21.45 15.46 2.96
HA2 PLM Y . 21.95 17.10 2.41
HB1 PLM Y . 22.60 16.85 4.74
HB2 PLM Y . 24.11 16.84 3.75
HC1 PLM Y . 24.23 14.35 3.89
HC2 PLM Y . 22.64 14.31 4.76
HD1 PLM Y . 24.58 16.19 6.02
HD2 PLM Y . 25.24 14.52 5.90
HE1 PLM Y . 23.18 13.60 6.98
HE2 PLM Y . 22.47 15.25 7.07
HF1 PLM Y . 24.37 16.02 8.52
HF2 PLM Y . 25.14 14.40 8.38
HG1 PLM Y . 23.89 14.60 10.52
HG2 PLM Y . 23.13 13.34 9.47
HG3 PLM Y . 22.36 14.98 9.61
PB GDP Z . 40.91 -35.57 -33.00
O1B GDP Z . 42.20 -36.11 -33.55
O2B GDP Z . 40.11 -36.68 -32.36
O3B GDP Z . 41.22 -34.51 -31.96
O3A GDP Z . 40.03 -34.89 -34.22
PA GDP Z . 40.38 -33.43 -34.89
O1A GDP Z . 41.87 -33.34 -35.15
O2A GDP Z . 39.63 -33.27 -36.19
O5' GDP Z . 39.94 -32.22 -33.86
C5' GDP Z . 38.92 -32.44 -32.92
C4' GDP Z . 39.00 -31.37 -31.85
O4' GDP Z . 39.09 -29.92 -32.56
C3' GDP Z . 37.94 -31.38 -31.08
O3' GDP Z . 38.33 -31.06 -29.68
C2' GDP Z . 37.02 -30.28 -31.63
O2' GDP Z . 36.38 -29.66 -30.61
C1' GDP Z . 37.97 -29.29 -32.35
N9 GDP Z . 37.37 -28.82 -33.62
C8 GDP Z . 37.59 -29.72 -34.61
N7 GDP Z . 37.02 -29.22 -35.72
C5 GDP Z . 36.48 -28.04 -35.43
C6 GDP Z . 35.71 -27.02 -36.28
O6 GDP Z . 35.51 -27.23 -37.42
N1 GDP Z . 35.24 -25.81 -35.68
C2 GDP Z . 35.49 -25.54 -34.28
N2 GDP Z . 35.01 -24.32 -33.69
N3 GDP Z . 36.22 -26.52 -33.47
C4 GDP Z . 36.71 -27.79 -34.10
H5' GDP Z . 39.04 -33.32 -32.52
H5'' GDP Z . 38.05 -32.39 -33.36
H4' GDP Z . 39.79 -31.51 -31.31
H3' GDP Z . 37.50 -32.24 -31.13
HO3' GDP Z . 38.76 -30.33 -29.67
H2' GDP Z . 36.38 -30.66 -32.25
HO2' GDP Z . 36.94 -29.46 -30.00
H1' GDP Z . 38.13 -28.52 -31.77
H8 GDP Z . 38.03 -30.54 -34.53
HN1 GDP Z . 34.82 -25.23 -36.16
HN21 GDP Z . 34.58 -23.74 -34.16
HN22 GDP Z . 35.16 -24.17 -32.85
ZN ZN AA . 38.49 -23.09 -50.35
ZN ZN BA . 35.42 -25.40 -51.94
C1 NAG CA . -5.19 7.99 27.37
C2 NAG CA . -3.97 7.42 28.08
C3 NAG CA . -3.48 8.27 29.26
C4 NAG CA . -4.64 8.90 30.02
C5 NAG CA . -5.72 9.50 29.11
C6 NAG CA . -5.91 10.99 29.42
C7 NAG CA . -3.55 5.02 28.18
C8 NAG CA . -3.98 3.70 28.74
N2 NAG CA . -4.27 6.08 28.55
O3 NAG CA . -2.60 9.29 28.78
O4 NAG CA . -5.24 7.92 30.87
O5 NAG CA . -5.41 9.36 27.73
O6 NAG CA . -4.89 11.75 28.76
O7 NAG CA . -2.60 5.13 27.43
H2 NAG CA . -3.15 7.34 27.35
H3 NAG CA . -2.93 7.62 29.95
H4 NAG CA . -4.23 9.72 30.64
H5 NAG CA . -6.66 8.99 29.33
H61 NAG CA . -5.85 11.15 30.50
H62 NAG CA . -6.90 11.31 29.08
H81 NAG CA . -3.73 2.93 28.07
H82 NAG CA . -5.03 3.71 28.89
H83 NAG CA . -3.50 3.54 29.67
HN2 NAG CA . -5.06 5.95 29.18
HO3 NAG CA . -3.13 10.04 28.47
HO4 NAG CA . -4.70 7.80 31.66
HO6 NAG CA . -4.06 11.27 28.78
C1 NAG DA . -22.22 37.42 22.57
C2 NAG DA . -21.42 38.67 22.29
C3 NAG DA . -22.24 39.63 21.45
C4 NAG DA . -23.32 38.89 20.65
C5 NAG DA . -22.88 37.47 20.25
C6 NAG DA . -21.78 37.45 19.21
C7 NAG DA . -19.94 38.90 24.23
C8 NAG DA . -19.64 39.68 25.48
N2 NAG DA . -21.00 39.31 23.53
O3 NAG DA . -21.39 40.35 20.57
O4 NAG DA . -24.52 38.81 21.39
O5 NAG DA . -22.40 36.70 21.37
O6 NAG DA . -22.25 37.89 17.94
O7 NAG DA . -19.24 37.96 23.87
H2 NAG DA . -20.63 38.43 21.78
H3 NAG DA . -22.69 40.27 22.04
H4 NAG DA . -23.48 39.40 19.83
H5 NAG DA . -23.66 37.00 19.88
H61 NAG DA . -21.43 36.54 19.14
H62 NAG DA . -21.05 38.04 19.50
H81 NAG DA . -18.86 39.29 25.92
H82 NAG DA . -20.41 39.61 26.09
H83 NAG DA . -19.49 40.61 25.26
HN2 NAG DA . -21.48 40.01 23.84
HO3 NAG DA . -21.86 40.96 20.14
HO4 NAG DA . -25.21 39.00 20.86
HO6 NAG DA . -22.11 37.25 17.35
C1 NAG EA . -48.29 6.73 -6.74
C2 NAG EA . -47.81 7.63 -7.87
C3 NAG EA . -48.98 7.96 -8.80
C4 NAG EA . -49.64 6.69 -9.29
C5 NAG EA . -50.02 5.80 -8.11
C6 NAG EA . -50.55 4.44 -8.55
C7 NAG EA . -46.12 9.48 -7.80
C8 NAG EA . -45.44 8.88 -8.99
N2 NAG EA . -47.22 8.85 -7.33
O3 NAG EA . -48.51 8.73 -9.91
O4 NAG EA . -50.82 7.02 -10.03
O5 NAG EA . -48.87 5.55 -7.30
O6 NAG EA . -50.71 3.57 -7.44
O7 NAG EA . -45.70 10.50 -7.28
H2 NAG EA . -47.19 7.06 -8.37
H3 NAG EA . -49.62 8.49 -8.30
H4 NAG EA . -49.03 6.21 -9.87
H5 NAG EA . -50.71 6.24 -7.58
H61 NAG EA . -49.91 4.05 -9.17
H62 NAG EA . -51.41 4.56 -8.98
H81 NAG EA . -44.69 9.45 -9.26
H82 NAG EA . -46.06 8.81 -9.75
H83 NAG EA . -45.11 7.99 -8.77
HN2 NAG EA . -47.62 9.22 -6.61
HO3 NAG EA . -49.20 9.09 -10.33
HO4 NAG EA . -50.94 6.41 -10.67
HO6 NAG EA . -50.64 4.03 -6.69
C10 Q3G FA . 8.95 10.43 0.19
C13 Q3G FA . 11.88 8.53 -1.47
C15 Q3G FA . 14.03 7.32 -2.03
C17 Q3G FA . 16.28 7.06 -3.20
C21 Q3G FA . 14.81 3.95 -4.74
C22 Q3G FA . 15.05 2.47 -4.43
C09 Q3G FA . 8.26 11.55 0.13
C11 Q3G FA . 10.22 10.28 -0.63
C12 Q3G FA . 10.95 8.96 -0.33
C14 Q3G FA . 13.24 8.07 -0.96
C16 Q3G FA . 15.49 7.73 -2.08
C18 Q3G FA . 15.45 6.09 -4.05
C23 Q3G FA . 15.60 1.70 -5.63
C29 Q3G FA . 16.09 2.15 -10.39
C30 Q3G FA . 17.04 1.24 -11.16
C31 Q3G FA . 16.46 -0.17 -11.33
C36 Q3G FA . 15.43 2.02 -2.17
C38 Q3G FA . 16.31 2.03 -0.91
C39 Q3G FA . 15.49 1.89 0.37
C40 Q3G FA . 14.53 3.06 0.57
C41 Q3G FA . 15.15 4.18 1.40
C42 Q3G FA . 14.10 4.96 2.20
C43 Q3G FA . 14.65 5.44 3.53
C44 Q3G FA . 13.74 5.06 4.70
C45 Q3G FA . 14.44 5.20 6.05
N34 Q3G FA . 18.31 1.16 -10.47
O19 Q3G FA . 14.65 6.51 -4.82
O20 Q3G FA . 15.63 4.72 -3.91
O24 Q3G FA . 16.30 2.59 -6.44
O26 Q3G FA . 16.14 4.31 -8.36
O27 Q3G FA . 14.16 2.94 -7.85
O28 Q3G FA . 16.17 1.83 -9.03
O32 Q3G FA . 17.09 -1.16 -10.87
O33 Q3G FA . 15.37 -0.34 -11.94
O35 Q3G FA . 15.99 2.40 -3.40
O37 Q3G FA . 14.31 1.68 -2.11
P25 Q3G FA . 15.67 2.94 -7.93
C1 PLM GA . 10.81 1.15 -36.16
O2 PLM GA . 11.14 0.30 -35.33
C2 PLM GA . 9.63 2.07 -35.99
C3 PLM GA . 9.64 2.75 -34.63
C4 PLM GA . 9.00 1.91 -33.55
C5 PLM GA . 8.99 2.65 -32.23
C6 PLM GA . 8.22 1.88 -31.17
C7 PLM GA . 7.98 2.75 -29.94
C8 PLM GA . 7.27 1.99 -28.85
C9 PLM GA . 6.70 2.94 -27.82
CA PLM GA . 6.11 2.19 -26.64
CB PLM GA . 5.34 3.13 -25.74
CC PLM GA . 4.74 2.39 -24.56
CD PLM GA . 3.89 3.31 -23.71
CE PLM GA . 3.14 2.54 -22.64
CF PLM GA . 2.24 3.44 -21.83
CG PLM GA . 1.33 2.66 -20.92
H21 PLM GA . 8.70 1.45 -36.09
H22 PLM GA . 9.63 2.83 -36.81
H31 PLM GA . 9.10 3.73 -34.71
H32 PLM GA . 10.70 2.98 -34.35
H41 PLM GA . 9.56 0.94 -33.43
H42 PLM GA . 7.95 1.65 -33.84
H51 PLM GA . 8.54 3.66 -32.37
H52 PLM GA . 10.04 2.80 -31.88
H61 PLM GA . 8.79 0.97 -30.87
H62 PLM GA . 7.24 1.54 -31.59
H71 PLM GA . 7.37 3.65 -30.24
H72 PLM GA . 8.97 3.14 -29.56
H81 PLM GA . 7.98 1.28 -28.37
H82 PLM GA . 6.43 1.38 -29.30
H91 PLM GA . 5.92 3.59 -28.28
H92 PLM GA . 7.52 3.62 -27.45
HA1 PLM GA . 6.92 1.68 -26.06
HA2 PLM GA . 5.42 1.39 -27.02
HB1 PLM GA . 4.52 3.63 -26.31
HB2 PLM GA . 6.03 3.93 -25.35
HC1 PLM GA . 5.56 1.95 -23.93
HC2 PLM GA . 4.11 1.53 -24.92
HD1 PLM GA . 3.15 3.84 -24.36
HD2 PLM GA . 4.53 4.09 -23.23
HE1 PLM GA . 3.88 2.04 -21.95
HE2 PLM GA . 2.54 1.72 -23.11
HF1 PLM GA . 1.61 4.06 -22.54
HF2 PLM GA . 2.86 4.15 -21.23
HG1 PLM GA . 0.69 3.35 -20.32
HG2 PLM GA . 1.93 2.02 -20.23
HG3 PLM GA . 0.66 2.00 -21.52
C1 PLM HA . 13.43 5.54 -33.03
O2 PLM HA . 13.53 5.65 -31.81
C2 PLM HA . 12.20 5.90 -33.82
C3 PLM HA . 10.94 5.80 -32.99
C4 PLM HA . 10.70 7.05 -32.16
C5 PLM HA . 9.38 6.98 -31.41
C6 PLM HA . 9.51 6.27 -30.07
C7 PLM HA . 10.17 7.13 -29.01
C8 PLM HA . 9.55 6.86 -27.65
C9 PLM HA . 10.29 7.62 -26.57
CA PLM HA . 9.35 8.08 -25.47
CB PLM HA . 8.67 6.92 -24.78
CC PLM HA . 8.06 7.30 -23.44
CD PLM HA . 6.73 8.02 -23.62
CE PLM HA . 5.57 7.10 -23.29
CF PLM HA . 4.24 7.79 -23.59
CG PLM HA . 3.17 7.36 -22.63
H21 PLM HA . 12.13 5.17 -34.67
H22 PLM HA . 12.31 6.92 -34.25
H31 PLM HA . 11.01 4.90 -32.32
H32 PLM HA . 10.07 5.64 -33.68
H41 PLM HA . 10.70 7.95 -32.83
H42 PLM HA . 11.55 7.19 -31.44
H51 PLM HA . 8.63 6.43 -32.04
H52 PLM HA . 8.98 8.01 -31.27
H61 PLM HA . 10.09 5.33 -30.21
H62 PLM HA . 8.49 5.96 -29.72
H71 PLM HA . 10.06 8.22 -29.26
H72 PLM HA . 11.27 6.90 -28.97
H81 PLM HA . 9.59 5.76 -27.43
H82 PLM HA . 8.47 7.16 -27.66
H91 PLM HA . 10.82 8.50 -27.01
H92 PLM HA . 11.07 6.95 -26.11
HA1 PLM HA . 8.57 8.76 -25.91
HA2 PLM HA . 9.92 8.69 -24.72
HB1 PLM HA . 9.43 6.10 -24.62
HB2 PLM HA . 7.87 6.49 -25.44
HC1 PLM HA . 8.76 7.95 -22.86
HC2 PLM HA . 7.90 6.37 -22.83
HD1 PLM HA . 6.63 8.38 -24.67
HD2 PLM HA . 6.70 8.92 -22.95
HE1 PLM HA . 5.60 6.82 -22.21
HE2 PLM HA . 5.64 6.16 -23.88
HF1 PLM HA . 3.93 7.53 -24.64
HF2 PLM HA . 4.37 8.89 -23.54
HG1 PLM HA . 2.19 7.81 -22.89
HG2 PLM HA . 3.43 7.66 -21.59
HG3 PLM HA . 3.04 6.24 -22.64
C1 PLM IA . 11.89 11.50 -33.89
O2 PLM IA . 12.23 10.32 -33.76
C2 PLM IA . 10.98 12.23 -32.95
C3 PLM IA . 9.51 12.02 -33.27
C4 PLM IA . 9.11 10.56 -33.24
C5 PLM IA . 7.61 10.40 -33.19
C6 PLM IA . 7.20 8.95 -33.31
H21 PLM IA . 11.22 13.32 -33.03
H22 PLM IA . 11.19 11.90 -31.89
H31 PLM IA . 9.29 12.45 -34.28
H32 PLM IA . 8.91 12.57 -32.51
H41 PLM IA . 9.57 10.05 -32.36
H42 PLM IA . 9.50 10.04 -34.16
H51 PLM IA . 7.14 10.99 -34.02
H52 PLM IA . 7.22 10.83 -32.23
C1 PLM JA . 16.66 11.90 -29.14
O2 PLM JA . 15.93 10.93 -29.30
C2 PLM JA . 16.83 12.63 -27.84
C3 PLM JA . 15.57 13.39 -27.44
C4 PLM JA . 15.62 13.90 -26.02
C5 PLM JA . 15.22 15.36 -25.96
C6 PLM JA . 15.14 15.85 -24.53
C7 PLM JA . 15.08 17.37 -24.47
C8 PLM JA . 14.98 17.86 -23.03
C9 PLM JA . 16.27 18.52 -22.57
CA PLM JA . 16.38 19.94 -23.09
CB PLM JA . 17.81 20.32 -23.46
CC PLM JA . 18.72 20.48 -22.25
CD PLM JA . 18.41 21.72 -21.44
CE PLM JA . 19.60 22.11 -20.58
CF PLM JA . 19.24 23.23 -19.62
CG PLM JA . 18.70 22.69 -18.32
H21 PLM JA . 17.67 13.35 -27.96
H22 PLM JA . 17.10 11.91 -27.02
H31 PLM JA . 14.67 12.72 -27.57
H32 PLM JA . 15.44 14.25 -28.15
H41 PLM JA . 16.66 13.79 -25.62
H42 PLM JA . 14.94 13.30 -25.38
H51 PLM JA . 14.23 15.50 -26.47
H52 PLM JA . 15.97 15.99 -26.53
H61 PLM JA . 16.01 15.48 -23.95
H62 PLM JA . 14.22 15.43 -24.05
H71 PLM JA . 14.20 17.74 -25.05
H72 PLM JA . 15.99 17.79 -24.95
H81 PLM JA . 14.74 17.00 -22.36
H82 PLM JA . 14.13 18.58 -22.95
H91 PLM JA . 17.15 17.91 -22.91
H92 PLM JA . 16.29 18.53 -21.45
HA1 PLM JA . 15.98 20.65 -22.32
HA2 PLM JA . 15.73 20.06 -24.00
HB1 PLM JA . 17.79 21.28 -24.04
HB2 PLM JA . 18.23 19.55 -24.14
HC1 PLM JA . 19.78 20.52 -22.60
HC2 PLM JA . 18.64 19.58 -21.59
HD1 PLM JA . 17.52 21.55 -20.79
HD2 PLM JA . 18.16 22.57 -22.14
HE1 PLM JA . 20.44 22.45 -21.24
HE2 PLM JA . 19.95 21.23 -20.01
HF1 PLM JA . 18.48 23.90 -20.09
HF2 PLM JA . 20.15 23.85 -19.42
HG1 PLM JA . 18.43 23.53 -17.63
HG2 PLM JA . 19.45 22.04 -17.82
HG3 PLM JA . 17.78 22.08 -18.50
C1 PLM KA . 14.34 -1.78 -32.51
O2 PLM KA . 14.75 -2.55 -31.64
C2 PLM KA . 12.99 -1.13 -32.49
C3 PLM KA . 12.56 -0.73 -31.09
C4 PLM KA . 11.64 -1.73 -30.44
C5 PLM KA . 11.41 -1.39 -28.98
C6 PLM KA . 10.13 -1.99 -28.45
C7 PLM KA . 9.92 -1.61 -27.00
C8 PLM KA . 8.53 -1.98 -26.51
C9 PLM KA . 8.33 -1.53 -25.08
CA PLM KA . 6.88 -1.68 -24.64
CB PLM KA . 6.70 -1.18 -23.23
CC PLM KA . 5.25 -1.27 -22.80
CD PLM KA . 5.08 -0.89 -21.34
H21 PLM KA . 12.25 -1.86 -32.90
H22 PLM KA . 12.98 -0.23 -33.16
H31 PLM KA . 12.07 0.27 -31.12
H32 PLM KA . 13.49 -0.63 -30.46
H41 PLM KA . 12.07 -2.76 -30.52
H42 PLM KA . 10.66 -1.74 -30.98
H51 PLM KA . 11.38 -0.27 -28.86
H52 PLM KA . 12.28 -1.77 -28.38
H61 PLM KA . 10.18 -3.12 -28.54
H62 PLM KA . 9.26 -1.64 -29.06
H71 PLM KA . 10.08 -0.51 -26.88
H72 PLM KA . 10.69 -2.13 -26.36
H81 PLM KA . 8.39 -3.09 -26.59
H82 PLM KA . 7.76 -1.50 -27.17
H91 PLM KA . 8.64 -0.46 -24.98
H92 PLM KA . 8.99 -2.13 -24.41
HA1 PLM KA . 6.58 -2.77 -24.70
HA2 PLM KA . 6.22 -1.11 -25.34
HB1 PLM KA . 7.04 -0.12 -23.16
HB2 PLM KA . 7.33 -1.78 -22.52
HC1 PLM KA . 4.86 -2.31 -22.98
HC2 PLM KA . 4.62 -0.58 -23.44
C1 PLM LA . 23.58 -23.99 -1.39
O2 PLM LA . 23.89 -22.88 -0.95
C2 PLM LA . 22.55 -24.88 -0.76
C3 PLM LA . 21.20 -24.21 -0.62
C4 PLM LA . 20.63 -24.34 0.77
C5 PLM LA . 19.24 -23.73 0.86
C6 PLM LA . 19.31 -22.26 1.26
C7 PLM LA . 18.01 -21.54 0.95
C8 PLM LA . 16.85 -22.07 1.78
C9 PLM LA . 15.89 -22.88 0.95
CA PLM LA . 14.72 -23.38 1.77
CB PLM LA . 14.26 -24.76 1.34
CC PLM LA . 13.66 -24.76 -0.05
CD PLM LA . 13.10 -26.12 -0.41
CE PLM LA . 11.58 -26.09 -0.47
CF PLM LA . 11.02 -27.46 -0.79
CG PLM LA . 9.52 -27.42 -0.93
H21 PLM LA . 22.92 -25.16 0.27
H22 PLM LA . 22.45 -25.83 -1.35
H31 PLM LA . 20.49 -24.65 -1.37
H32 PLM LA . 21.32 -23.12 -0.89
H41 PLM LA . 21.30 -23.83 1.50
H42 PLM LA . 20.57 -25.42 1.06
H51 PLM LA . 18.63 -24.29 1.62
H52 PLM LA . 18.72 -23.82 -0.13
H61 PLM LA . 20.15 -21.76 0.71
H62 PLM LA . 19.54 -22.19 2.36
H71 PLM LA . 17.77 -21.64 -0.13
H72 PLM LA . 18.15 -20.44 1.16
H81 PLM LA . 16.30 -21.20 2.24
H82 PLM LA . 17.25 -22.69 2.63
H91 PLM LA . 16.44 -23.76 0.51
H92 PLM LA . 15.51 -22.26 0.10
HA1 PLM LA . 13.86 -22.66 1.67
HA2 PLM LA . 15.01 -23.40 2.86
HB1 PLM LA . 13.49 -25.14 2.06
HB2 PLM LA . 15.12 -25.48 1.38
HC1 PLM LA . 14.45 -24.49 -0.81
HC2 PLM LA . 12.85 -23.99 -0.12
HD1 PLM LA . 13.42 -26.87 0.37
HD2 PLM LA . 13.51 -26.45 -1.40
HE1 PLM LA . 11.26 -25.37 -1.27
HE2 PLM LA . 11.17 -25.72 0.50
HF1 PLM LA . 11.30 -28.16 0.05
HF2 PLM LA . 11.48 -27.85 -1.72
HG1 PLM LA . 9.12 -28.43 -1.17
HG2 PLM LA . 9.23 -26.73 -1.76
HG3 PLM LA . 9.03 -27.07 0.01
PB GDP MA . 40.05 10.85 -48.02
O1B GDP MA . 41.18 10.49 -48.96
O2B GDP MA . 38.97 11.58 -48.78
O3B GDP MA . 39.47 9.58 -47.43
O3A GDP MA . 40.63 11.82 -46.82
PA GDP MA . 41.74 11.33 -45.71
O1A GDP MA . 42.80 10.49 -46.39
O2A GDP MA . 42.40 12.52 -45.08
O5' GDP MA . 41.01 10.42 -44.54
C5' GDP MA . 39.65 10.57 -44.30
C4' GDP MA . 39.15 9.36 -43.53
O4' GDP MA . 40.15 9.08 -42.29
C3' GDP MA . 37.96 9.56 -43.04
O3' GDP MA . 37.17 8.28 -43.10
C2' GDP MA . 38.16 9.97 -41.57
O2' GDP MA . 37.17 9.44 -40.80
C1' GDP MA . 39.53 9.37 -41.18
N9 GDP MA . 40.31 10.33 -40.37
C8 GDP MA . 40.94 11.22 -41.15
N7 GDP MA . 41.62 12.06 -40.34
C5 GDP MA . 41.40 11.68 -39.09
C6 GDP MA . 41.91 12.23 -37.75
O6 GDP MA . 42.62 13.18 -37.73
N1 GDP MA . 41.50 11.61 -36.52
C2 GDP MA . 40.63 10.47 -36.55
N2 GDP MA . 40.23 9.84 -35.31
N3 GDP MA . 40.16 9.94 -37.83
C4 GDP MA . 40.58 10.59 -39.10
H5' GDP MA . 39.17 10.64 -45.14
H5'' GDP MA . 39.51 11.38 -43.77
H4' GDP MA . 39.13 8.59 -44.11
H3' GDP MA . 37.49 10.26 -43.53
HO3' GDP MA . 37.31 7.83 -42.39
H2' GDP MA . 38.17 10.93 -41.49
HO2' GDP MA . 36.48 9.33 -41.27
H1' GDP MA . 39.38 8.54 -40.67
H8 GDP MA . 40.91 11.26 -42.09
HN1 GDP MA . 41.79 11.92 -35.77
HN21 GDP MA . 40.51 10.15 -34.55
HN22 GDP MA . 39.71 9.15 -35.32
ZN ZN NA . 55.45 17.19 -34.28
ZN ZN OA . 54.39 21.11 -34.54
C1 NAG PA . -22.31 -17.27 6.61
C2 NAG PA . -22.32 -18.21 5.41
C3 NAG PA . -22.75 -19.64 5.76
C4 NAG PA . -23.83 -19.67 6.82
C5 NAG PA . -23.59 -18.71 7.99
C6 NAG PA . -23.57 -19.47 9.30
C7 NAG PA . -22.76 -17.43 3.15
C8 NAG PA . -23.79 -16.89 2.20
N2 NAG PA . -23.20 -17.68 4.39
O3 NAG PA . -21.60 -20.37 6.22
O4 NAG PA . -25.09 -19.35 6.21
O5 NAG PA . -22.36 -17.98 7.85
O6 NAG PA . -22.28 -20.06 9.49
O7 NAG PA . -21.61 -17.62 2.83
H2 NAG PA . -21.30 -18.25 5.00
H3 NAG PA . -23.14 -20.11 4.84
H4 NAG PA . -23.89 -20.69 7.23
H5 NAG PA . -24.43 -17.99 8.02
H61 NAG PA . -24.33 -20.24 9.30
H62 NAG PA . -23.78 -18.78 10.13
H81 NAG PA . -23.31 -16.28 1.48
H82 NAG PA . -24.49 -16.30 2.74
H83 NAG PA . -24.27 -17.69 1.72
HN2 NAG PA . -24.17 -17.52 4.62
HO3 NAG PA . -21.47 -20.21 7.16
HO4 NAG PA . -25.43 -20.12 5.74
HO6 NAG PA . -21.94 -20.37 8.65
C1 NAG QA . -20.84 -17.19 40.94
C2 NAG QA . -19.85 -18.11 41.61
C3 NAG QA . -19.46 -17.56 42.97
C4 NAG QA . -19.61 -16.04 43.00
C5 NAG QA . -19.38 -15.39 41.63
C6 NAG QA . -17.94 -15.49 41.17
C7 NAG QA . -20.43 -20.35 40.76
C8 NAG QA . -21.05 -21.68 41.08
N2 NAG QA . -20.42 -19.45 41.75
O3 NAG QA . -18.11 -17.92 43.25
O4 NAG QA . -20.91 -15.69 43.47
O5 NAG QA . -20.19 -15.99 40.60
O6 NAG QA . -17.39 -14.20 40.90
O7 NAG QA . -19.95 -20.10 39.65
H2 NAG QA . -19.05 -18.18 41.05
H3 NAG QA . -20.04 -17.95 43.65
H4 NAG QA . -18.95 -15.68 43.63
H5 NAG QA . -19.62 -14.45 41.70
H61 NAG QA . -17.91 -16.03 40.35
H62 NAG QA . -17.41 -15.93 41.85
H81 NAG QA . -20.99 -22.25 40.29
H82 NAG QA . -21.98 -21.54 41.32
H83 NAG QA . -20.57 -22.09 41.82
HN2 NAG QA . -20.78 -19.69 42.55
HO3 NAG QA . -17.88 -17.60 44.04
HO4 NAG QA . -20.86 -14.94 43.93
HO6 NAG QA . -16.52 -14.27 40.83
C1 NAG RA . -20.58 31.71 31.57
C2 NAG RA . -19.17 31.69 32.19
C3 NAG RA . -19.03 32.85 33.16
C4 NAG RA . -19.36 34.17 32.47
C5 NAG RA . -20.72 34.10 31.80
C6 NAG RA . -21.04 35.31 30.96
C7 NAG RA . -17.79 29.73 32.88
C8 NAG RA . -16.63 30.30 32.12
N2 NAG RA . -18.94 30.42 32.87
O3 NAG RA . -17.70 32.89 33.67
O4 NAG RA . -19.36 35.23 33.43
O5 NAG RA . -20.78 32.97 30.92
O6 NAG RA . -22.22 35.13 30.19
O7 NAG RA . -17.70 28.66 33.48
H2 NAG RA . -18.59 31.86 31.42
H3 NAG RA . -19.64 32.72 33.91
H4 NAG RA . -18.68 34.36 31.80
H5 NAG RA . -21.41 34.00 32.49
H61 NAG RA . -20.30 35.48 30.36
H62 NAG RA . -21.16 36.09 31.55
H81 NAG RA . -15.85 29.72 32.24
H82 NAG RA . -16.41 31.19 32.46
H83 NAG RA . -16.85 30.36 31.17
HN2 NAG RA . -19.65 30.07 33.33
HO3 NAG RA . -17.67 33.44 34.37
HO4 NAG RA . -19.17 36.00 33.02
HO6 NAG RA . -22.62 34.38 30.46
C10 Q3G SA . 7.65 -10.57 4.27
C13 Q3G SA . 10.22 -10.65 1.41
C15 Q3G SA . 11.54 -10.98 -0.72
C17 Q3G SA . 13.54 -11.69 -2.15
C21 Q3G SA . 13.16 -8.33 -3.84
C22 Q3G SA . 12.67 -7.98 -5.24
C09 Q3G SA . 7.51 -10.74 5.58
C11 Q3G SA . 8.94 -10.99 3.58
C12 Q3G SA . 8.85 -10.83 2.06
C14 Q3G SA . 10.37 -11.46 0.13
C16 Q3G SA . 12.30 -12.14 -1.37
C18 Q3G SA . 13.56 -10.18 -2.46
C23 Q3G SA . 13.72 -7.22 -6.06
C29 Q3G SA . 17.84 -4.85 -5.48
C30 Q3G SA . 18.72 -4.51 -6.68
C31 Q3G SA . 18.15 -3.36 -7.52
C36 Q3G SA . 11.01 -9.41 -6.08
C38 Q3G SA . 10.53 -10.73 -6.65
C39 Q3G SA . 9.03 -10.93 -6.49
C40 Q3G SA . 8.59 -11.00 -5.04
C41 Q3G SA . 8.55 -12.43 -4.52
C42 Q3G SA . 7.55 -12.63 -3.39
C43 Q3G SA . 6.93 -14.02 -3.40
C44 Q3G SA . 5.40 -13.98 -3.36
C45 Q3G SA . 4.78 -15.33 -3.73
N34 Q3G SA . 18.87 -5.68 -7.52
O19 Q3G SA . 13.88 -9.41 -1.62
O20 Q3G SA . 13.19 -9.73 -3.72
O24 Q3G SA . 14.99 -7.61 -5.62
O26 Q3G SA . 16.90 -7.21 -3.93
O27 Q3G SA . 15.03 -5.60 -4.00
O28 Q3G SA . 16.75 -5.60 -5.93
O32 Q3G SA . 17.85 -3.54 -8.72
O33 Q3G SA . 17.98 -2.23 -6.98
O35 Q3G SA . 12.38 -9.17 -5.92
O37 Q3G SA . 10.23 -8.57 -5.78
P25 Q3G SA . 15.92 -6.50 -4.84
C1 PLM TA . 34.69 14.87 -0.85
O2 PLM TA . 34.00 14.53 -1.82
C2 PLM TA . 34.13 15.05 0.54
C3 PLM TA . 33.26 13.88 0.97
C4 PLM TA . 31.83 14.02 0.51
C5 PLM TA . 30.99 12.86 0.98
C6 PLM TA . 29.53 13.05 0.64
C7 PLM TA . 28.66 12.05 1.38
C8 PLM TA . 27.21 12.16 0.96
C9 PLM TA . 26.32 11.46 1.96
CA PLM TA . 24.86 11.47 1.51
CB PLM TA . 23.95 10.99 2.60
CC PLM TA . 22.50 11.00 2.17
CD PLM TA . 21.58 10.59 3.30
CE PLM TA . 20.13 10.74 2.91
CF PLM TA . 19.21 10.41 4.07
CG PLM TA . 17.78 10.78 3.77
H21 PLM TA . 33.53 15.99 0.54
H22 PLM TA . 34.98 15.19 1.27
H31 PLM TA . 33.29 13.79 2.09
H32 PLM TA . 33.70 12.94 0.55
H41 PLM TA . 31.81 14.07 -0.62
H42 PLM TA . 31.40 14.98 0.88
H51 PLM TA . 31.11 12.74 2.08
H52 PLM TA . 31.36 11.92 0.50
H61 PLM TA . 29.38 12.94 -0.47
H62 PLM TA . 29.21 14.09 0.91
H71 PLM TA . 28.75 12.21 2.48
H72 PLM TA . 29.03 11.02 1.16
H81 PLM TA . 27.07 11.73 -0.05
H82 PLM TA . 26.92 13.25 0.90
H91 PLM TA . 26.40 11.95 2.96
H92 PLM TA . 26.65 10.40 2.08
HA1 PLM TA . 24.75 10.82 0.60
HA2 PLM TA . 24.58 12.51 1.21
HB1 PLM TA . 24.07 11.64 3.51
HB2 PLM TA . 24.25 9.95 2.91
HC1 PLM TA . 22.36 10.30 1.30
HC2 PLM TA . 22.22 12.03 1.81
HD1 PLM TA . 21.80 11.21 4.20
HD2 PLM TA . 21.78 9.52 3.58
HE1 PLM TA . 19.89 10.06 2.04
HE2 PLM TA . 19.93 11.79 2.58
HF1 PLM TA . 19.56 10.95 4.99
HF2 PLM TA . 19.28 9.31 4.29
HG1 PLM TA . 17.11 10.49 4.61
HG2 PLM TA . 17.43 10.26 2.85
HG3 PLM TA . 17.68 11.88 3.61
C1 PLM UA . 34.95 9.20 1.30
O2 PLM UA . 33.99 8.47 1.05
C2 PLM UA . 34.92 10.32 2.30
C3 PLM UA . 33.51 10.66 2.76
C4 PLM UA . 33.00 9.70 3.81
C5 PLM UA . 31.62 10.10 4.30
C6 PLM UA . 30.51 9.51 3.45
C7 PLM UA . 30.26 8.04 3.71
C8 PLM UA . 28.78 7.73 3.80
C9 PLM UA . 28.53 6.25 3.96
CA PLM UA . 27.26 5.98 4.74
CB PLM UA . 26.05 6.52 4.02
CC PLM UA . 24.75 5.89 4.50
CD PLM UA . 24.29 6.49 5.83
CE PLM UA . 23.22 7.55 5.60
CF PLM UA . 22.85 8.23 6.90
CG PLM UA . 21.37 8.51 6.98
H21 PLM UA . 35.36 11.22 1.80
H22 PLM UA . 35.56 10.07 3.19
H31 PLM UA . 32.83 10.65 1.86
H32 PLM UA . 33.51 11.70 3.17
H41 PLM UA . 33.71 9.67 4.68
H42 PLM UA . 32.97 8.66 3.38
H51 PLM UA . 31.53 11.22 4.29
H52 PLM UA . 31.50 9.78 5.37
H61 PLM UA . 30.75 9.65 2.37
H62 PLM UA . 29.55 10.08 3.64
H71 PLM UA . 30.77 7.72 4.67
H72 PLM UA . 30.73 7.43 2.90
H81 PLM UA . 28.27 8.10 2.87
H82 PLM UA . 28.33 8.29 4.67
H91 PLM UA . 29.41 5.78 4.49
H92 PLM UA . 28.46 5.77 2.96
HA1 PLM UA . 27.35 6.43 5.76
HA2 PLM UA . 27.16 4.87 4.89
HB1 PLM UA . 26.16 6.34 2.92
HB2 PLM UA . 26.00 7.63 4.17
HC1 PLM UA . 24.88 4.79 4.62
HC2 PLM UA . 23.95 6.05 3.73
HD1 PLM UA . 25.16 6.94 6.36
HD2 PLM UA . 23.87 5.67 6.47
HE1 PLM UA . 22.31 7.08 5.15
HE2 PLM UA . 23.60 8.32 4.88
HF1 PLM UA . 23.42 9.19 6.99
HF2 PLM UA . 23.16 7.58 7.77
HG1 PLM UA . 21.12 9.05 7.93
HG2 PLM UA . 20.80 7.55 6.96
HG3 PLM UA . 21.04 9.14 6.12
C1 PLM VA . 36.03 7.73 6.94
O2 PLM VA . 35.74 8.12 5.80
C2 PLM VA . 35.02 7.44 8.01
C3 PLM VA . 34.47 8.70 8.65
C4 PLM VA . 33.83 9.64 7.65
C5 PLM VA . 32.97 10.66 8.34
C6 PLM VA . 32.41 11.67 7.35
H21 PLM VA . 35.53 6.82 8.79
H22 PLM VA . 34.18 6.82 7.59
H31 PLM VA . 35.29 9.22 9.20
H32 PLM VA . 33.70 8.40 9.42
H41 PLM VA . 33.22 9.06 6.92
H42 PLM VA . 34.63 10.17 7.07
H51 PLM VA . 33.56 11.20 9.12
H52 PLM VA . 32.12 10.14 8.87
C1 PLM WA . 35.49 1.57 4.49
O2 PLM WA . 35.18 2.76 4.46
C2 PLM WA . 34.55 0.46 4.86
C3 PLM WA . 33.70 0.81 6.07
C4 PLM WA . 32.67 -0.25 6.38
C5 PLM WA . 32.91 -0.85 7.75
C6 PLM WA . 31.84 -1.88 8.10
C7 PLM WA . 32.18 -2.60 9.37
C8 PLM WA . 31.12 -3.63 9.72
C9 PLM WA . 31.63 -5.06 9.59
CA PLM WA . 32.48 -5.45 10.79
CB PLM WA . 33.66 -6.32 10.42
CC PLM WA . 33.27 -7.71 9.96
CD PLM WA . 32.78 -8.59 11.10
CE PLM WA . 32.87 -10.06 10.72
CF PLM WA . 32.17 -10.92 11.75
CG PLM WA . 30.71 -11.10 11.43
H21 PLM WA . 35.18 -0.44 5.10
H22 PLM WA . 33.90 0.20 3.99
H31 PLM WA . 33.19 1.80 5.88
H32 PLM WA . 34.38 0.95 6.95
H41 PLM WA . 32.72 -1.05 5.61
H42 PLM WA . 31.64 0.20 6.34
H51 PLM WA . 32.91 -0.04 8.52
H52 PLM WA . 33.93 -1.34 7.78
H61 PLM WA . 31.75 -2.61 7.25
H62 PLM WA . 30.85 -1.36 8.20
H71 PLM WA . 32.27 -1.87 10.21
H72 PLM WA . 33.18 -3.11 9.28
H81 PLM WA . 30.23 -3.50 9.04
H82 PLM WA . 30.76 -3.46 10.76
H91 PLM WA . 32.23 -5.16 8.65
H92 PLM WA . 30.76 -5.76 9.50
HA1 PLM WA . 31.82 -5.99 11.53
HA2 PLM WA . 32.85 -4.53 11.31
HB1 PLM WA . 34.34 -6.40 11.30
HB2 PLM WA . 34.24 -5.82 9.60
HC1 PLM WA . 34.17 -8.21 9.50
HC2 PLM WA . 32.49 -7.66 9.16
HD1 PLM WA . 31.71 -8.32 11.33
HD2 PLM WA . 33.38 -8.40 12.02
HE1 PLM WA . 33.94 -10.36 10.65
HE2 PLM WA . 32.41 -10.22 9.72
HF1 PLM WA . 32.28 -10.47 12.77
HF2 PLM WA . 32.67 -11.93 11.79
HG1 PLM WA . 30.21 -11.76 12.19
HG2 PLM WA . 30.58 -11.57 10.43
HG3 PLM WA . 30.18 -10.12 11.43
C1 PLM XA . 33.07 11.84 -5.56
O2 PLM XA . 32.43 11.41 -6.52
C2 PLM XA . 32.44 12.34 -4.29
C3 PLM XA . 31.23 11.53 -3.89
C4 PLM XA . 29.92 12.18 -4.34
C5 PLM XA . 28.76 11.26 -4.08
C6 PLM XA . 27.44 12.01 -3.99
C7 PLM XA . 26.29 11.07 -3.73
C8 PLM XA . 25.02 11.82 -3.35
C9 PLM XA . 23.92 10.85 -3.01
CA PLM XA . 22.71 11.56 -2.43
CB PLM XA . 21.63 10.56 -2.04
CC PLM XA . 20.44 11.26 -1.42
CD PLM XA . 19.31 10.29 -1.15
H21 PLM XA . 32.13 13.41 -4.47
H22 PLM XA . 33.19 12.34 -3.46
H31 PLM XA . 31.21 11.40 -2.78
H32 PLM XA . 31.30 10.52 -4.37
H41 PLM XA . 29.97 12.44 -5.42
H42 PLM XA . 29.77 13.14 -3.78
H51 PLM XA . 28.93 10.69 -3.13
H52 PLM XA . 28.69 10.50 -4.90
H61 PLM XA . 27.26 12.57 -4.95
H62 PLM XA . 27.51 12.78 -3.17
H71 PLM XA . 26.57 10.36 -2.92
H72 PLM XA . 26.10 10.45 -4.64
H81 PLM XA . 24.71 12.47 -4.20
H82 PLM XA . 25.23 12.48 -2.46
H91 PLM XA . 24.29 10.08 -2.28
H92 PLM XA . 23.61 10.28 -3.94
HA1 PLM XA . 22.30 12.28 -3.20
HA2 PLM XA . 23.02 12.15 -1.54
HB1 PLM XA . 22.06 9.82 -1.32
HB2 PLM XA . 21.30 9.99 -2.95
HC1 PLM XA . 20.08 12.08 -2.09
HC2 PLM XA . 20.76 11.75 -0.46
C1 PLM YA . 8.50 -2.87 -32.52
O2 PLM YA . 8.78 -3.81 -31.76
C2 PLM YA . 7.10 -2.40 -32.76
C3 PLM YA . 6.44 -1.87 -31.52
C4 PLM YA . 4.97 -2.25 -31.44
C5 PLM YA . 4.31 -1.69 -30.20
C6 PLM YA . 4.41 -2.66 -29.04
C7 PLM YA . 4.10 -2.00 -27.71
C8 PLM YA . 2.66 -1.53 -27.63
C9 PLM YA . 2.56 -0.02 -27.74
CA PLM YA . 1.12 0.45 -27.64
CB PLM YA . 0.85 1.64 -28.54
CC PLM YA . 1.59 2.89 -28.09
CD PLM YA . 1.19 4.09 -28.90
CE PLM YA . 0.37 5.06 -28.09
CF PLM YA . -0.07 6.25 -28.93
CG PLM YA . -0.81 7.26 -28.11
H21 PLM YA . 6.51 -3.27 -33.17
H22 PLM YA . 7.10 -1.60 -33.56
H31 PLM YA . 6.54 -0.76 -31.48
H32 PLM YA . 6.98 -2.28 -30.63
H41 PLM YA . 4.88 -3.37 -31.44
H42 PLM YA . 4.44 -1.87 -32.35
H51 PLM YA . 3.24 -1.48 -30.41
H52 PLM YA . 4.80 -0.73 -29.92
H61 PLM YA . 5.44 -3.11 -29.00
H62 PLM YA . 3.71 -3.52 -29.20
H71 PLM YA . 4.79 -1.12 -27.57
H72 PLM YA . 4.31 -2.71 -26.88
H81 PLM YA . 2.23 -1.85 -26.64
H82 PLM YA . 2.06 -2.01 -28.44
H91 PLM YA . 3.00 0.31 -28.72
H92 PLM YA . 3.16 0.46 -26.92
HA1 PLM YA . 0.89 0.72 -26.58
HA2 PLM YA . 0.43 -0.39 -27.93
HB1 PLM YA . -0.25 1.85 -28.55
HB2 PLM YA . 1.13 1.40 -29.60
HC1 PLM YA . 2.70 2.73 -28.19
HC2 PLM YA . 1.37 3.07 -27.00
HD1 PLM YA . 0.60 3.75 -29.81
HD2 PLM YA . 2.11 4.60 -29.30
HE1 PLM YA . 0.97 5.43 -27.23
HE2 PLM YA . -0.53 4.54 -27.67
HF1 PLM YA . -0.73 5.89 -29.76
HF2 PLM YA . 0.82 6.73 -29.41
HG1 PLM YA . -1.12 8.14 -28.74
HG2 PLM YA . -0.16 7.64 -27.28
HG3 PLM YA . -1.73 6.82 -27.66
#